data_5ESU
#
_entry.id   5ESU
#
_cell.length_a   101.450
_cell.length_b   139.825
_cell.length_c   183.322
_cell.angle_alpha   90.00
_cell.angle_beta   90.00
_cell.angle_gamma   90.00
#
_symmetry.space_group_name_H-M   'P 21 21 21'
#
loop_
_entity.id
_entity.type
_entity.pdbx_description
1 polymer '2-succinyl-5-enolpyruvyl-6-hydroxy-3-cyclohexene-1-carboxylate synthase'
2 non-polymer 'MAGNESIUM ION'
3 non-polymer 'FORMIC ACID'
4 non-polymer '(1~{R},2~{S},5~{S},6~{S})-2-[(1~{S})-1-[3-[(4-azanylidene-2-methyl-1~{H}-pyrimidin-5-yl)methyl]-4-methyl-5-[2-[oxidanyl (phosphonooxy)phosphoryl]oxyethyl]-1,3-thiazol-3-ium-2-yl]-1,4-bis(oxidanyl)-4-oxidanylidene-butyl]-6-oxidanyl-5-(3-oxid anyl-3-oxidanylidene-prop-1-en-2-yl)oxy-cyclohex-3-ene-1-carboxylic acid'
5 non-polymer BETA-MERCAPTOETHANOL
6 water water
#
_entity_poly.entity_id   1
_entity_poly.type   'polypeptide(L)'
_entity_poly.pdbx_seq_one_letter_code
;MGSSHHHHHHSSGLVPRGSHMNPSTTQARVVVDELIRGGVRDVVLCPGSRNAPLAFALQDADRSGRIRLHVRIDERTAGY
LAIGLAIGAGAPVCVAMTSGTAVANLGPAVVEANYARVPLIVLSANRPYELLGTGANQTMEQLGYFGTQVRASISLGLAE
DAPERTSALNATWRSATCRVLAAATGARTANAGPVHFDIPLREPLVPDPEPLGAVTPPGRPAGKPWTYTPPVTFDQPLDI
DLSVDTVVISGHGAGVHPNLAALPTVAEPTAPRSGDNPLHPLALPLLRPQQVIMLGRPTLHRPVSVLLADAEVPVFALTT
GPRWPDVSGNSQATGTRAVTTGAPRPAWLDRCAAMNRHAIAAVREQLAAHPLTTGLHVAAAVSHALRPGDQLVLGASNPV
RDVALAGLDTRGIRVRSNRGVAGIDGTVSTAIGAALAYEGAHERTGSPDSPPRTIALIGDLTFVHDSSGLLIGPTEPIPR
SLTIVVSNDNGGGIFELLEQGDPRFSDVSSRIFGTPHDVDVGALCRAYHVESRQIEVDELGPTLDQPGAGMRVLEVKADR
SSLRQLHAAIKAAL
;
_entity_poly.pdbx_strand_id   A,B,C,D
#
loop_
_chem_comp.id
_chem_comp.type
_chem_comp.name
_chem_comp.formula
BME non-polymer BETA-MERCAPTOETHANOL 'C2 H6 O S'
FMT non-polymer 'FORMIC ACID' 'C H2 O2'
MG non-polymer 'MAGNESIUM ION' 'Mg 2'
TOI non-polymer '(1~{R},2~{S},5~{S},6~{S})-2-[(1~{S})-1-[3-[(4-azanylidene-2-methyl-1~{H}-pyrimidin-5-yl)methyl]-4-methyl-5-[2-[oxidanyl (phosphonooxy)phosphoryl]oxyethyl]-1,3-thiazol-3-ium-2-yl]-1,4-bis(oxidanyl)-4-oxidanylidene-butyl]-6-oxidanyl-5-(3-oxid anyl-3-oxidanylidene-prop-1-en-2-yl)oxy-cyclohex-3-ene-1-carboxylic acid' 'C26 H35 N4 O16 P2 S 1'
#
# COMPACT_ATOMS: atom_id res chain seq x y z
N MET A 21 -22.28 20.58 22.04
CA MET A 21 -21.37 20.62 20.90
C MET A 21 -21.07 19.21 20.39
N ASN A 22 -21.46 18.92 19.16
CA ASN A 22 -21.29 17.59 18.59
C ASN A 22 -19.80 17.28 18.36
N PRO A 23 -19.45 15.98 18.32
CA PRO A 23 -18.05 15.55 18.20
C PRO A 23 -17.31 16.08 16.96
N SER A 24 -17.97 16.08 15.80
CA SER A 24 -17.31 16.53 14.58
C SER A 24 -16.90 18.00 14.66
N THR A 25 -17.78 18.83 15.23
CA THR A 25 -17.49 20.26 15.38
C THR A 25 -16.35 20.48 16.36
N THR A 26 -16.39 19.74 17.47
CA THR A 26 -15.36 19.83 18.49
C THR A 26 -13.99 19.44 17.93
N GLN A 27 -13.93 18.29 17.27
CA GLN A 27 -12.69 17.80 16.70
C GLN A 27 -12.09 18.77 15.70
N ALA A 28 -12.94 19.30 14.81
CA ALA A 28 -12.50 20.24 13.78
C ALA A 28 -11.95 21.53 14.38
N ARG A 29 -12.62 22.05 15.41
CA ARG A 29 -12.21 23.29 16.04
C ARG A 29 -10.89 23.15 16.78
N VAL A 30 -10.66 21.98 17.36
CA VAL A 30 -9.38 21.70 18.02
C VAL A 30 -8.24 21.64 17.00
N VAL A 31 -8.44 20.87 15.93
CA VAL A 31 -7.40 20.69 14.91
C VAL A 31 -7.02 22.02 14.27
N VAL A 32 -8.02 22.79 13.88
CA VAL A 32 -7.79 24.12 13.32
C VAL A 32 -7.00 25.00 14.29
N ASP A 33 -7.39 24.98 15.56
CA ASP A 33 -6.71 25.78 16.57
C ASP A 33 -5.25 25.38 16.72
N GLU A 34 -4.98 24.08 16.72
CA GLU A 34 -3.63 23.58 16.89
C GLU A 34 -2.77 23.88 15.65
N LEU A 35 -3.39 23.82 14.48
CA LEU A 35 -2.69 24.15 13.23
C LEU A 35 -2.25 25.61 13.23
N ILE A 36 -3.12 26.49 13.73
CA ILE A 36 -2.82 27.91 13.82
C ILE A 36 -1.67 28.13 14.82
N ARG A 37 -1.73 27.43 15.94
CA ARG A 37 -0.67 27.46 16.94
C ARG A 37 0.66 26.97 16.38
N GLY A 38 0.59 26.20 15.30
CA GLY A 38 1.78 25.61 14.69
C GLY A 38 2.37 26.44 13.56
N GLY A 39 1.80 27.60 13.29
CA GLY A 39 2.37 28.50 12.30
C GLY A 39 1.64 28.55 10.98
N VAL A 40 0.53 27.83 10.86
CA VAL A 40 -0.29 27.91 9.65
C VAL A 40 -1.01 29.25 9.59
N ARG A 41 -0.73 30.01 8.54
CA ARG A 41 -1.31 31.35 8.39
C ARG A 41 -2.28 31.39 7.22
N ASP A 42 -2.14 30.43 6.31
CA ASP A 42 -3.00 30.36 5.14
C ASP A 42 -3.55 28.96 4.94
N VAL A 43 -4.83 28.86 4.62
CA VAL A 43 -5.47 27.58 4.34
C VAL A 43 -6.27 27.66 3.04
N VAL A 44 -6.08 26.67 2.17
CA VAL A 44 -6.85 26.55 0.94
C VAL A 44 -8.00 25.58 1.16
N LEU A 45 -9.21 25.99 0.77
CA LEU A 45 -10.39 25.16 1.00
C LEU A 45 -11.15 24.89 -0.29
N CYS A 46 -11.64 23.65 -0.43
CA CYS A 46 -12.47 23.30 -1.56
C CYS A 46 -13.81 22.79 -1.06
N PRO A 47 -14.89 23.10 -1.78
CA PRO A 47 -16.23 22.82 -1.28
C PRO A 47 -16.56 21.34 -1.21
N GLY A 48 -17.40 21.00 -0.24
CA GLY A 48 -17.88 19.63 -0.07
C GLY A 48 -18.77 19.60 1.15
N SER A 49 -19.43 18.47 1.37
CA SER A 49 -20.30 18.33 2.53
C SER A 49 -19.59 17.58 3.65
N ARG A 50 -18.81 16.57 3.29
CA ARG A 50 -18.14 15.76 4.29
C ARG A 50 -17.06 16.55 5.04
N ASN A 51 -16.51 17.58 4.39
CA ASN A 51 -15.52 18.43 5.04
C ASN A 51 -16.14 19.70 5.65
N ALA A 52 -17.45 19.67 5.86
CA ALA A 52 -18.15 20.79 6.51
C ALA A 52 -17.59 21.17 7.90
N PRO A 53 -17.27 20.18 8.76
CA PRO A 53 -16.74 20.58 10.07
C PRO A 53 -15.46 21.42 9.95
N LEU A 54 -14.59 21.05 9.01
CA LEU A 54 -13.36 21.81 8.79
C LEU A 54 -13.69 23.19 8.24
N ALA A 55 -14.58 23.24 7.25
CA ALA A 55 -14.94 24.49 6.58
C ALA A 55 -15.51 25.51 7.55
N PHE A 56 -16.38 25.05 8.45
CA PHE A 56 -16.96 25.92 9.47
C PHE A 56 -15.89 26.47 10.41
N ALA A 57 -15.04 25.58 10.92
CA ALA A 57 -13.98 25.97 11.83
C ALA A 57 -12.97 26.90 11.16
N LEU A 58 -12.70 26.67 9.88
CA LEU A 58 -11.76 27.50 9.13
C LEU A 58 -12.35 28.88 8.81
N GLN A 59 -13.64 28.91 8.46
CA GLN A 59 -14.30 30.17 8.15
C GLN A 59 -14.36 31.05 9.41
N ASP A 60 -14.56 30.40 10.55
CA ASP A 60 -14.62 31.11 11.82
C ASP A 60 -13.26 31.70 12.17
N ALA A 61 -12.20 30.96 11.89
CA ALA A 61 -10.85 31.40 12.20
C ALA A 61 -10.42 32.53 11.28
N ASP A 62 -10.90 32.52 10.04
CA ASP A 62 -10.62 33.58 9.10
C ASP A 62 -11.36 34.86 9.52
N ARG A 63 -12.57 34.67 10.03
CA ARG A 63 -13.41 35.76 10.49
C ARG A 63 -12.76 36.51 11.66
N SER A 64 -12.09 35.76 12.54
CA SER A 64 -11.45 36.36 13.71
C SER A 64 -10.02 36.79 13.40
N GLY A 65 -9.61 36.61 12.15
CA GLY A 65 -8.31 37.09 11.69
C GLY A 65 -7.11 36.22 12.00
N ARG A 66 -7.35 35.02 12.51
CA ARG A 66 -6.26 34.14 12.91
C ARG A 66 -5.55 33.52 11.71
N ILE A 67 -6.30 33.27 10.64
CA ILE A 67 -5.73 32.77 9.40
C ILE A 67 -6.38 33.47 8.21
N ARG A 68 -5.81 33.27 7.03
CA ARG A 68 -6.45 33.74 5.81
C ARG A 68 -6.94 32.56 4.99
N LEU A 69 -8.24 32.55 4.73
CA LEU A 69 -8.87 31.45 4.01
C LEU A 69 -8.89 31.73 2.52
N HIS A 70 -8.57 30.72 1.72
CA HIS A 70 -8.63 30.81 0.26
C HIS A 70 -9.48 29.69 -0.30
N VAL A 71 -10.68 30.02 -0.79
CA VAL A 71 -11.58 29.02 -1.34
C VAL A 71 -11.36 28.84 -2.84
N ARG A 72 -11.19 27.58 -3.26
CA ARG A 72 -11.03 27.27 -4.67
C ARG A 72 -11.95 26.13 -5.08
N ILE A 73 -12.23 26.04 -6.37
CA ILE A 73 -13.16 25.05 -6.90
C ILE A 73 -12.43 23.79 -7.37
N ASP A 74 -11.30 23.98 -8.05
CA ASP A 74 -10.54 22.86 -8.59
C ASP A 74 -9.46 22.41 -7.63
N GLU A 75 -9.61 21.22 -7.06
CA GLU A 75 -8.69 20.69 -6.07
C GLU A 75 -7.23 20.60 -6.55
N ARG A 76 -7.04 20.30 -7.83
CA ARG A 76 -5.69 20.14 -8.35
C ARG A 76 -4.90 21.44 -8.32
N THR A 77 -5.47 22.48 -8.91
CA THR A 77 -4.78 23.76 -8.97
C THR A 77 -4.81 24.42 -7.59
N ALA A 78 -5.78 24.01 -6.75
CA ALA A 78 -5.83 24.45 -5.37
C ALA A 78 -4.59 23.99 -4.61
N GLY A 79 -4.07 22.82 -4.98
CA GLY A 79 -2.90 22.28 -4.33
C GLY A 79 -1.66 23.09 -4.67
N TYR A 80 -1.60 23.58 -5.90
CA TYR A 80 -0.48 24.39 -6.34
C TYR A 80 -0.58 25.81 -5.78
N LEU A 81 -1.80 26.28 -5.54
CA LEU A 81 -2.00 27.54 -4.84
C LEU A 81 -1.41 27.44 -3.44
N ALA A 82 -1.63 26.29 -2.81
CA ALA A 82 -1.08 26.01 -1.49
C ALA A 82 0.44 25.94 -1.53
N ILE A 83 0.97 25.42 -2.64
CA ILE A 83 2.42 25.37 -2.82
C ILE A 83 2.98 26.78 -2.89
N GLY A 84 2.34 27.63 -3.68
CA GLY A 84 2.72 29.03 -3.78
C GLY A 84 2.66 29.73 -2.43
N LEU A 85 1.54 29.55 -1.72
CA LEU A 85 1.37 30.14 -0.39
C LEU A 85 2.45 29.69 0.59
N ALA A 86 3.05 28.53 0.32
CA ALA A 86 4.06 27.99 1.21
C ALA A 86 5.47 28.50 0.88
N ILE A 87 5.78 28.62 -0.41
CA ILE A 87 7.13 29.00 -0.80
C ILE A 87 7.32 30.51 -0.84
N GLY A 88 6.22 31.25 -0.85
CA GLY A 88 6.28 32.70 -0.83
C GLY A 88 6.83 33.30 0.45
N ALA A 89 6.78 32.53 1.54
CA ALA A 89 7.24 33.04 2.83
C ALA A 89 7.85 31.94 3.71
N GLY A 90 7.67 30.68 3.33
CA GLY A 90 8.29 29.57 4.03
C GLY A 90 7.48 29.00 5.19
N ALA A 91 6.16 29.19 5.15
CA ALA A 91 5.30 28.70 6.22
C ALA A 91 4.53 27.45 5.79
N PRO A 92 4.17 26.60 6.76
CA PRO A 92 3.31 25.45 6.45
C PRO A 92 1.92 25.90 5.99
N VAL A 93 1.38 25.24 4.97
CA VAL A 93 0.08 25.60 4.43
C VAL A 93 -0.78 24.34 4.28
N CYS A 94 -2.04 24.45 4.71
CA CYS A 94 -2.98 23.35 4.57
C CYS A 94 -3.89 23.54 3.38
N VAL A 95 -4.27 22.44 2.76
CA VAL A 95 -5.36 22.45 1.79
C VAL A 95 -6.39 21.43 2.26
N ALA A 96 -7.64 21.85 2.35
CA ALA A 96 -8.70 21.01 2.87
C ALA A 96 -9.75 20.72 1.82
N MET A 97 -10.16 19.47 1.70
CA MET A 97 -11.18 19.10 0.73
C MET A 97 -12.04 17.96 1.24
N THR A 98 -13.06 17.59 0.47
CA THR A 98 -13.97 16.53 0.86
C THR A 98 -13.44 15.17 0.40
N SER A 99 -14.20 14.11 0.67
CA SER A 99 -13.75 12.75 0.36
C SER A 99 -13.88 12.43 -1.12
N GLY A 100 -13.16 11.41 -1.57
CA GLY A 100 -13.27 10.94 -2.95
C GLY A 100 -12.17 11.46 -3.87
N THR A 101 -12.51 11.69 -5.13
CA THR A 101 -11.51 12.14 -6.11
C THR A 101 -10.97 13.52 -5.79
N ALA A 102 -11.66 14.27 -4.94
CA ALA A 102 -11.16 15.55 -4.48
C ALA A 102 -9.78 15.37 -3.88
N VAL A 103 -9.62 14.30 -3.09
CA VAL A 103 -8.34 13.97 -2.49
C VAL A 103 -7.32 13.52 -3.56
N ALA A 104 -7.80 12.71 -4.50
CA ALA A 104 -6.94 12.20 -5.56
C ALA A 104 -6.37 13.31 -6.43
N ASN A 105 -7.12 14.41 -6.56
CA ASN A 105 -6.68 15.52 -7.38
C ASN A 105 -5.50 16.29 -6.78
N LEU A 106 -5.16 15.97 -5.53
CA LEU A 106 -4.02 16.59 -4.88
C LEU A 106 -2.71 15.87 -5.23
N GLY A 107 -2.84 14.76 -5.95
CA GLY A 107 -1.70 13.96 -6.38
C GLY A 107 -0.55 14.71 -7.03
N PRO A 108 -0.83 15.48 -8.09
CA PRO A 108 0.25 16.24 -8.76
C PRO A 108 0.96 17.21 -7.83
N ALA A 109 0.21 17.93 -7.01
CA ALA A 109 0.81 18.91 -6.11
C ALA A 109 1.65 18.24 -5.04
N VAL A 110 1.19 17.09 -4.56
CA VAL A 110 1.91 16.34 -3.54
C VAL A 110 3.26 15.86 -4.06
N VAL A 111 3.29 15.38 -5.30
CA VAL A 111 4.53 14.93 -5.93
C VAL A 111 5.51 16.09 -6.04
N GLU A 112 5.04 17.23 -6.55
CA GLU A 112 5.85 18.43 -6.66
C GLU A 112 6.36 18.87 -5.29
N ALA A 113 5.47 18.84 -4.29
CA ALA A 113 5.84 19.21 -2.93
C ALA A 113 6.91 18.28 -2.36
N ASN A 114 6.79 16.99 -2.68
CA ASN A 114 7.77 16.00 -2.23
C ASN A 114 9.19 16.33 -2.68
N TYR A 115 9.36 16.56 -3.98
CA TYR A 115 10.70 16.74 -4.53
C TYR A 115 11.22 18.17 -4.38
N ALA A 116 10.33 19.12 -4.16
CA ALA A 116 10.74 20.50 -3.90
C ALA A 116 10.80 20.77 -2.40
N ARG A 117 10.43 19.76 -1.61
CA ARG A 117 10.47 19.84 -0.15
C ARG A 117 9.63 21.00 0.38
N VAL A 118 8.35 20.99 0.03
CA VAL A 118 7.41 22.04 0.40
C VAL A 118 6.47 21.55 1.50
N PRO A 119 6.39 22.30 2.62
CA PRO A 119 5.51 21.93 3.74
C PRO A 119 4.03 22.03 3.40
N LEU A 120 3.53 21.05 2.65
CA LEU A 120 2.14 21.03 2.22
C LEU A 120 1.32 20.00 3.00
N ILE A 121 0.30 20.47 3.71
CA ILE A 121 -0.55 19.56 4.48
C ILE A 121 -1.87 19.30 3.76
N VAL A 122 -2.08 18.05 3.36
CA VAL A 122 -3.34 17.66 2.72
C VAL A 122 -4.33 17.23 3.78
N LEU A 123 -5.26 18.14 4.11
CA LEU A 123 -6.22 17.94 5.18
C LEU A 123 -7.53 17.41 4.62
N SER A 124 -7.62 16.08 4.45
CA SER A 124 -8.77 15.50 3.79
C SER A 124 -9.82 14.97 4.77
N ALA A 125 -11.07 15.31 4.51
CA ALA A 125 -12.18 14.72 5.27
C ALA A 125 -12.55 13.40 4.64
N ASN A 126 -13.10 12.50 5.45
CA ASN A 126 -13.42 11.16 5.00
C ASN A 126 -14.69 10.64 5.65
N ARG A 127 -15.34 9.70 5.00
CA ARG A 127 -16.34 8.88 5.65
C ARG A 127 -15.60 8.04 6.70
N PRO A 128 -16.32 7.58 7.74
CA PRO A 128 -15.71 6.64 8.68
C PRO A 128 -15.12 5.43 7.95
N TYR A 129 -14.01 4.91 8.43
CA TYR A 129 -13.31 3.84 7.73
C TYR A 129 -14.12 2.54 7.66
N GLU A 130 -15.08 2.39 8.57
CA GLU A 130 -15.91 1.19 8.59
C GLU A 130 -16.89 1.17 7.43
N LEU A 131 -17.02 2.29 6.74
CA LEU A 131 -17.90 2.38 5.57
C LEU A 131 -17.16 1.93 4.31
N LEU A 132 -15.85 1.75 4.43
CA LEU A 132 -15.01 1.29 3.31
C LEU A 132 -15.45 -0.10 2.85
N GLY A 133 -15.69 -0.24 1.55
CA GLY A 133 -16.09 -1.50 0.97
C GLY A 133 -17.58 -1.79 1.09
N THR A 134 -18.34 -0.83 1.59
CA THR A 134 -19.78 -1.03 1.81
C THR A 134 -20.63 -0.50 0.66
N GLY A 135 -19.99 0.16 -0.31
CA GLY A 135 -20.70 0.74 -1.43
C GLY A 135 -21.16 2.15 -1.18
N ALA A 136 -20.80 2.70 -0.02
CA ALA A 136 -21.19 4.06 0.34
C ALA A 136 -20.74 5.08 -0.70
N ASN A 137 -21.56 6.10 -0.91
CA ASN A 137 -21.28 7.13 -1.90
C ASN A 137 -19.98 7.88 -1.62
N GLN A 138 -19.22 8.16 -2.67
CA GLN A 138 -18.07 9.05 -2.60
C GLN A 138 -17.03 8.59 -1.57
N THR A 139 -16.81 7.28 -1.52
CA THR A 139 -15.89 6.71 -0.54
C THR A 139 -14.86 5.82 -1.21
N MET A 140 -13.59 6.07 -0.92
CA MET A 140 -12.50 5.34 -1.54
C MET A 140 -11.38 5.09 -0.54
N GLU A 141 -10.36 4.34 -0.96
CA GLU A 141 -9.18 4.12 -0.14
C GLU A 141 -8.33 5.39 -0.10
N GLN A 142 -8.56 6.22 0.91
CA GLN A 142 -7.87 7.52 1.02
C GLN A 142 -6.56 7.43 1.77
N LEU A 143 -6.59 6.81 2.95
CA LEU A 143 -5.38 6.66 3.74
C LEU A 143 -4.39 5.77 3.00
N GLY A 144 -3.20 6.31 2.73
CA GLY A 144 -2.18 5.58 2.00
C GLY A 144 -2.20 5.83 0.50
N TYR A 145 -3.15 6.65 0.05
CA TYR A 145 -3.31 6.93 -1.39
C TYR A 145 -2.04 7.49 -2.02
N PHE A 146 -1.33 8.34 -1.27
CA PHE A 146 -0.17 9.04 -1.81
C PHE A 146 1.10 8.21 -1.68
N GLY A 147 0.99 7.06 -1.02
CA GLY A 147 2.10 6.14 -0.89
C GLY A 147 3.33 6.76 -0.26
N THR A 148 4.45 6.65 -0.96
CA THR A 148 5.74 7.09 -0.43
C THR A 148 6.06 8.54 -0.75
N GLN A 149 5.13 9.25 -1.40
CA GLN A 149 5.36 10.64 -1.77
C GLN A 149 5.25 11.60 -0.56
N VAL A 150 4.53 11.18 0.47
CA VAL A 150 4.35 12.02 1.65
C VAL A 150 5.33 11.67 2.77
N ARG A 151 5.61 12.66 3.62
CA ARG A 151 6.50 12.47 4.77
C ARG A 151 5.83 11.60 5.82
N ALA A 152 4.49 11.61 5.82
CA ALA A 152 3.72 10.82 6.76
C ALA A 152 2.26 10.76 6.34
N SER A 153 1.61 9.64 6.64
CA SER A 153 0.16 9.52 6.51
C SER A 153 -0.42 9.33 7.91
N ILE A 154 -1.11 10.35 8.39
CA ILE A 154 -1.63 10.31 9.75
C ILE A 154 -3.14 10.45 9.76
N SER A 155 -3.79 9.54 10.47
CA SER A 155 -5.24 9.57 10.60
C SER A 155 -5.65 9.87 12.03
N LEU A 156 -6.59 10.81 12.18
CA LEU A 156 -7.27 10.97 13.46
C LEU A 156 -8.26 9.83 13.64
N GLY A 157 -8.63 9.54 14.87
CA GLY A 157 -9.69 8.59 15.09
C GLY A 157 -11.01 9.24 14.75
N LEU A 158 -12.06 8.43 14.60
CA LEU A 158 -13.41 8.96 14.52
C LEU A 158 -13.75 9.56 15.89
N ALA A 159 -14.31 10.76 15.91
CA ALA A 159 -14.60 11.44 17.17
C ALA A 159 -15.69 10.70 17.95
N GLU A 160 -15.39 10.40 19.21
CA GLU A 160 -16.31 9.62 20.04
C GLU A 160 -17.33 10.49 20.76
N ASP A 161 -18.54 9.97 20.92
CA ASP A 161 -19.55 10.63 21.72
C ASP A 161 -19.36 10.25 23.19
N ALA A 162 -18.38 10.87 23.84
CA ALA A 162 -18.01 10.49 25.19
C ALA A 162 -17.36 11.65 25.95
N PRO A 163 -18.18 12.45 26.65
CA PRO A 163 -17.77 13.65 27.39
C PRO A 163 -16.68 13.40 28.43
N GLU A 164 -16.64 12.20 28.98
CA GLU A 164 -15.61 11.84 29.95
C GLU A 164 -14.23 11.80 29.28
N ARG A 165 -14.19 11.36 28.04
CA ARG A 165 -12.95 11.22 27.30
C ARG A 165 -12.50 12.51 26.62
N THR A 166 -13.28 13.58 26.81
CA THR A 166 -13.03 14.85 26.14
C THR A 166 -11.61 15.38 26.34
N SER A 167 -11.12 15.30 27.58
CA SER A 167 -9.79 15.78 27.90
C SER A 167 -8.70 14.92 27.26
N ALA A 168 -8.89 13.62 27.27
CA ALA A 168 -7.92 12.69 26.71
C ALA A 168 -7.88 12.82 25.18
N LEU A 169 -9.04 13.05 24.59
CA LEU A 169 -9.16 13.19 23.14
C LEU A 169 -8.52 14.49 22.67
N ASN A 170 -8.64 15.55 23.46
CA ASN A 170 -8.02 16.83 23.13
C ASN A 170 -6.50 16.70 23.04
N ALA A 171 -5.92 15.94 23.97
CA ALA A 171 -4.49 15.69 23.98
C ALA A 171 -4.04 14.93 22.72
N THR A 172 -4.75 13.84 22.41
CA THR A 172 -4.37 13.02 21.26
C THR A 172 -4.56 13.76 19.94
N TRP A 173 -5.64 14.52 19.82
CA TRP A 173 -5.89 15.30 18.62
C TRP A 173 -4.80 16.33 18.38
N ARG A 174 -4.44 17.07 19.43
CA ARG A 174 -3.44 18.12 19.32
C ARG A 174 -2.05 17.54 19.12
N SER A 175 -1.81 16.38 19.72
CA SER A 175 -0.54 15.68 19.54
C SER A 175 -0.36 15.25 18.09
N ALA A 176 -1.38 14.62 17.53
CA ALA A 176 -1.34 14.15 16.15
C ALA A 176 -1.17 15.32 15.18
N THR A 177 -1.84 16.44 15.47
CA THR A 177 -1.71 17.65 14.66
C THR A 177 -0.27 18.16 14.68
N CYS A 178 0.38 18.03 15.84
CA CYS A 178 1.77 18.45 15.97
C CYS A 178 2.70 17.50 15.23
N ARG A 179 2.37 16.21 15.24
CA ARG A 179 3.12 15.23 14.46
C ARG A 179 3.06 15.57 12.98
N VAL A 180 1.89 16.01 12.53
CA VAL A 180 1.68 16.41 11.15
C VAL A 180 2.56 17.59 10.77
N LEU A 181 2.54 18.62 11.63
CA LEU A 181 3.30 19.84 11.38
C LEU A 181 4.81 19.57 11.40
N ALA A 182 5.26 18.78 12.35
CA ALA A 182 6.68 18.44 12.47
C ALA A 182 7.19 17.75 11.21
N ALA A 183 6.43 16.78 10.73
CA ALA A 183 6.81 16.02 9.54
C ALA A 183 6.79 16.92 8.31
N ALA A 184 5.84 17.84 8.26
CA ALA A 184 5.69 18.71 7.10
C ALA A 184 6.79 19.76 7.02
N THR A 185 7.16 20.32 8.16
CA THR A 185 8.18 21.36 8.19
C THR A 185 9.58 20.76 8.30
N GLY A 186 9.64 19.47 8.61
CA GLY A 186 10.91 18.78 8.80
C GLY A 186 11.59 19.17 10.10
N ALA A 187 10.77 19.51 11.11
CA ALA A 187 11.28 19.99 12.38
C ALA A 187 12.29 19.04 13.03
N ARG A 188 12.14 17.74 12.76
CA ARG A 188 13.06 16.74 13.32
C ARG A 188 13.92 16.10 12.23
N THR A 189 13.48 16.17 10.98
CA THR A 189 14.17 15.47 9.89
C THR A 189 15.02 16.39 9.03
N ALA A 190 14.76 17.70 9.13
CA ALA A 190 15.35 18.69 8.24
C ALA A 190 15.02 18.41 6.78
N ASN A 191 13.94 17.65 6.55
CA ASN A 191 13.47 17.35 5.21
C ASN A 191 11.98 17.61 5.08
N ALA A 192 11.62 18.88 4.86
CA ALA A 192 10.22 19.27 4.75
C ALA A 192 9.57 18.62 3.54
N GLY A 193 8.24 18.56 3.54
CA GLY A 193 7.51 17.91 2.47
C GLY A 193 6.04 17.77 2.77
N PRO A 194 5.30 17.09 1.87
CA PRO A 194 3.85 16.96 2.03
C PRO A 194 3.47 15.90 3.07
N VAL A 195 2.39 16.15 3.79
CA VAL A 195 1.84 15.20 4.74
C VAL A 195 0.36 15.00 4.44
N HIS A 196 -0.09 13.74 4.49
CA HIS A 196 -1.51 13.46 4.36
C HIS A 196 -2.15 13.35 5.74
N PHE A 197 -3.10 14.24 6.03
CA PHE A 197 -3.78 14.27 7.32
C PHE A 197 -5.25 13.94 7.10
N ASP A 198 -5.60 12.67 7.20
CA ASP A 198 -6.96 12.20 6.91
C ASP A 198 -7.84 12.22 8.17
N ILE A 199 -9.03 12.78 8.06
CA ILE A 199 -9.91 12.93 9.21
C ILE A 199 -11.30 12.35 8.92
N PRO A 200 -11.57 11.15 9.44
CA PRO A 200 -12.90 10.53 9.27
C PRO A 200 -13.95 11.28 10.06
N LEU A 201 -15.08 11.57 9.43
CA LEU A 201 -16.13 12.36 10.05
C LEU A 201 -17.50 11.77 9.79
N ARG A 202 -18.38 11.83 10.80
CA ARG A 202 -19.76 11.36 10.63
C ARG A 202 -20.76 12.35 11.21
N GLU A 203 -22.03 12.20 10.79
CA GLU A 203 -23.11 13.08 11.19
C GLU A 203 -23.28 13.13 12.71
N PRO A 204 -23.64 14.30 13.25
CA PRO A 204 -23.89 15.56 12.52
C PRO A 204 -22.60 16.28 12.11
N LEU A 205 -22.63 16.93 10.95
CA LEU A 205 -21.44 17.53 10.37
C LEU A 205 -21.42 19.05 10.51
N VAL A 206 -22.55 19.62 10.93
CA VAL A 206 -22.65 21.06 11.14
C VAL A 206 -22.79 21.36 12.63
N PRO A 207 -22.38 22.58 13.04
CA PRO A 207 -22.49 22.97 14.45
C PRO A 207 -23.92 22.97 15.00
N ASP A 208 -24.06 22.55 16.26
CA ASP A 208 -25.35 22.60 16.93
C ASP A 208 -25.80 24.04 17.13
N PRO A 209 -27.12 24.26 17.28
CA PRO A 209 -27.59 25.57 17.75
C PRO A 209 -26.99 25.87 19.11
N GLU A 210 -26.32 27.01 19.26
CA GLU A 210 -25.52 27.23 20.45
C GLU A 210 -25.64 28.63 21.05
N PRO A 211 -26.51 28.77 22.07
CA PRO A 211 -26.38 29.89 23.00
C PRO A 211 -25.27 29.68 24.04
N VAL A 215 -18.05 25.01 24.39
CA VAL A 215 -16.71 25.61 24.47
C VAL A 215 -15.63 24.61 24.02
N THR A 216 -14.76 25.07 23.14
CA THR A 216 -13.66 24.25 22.64
C THR A 216 -12.64 23.97 23.74
N PRO A 217 -12.27 22.70 23.93
CA PRO A 217 -11.18 22.34 24.86
C PRO A 217 -9.89 23.06 24.48
N PRO A 218 -9.29 23.77 25.45
CA PRO A 218 -8.15 24.66 25.19
C PRO A 218 -6.86 23.92 24.90
N GLY A 219 -5.93 24.62 24.25
CA GLY A 219 -4.58 24.11 24.06
C GLY A 219 -3.70 24.58 25.21
N ARG A 220 -2.40 24.60 24.99
CA ARG A 220 -1.45 25.08 25.99
C ARG A 220 -1.68 26.56 26.26
N PRO A 221 -1.30 27.02 27.47
CA PRO A 221 -1.35 28.45 27.78
C PRO A 221 -0.41 29.27 26.89
N ALA A 222 -0.75 30.54 26.69
CA ALA A 222 0.07 31.48 25.92
C ALA A 222 0.23 31.09 24.45
N GLY A 223 -0.74 30.37 23.91
CA GLY A 223 -0.79 30.08 22.48
C GLY A 223 0.27 29.13 21.96
N LYS A 224 0.90 28.40 22.87
CA LYS A 224 1.95 27.45 22.51
C LYS A 224 1.40 26.23 21.77
N PRO A 225 2.24 25.60 20.94
CA PRO A 225 1.90 24.28 20.38
C PRO A 225 1.78 23.25 21.50
N TRP A 226 0.85 22.31 21.36
CA TRP A 226 0.62 21.29 22.38
C TRP A 226 1.90 20.52 22.69
N THR A 227 2.59 20.10 21.65
CA THR A 227 3.91 19.50 21.79
C THR A 227 4.93 20.35 21.04
N TYR A 228 5.76 21.07 21.76
CA TYR A 228 6.71 21.97 21.12
C TYR A 228 7.94 21.24 20.59
N THR A 229 8.16 21.35 19.28
CA THR A 229 9.32 20.76 18.65
C THR A 229 10.03 21.82 17.81
N PRO A 230 11.17 22.32 18.30
CA PRO A 230 11.94 23.38 17.62
C PRO A 230 12.61 22.88 16.34
N PRO A 231 12.83 23.80 15.37
CA PRO A 231 13.50 23.45 14.11
C PRO A 231 14.90 22.88 14.35
N VAL A 232 15.11 21.64 13.93
CA VAL A 232 16.40 20.98 14.14
C VAL A 232 17.53 21.69 13.40
N THR A 233 18.71 21.67 14.00
CA THR A 233 19.92 22.07 13.29
C THR A 233 20.63 20.83 12.77
N PHE A 234 20.56 20.62 11.46
CA PHE A 234 21.19 19.46 10.82
C PHE A 234 22.56 19.86 10.30
N ASP A 235 23.60 19.23 10.85
CA ASP A 235 24.96 19.64 10.54
C ASP A 235 25.86 18.47 10.15
N GLN A 236 26.62 18.66 9.07
CA GLN A 236 27.54 17.66 8.57
C GLN A 236 28.68 18.36 7.83
N PRO A 237 29.77 18.68 8.55
CA PRO A 237 30.90 19.40 7.96
C PRO A 237 31.72 18.52 7.04
N LEU A 238 32.26 19.09 5.96
CA LEU A 238 33.05 18.33 5.01
C LEU A 238 34.31 19.10 4.58
N ASP A 239 35.45 18.42 4.60
CA ASP A 239 36.72 19.02 4.21
C ASP A 239 36.83 19.17 2.70
N ILE A 240 37.13 20.38 2.24
CA ILE A 240 37.36 20.64 0.82
C ILE A 240 38.55 21.58 0.60
N ASP A 241 39.48 21.15 -0.25
CA ASP A 241 40.66 21.96 -0.59
C ASP A 241 40.36 22.86 -1.78
N LEU A 242 40.37 24.17 -1.56
CA LEU A 242 39.96 25.13 -2.59
C LEU A 242 41.06 25.50 -3.58
N SER A 243 42.31 25.14 -3.26
CA SER A 243 43.43 25.44 -4.14
C SER A 243 43.28 24.68 -5.45
N VAL A 244 42.59 23.54 -5.39
CA VAL A 244 42.23 22.78 -6.57
C VAL A 244 41.22 23.59 -7.39
N ASP A 245 41.38 23.62 -8.71
CA ASP A 245 40.50 24.40 -9.58
C ASP A 245 39.05 23.97 -9.42
N THR A 246 38.24 24.87 -8.87
CA THR A 246 36.89 24.53 -8.44
C THR A 246 35.82 25.39 -9.10
N VAL A 247 34.72 24.74 -9.51
CA VAL A 247 33.52 25.46 -9.89
C VAL A 247 32.38 25.05 -8.96
N VAL A 248 31.53 26.01 -8.60
CA VAL A 248 30.37 25.73 -7.78
C VAL A 248 29.12 25.68 -8.64
N ILE A 249 28.38 24.59 -8.55
CA ILE A 249 27.11 24.47 -9.24
C ILE A 249 25.97 24.37 -8.22
N SER A 250 25.10 25.36 -8.22
CA SER A 250 24.02 25.40 -7.22
C SER A 250 22.65 25.29 -7.87
N GLY A 251 21.84 24.38 -7.35
CA GLY A 251 20.51 24.14 -7.88
C GLY A 251 19.42 24.45 -6.87
N HIS A 252 18.24 23.91 -7.12
CA HIS A 252 17.08 24.13 -6.27
C HIS A 252 17.32 23.66 -4.84
N GLY A 253 16.96 24.50 -3.87
CA GLY A 253 17.08 24.16 -2.47
C GLY A 253 18.48 24.31 -1.90
N ALA A 254 19.38 24.90 -2.67
CA ALA A 254 20.75 25.11 -2.22
C ALA A 254 20.81 26.04 -1.02
N GLY A 255 21.82 25.83 -0.16
CA GLY A 255 22.02 26.68 1.00
C GLY A 255 22.93 27.85 0.70
N VAL A 256 23.23 28.63 1.74
CA VAL A 256 24.14 29.76 1.61
C VAL A 256 25.49 29.44 2.22
N HIS A 257 26.57 29.68 1.48
CA HIS A 257 27.91 29.36 1.94
C HIS A 257 28.86 30.53 1.73
N PRO A 258 29.01 31.39 2.76
CA PRO A 258 29.89 32.56 2.70
C PRO A 258 31.34 32.19 2.38
N ASN A 259 31.80 31.04 2.82
CA ASN A 259 33.18 30.62 2.60
C ASN A 259 33.42 30.07 1.20
N LEU A 260 32.40 30.14 0.35
CA LEU A 260 32.50 29.69 -1.04
C LEU A 260 32.11 30.81 -1.99
N ALA A 261 31.93 32.01 -1.44
CA ALA A 261 31.40 33.15 -2.19
C ALA A 261 32.30 33.61 -3.34
N ALA A 262 33.60 33.37 -3.22
CA ALA A 262 34.56 33.88 -4.21
C ALA A 262 34.69 32.95 -5.41
N LEU A 263 34.34 31.68 -5.24
CA LEU A 263 34.47 30.69 -6.30
C LEU A 263 33.55 30.98 -7.47
N PRO A 264 33.98 30.58 -8.69
CA PRO A 264 33.11 30.67 -9.86
C PRO A 264 31.86 29.82 -9.65
N THR A 265 30.68 30.42 -9.82
CA THR A 265 29.45 29.76 -9.44
C THR A 265 28.40 29.75 -10.56
N VAL A 266 28.06 28.55 -11.02
CA VAL A 266 26.96 28.38 -11.97
C VAL A 266 25.68 28.15 -11.16
N ALA A 267 24.84 29.19 -11.09
CA ALA A 267 23.68 29.15 -10.21
C ALA A 267 22.36 29.16 -10.97
N GLU A 268 21.51 28.18 -10.67
CA GLU A 268 20.14 28.19 -11.17
C GLU A 268 19.42 29.39 -10.58
N PRO A 269 18.43 29.93 -11.31
CA PRO A 269 17.69 31.11 -10.87
C PRO A 269 17.08 30.98 -9.48
N THR A 270 16.67 29.77 -9.09
CA THR A 270 16.03 29.55 -7.80
C THR A 270 17.04 29.35 -6.68
N ALA A 271 18.32 29.23 -7.04
CA ALA A 271 19.36 29.10 -6.03
C ALA A 271 19.65 30.46 -5.41
N PRO A 272 19.86 30.49 -4.08
CA PRO A 272 20.32 31.73 -3.45
C PRO A 272 21.81 31.93 -3.70
N ARG A 273 22.20 33.15 -4.08
CA ARG A 273 23.60 33.46 -4.34
C ARG A 273 24.38 33.58 -3.04
N SER A 274 25.57 32.97 -3.01
CA SER A 274 26.42 33.05 -1.83
C SER A 274 27.36 34.25 -1.91
N GLY A 275 27.65 34.68 -3.13
CA GLY A 275 28.56 35.81 -3.34
C GLY A 275 28.38 36.46 -4.70
N ASP A 276 29.49 36.95 -5.26
CA ASP A 276 29.45 37.57 -6.56
C ASP A 276 30.67 37.18 -7.40
N ASN A 277 30.60 35.98 -7.95
CA ASN A 277 31.52 35.55 -9.00
C ASN A 277 30.76 34.63 -9.95
N PRO A 278 29.80 35.19 -10.68
CA PRO A 278 28.92 34.37 -11.52
C PRO A 278 29.65 33.75 -12.68
N LEU A 279 29.30 32.52 -13.01
CA LEU A 279 29.80 31.87 -14.21
C LEU A 279 28.61 31.43 -15.04
N HIS A 280 28.50 31.97 -16.25
CA HIS A 280 27.40 31.66 -17.15
C HIS A 280 27.40 30.16 -17.49
N PRO A 281 26.20 29.54 -17.52
CA PRO A 281 26.04 28.12 -17.84
C PRO A 281 26.74 27.71 -19.13
N LEU A 282 26.72 28.57 -20.14
CA LEU A 282 27.34 28.27 -21.42
C LEU A 282 28.86 28.25 -21.34
N ALA A 283 29.40 28.95 -20.35
CA ALA A 283 30.84 29.04 -20.18
C ALA A 283 31.42 27.74 -19.62
N LEU A 284 30.62 27.05 -18.83
CA LEU A 284 31.06 25.85 -18.12
C LEU A 284 31.64 24.74 -19.01
N PRO A 285 30.99 24.38 -20.13
CA PRO A 285 31.59 23.33 -20.95
C PRO A 285 32.88 23.74 -21.67
N LEU A 286 33.21 25.02 -21.63
CA LEU A 286 34.43 25.51 -22.26
C LEU A 286 35.58 25.58 -21.27
N LEU A 287 35.33 25.12 -20.05
CA LEU A 287 36.34 25.13 -19.00
C LEU A 287 36.62 23.72 -18.50
N ARG A 288 37.72 23.55 -17.77
CA ARG A 288 38.08 22.25 -17.23
C ARG A 288 38.37 22.30 -15.74
N PRO A 289 37.32 22.37 -14.92
CA PRO A 289 37.47 22.35 -13.46
C PRO A 289 38.01 21.00 -12.97
N GLN A 290 38.85 21.02 -11.95
CA GLN A 290 39.41 19.76 -11.46
CA GLN A 290 39.45 19.81 -11.40
C GLN A 290 38.55 19.17 -10.35
N GLN A 291 37.54 19.92 -9.92
CA GLN A 291 36.57 19.42 -8.95
C GLN A 291 35.33 20.31 -8.94
N VAL A 292 34.21 19.75 -8.50
CA VAL A 292 32.95 20.47 -8.48
C VAL A 292 32.29 20.44 -7.11
N ILE A 293 31.81 21.60 -6.66
CA ILE A 293 30.99 21.67 -5.45
C ILE A 293 29.53 21.85 -5.86
N MET A 294 28.72 20.84 -5.57
CA MET A 294 27.31 20.86 -5.95
C MET A 294 26.43 21.27 -4.75
N LEU A 295 25.70 22.37 -4.91
CA LEU A 295 24.79 22.84 -3.87
C LEU A 295 23.34 22.55 -4.25
N GLY A 296 22.58 22.03 -3.29
CA GLY A 296 21.18 21.73 -3.53
C GLY A 296 20.98 20.69 -4.60
N ARG A 297 19.95 20.87 -5.42
CA ARG A 297 19.55 19.87 -6.42
C ARG A 297 19.49 20.50 -7.81
N PRO A 298 20.61 20.43 -8.56
CA PRO A 298 20.68 21.03 -9.90
C PRO A 298 20.10 20.13 -11.00
N THR A 299 19.00 20.57 -11.60
CA THR A 299 18.34 19.80 -12.65
C THR A 299 18.33 20.53 -13.99
N LEU A 300 18.56 21.84 -13.94
CA LEU A 300 18.26 22.73 -15.05
C LEU A 300 19.07 22.49 -16.33
N HIS A 301 20.38 22.68 -16.26
CA HIS A 301 21.21 22.78 -17.45
C HIS A 301 21.78 21.44 -17.94
N ARG A 302 21.72 21.26 -19.26
CA ARG A 302 22.34 20.10 -19.92
C ARG A 302 23.87 20.11 -19.89
N PRO A 303 24.52 21.28 -20.06
CA PRO A 303 25.97 21.25 -19.88
C PRO A 303 26.39 20.90 -18.46
N VAL A 304 25.56 21.28 -17.49
CA VAL A 304 25.75 20.87 -16.10
C VAL A 304 25.54 19.36 -16.00
N SER A 305 24.51 18.87 -16.69
CA SER A 305 24.23 17.44 -16.74
C SER A 305 25.38 16.68 -17.40
N VAL A 306 25.90 17.22 -18.49
CA VAL A 306 27.03 16.62 -19.21
C VAL A 306 28.26 16.51 -18.33
N LEU A 307 28.56 17.58 -17.60
CA LEU A 307 29.75 17.62 -16.74
C LEU A 307 29.64 16.68 -15.55
N LEU A 308 28.48 16.70 -14.89
CA LEU A 308 28.23 15.79 -13.79
C LEU A 308 28.18 14.34 -14.27
N ALA A 309 27.88 14.17 -15.56
CA ALA A 309 27.79 12.85 -16.15
C ALA A 309 29.15 12.17 -16.27
N ASP A 310 30.22 12.91 -16.58
CA ASP A 310 31.54 12.28 -16.76
C ASP A 310 32.12 12.04 -15.35
N ALA A 311 32.48 10.79 -15.08
CA ALA A 311 32.86 10.39 -13.72
C ALA A 311 34.31 10.70 -13.32
N GLU A 312 35.02 11.44 -14.18
CA GLU A 312 36.42 11.74 -13.88
C GLU A 312 36.57 12.88 -12.87
N VAL A 313 35.69 13.87 -12.97
CA VAL A 313 35.76 15.03 -12.09
C VAL A 313 35.07 14.78 -10.74
N PRO A 314 35.82 14.91 -9.64
CA PRO A 314 35.31 14.72 -8.28
C PRO A 314 34.23 15.74 -7.92
N VAL A 315 33.10 15.26 -7.40
CA VAL A 315 32.01 16.15 -7.02
C VAL A 315 31.75 16.07 -5.52
N PHE A 316 31.57 17.23 -4.89
CA PHE A 316 31.22 17.30 -3.48
C PHE A 316 29.82 17.88 -3.33
N ALA A 317 28.96 17.15 -2.61
CA ALA A 317 27.55 17.52 -2.51
C ALA A 317 27.22 18.19 -1.18
N LEU A 318 26.78 19.44 -1.24
CA LEU A 318 26.38 20.18 -0.05
C LEU A 318 24.89 20.49 -0.07
N THR A 319 24.17 19.95 0.90
CA THR A 319 22.71 20.06 0.94
C THR A 319 22.22 20.52 2.32
N THR A 320 21.06 21.14 2.35
CA THR A 320 20.50 21.64 3.60
C THR A 320 19.86 20.51 4.40
N GLY A 321 19.51 19.43 3.71
CA GLY A 321 18.88 18.28 4.35
C GLY A 321 19.61 16.99 4.04
N PRO A 322 19.08 15.86 4.54
CA PRO A 322 19.69 14.53 4.40
C PRO A 322 19.70 14.00 2.97
N ARG A 323 18.81 14.52 2.13
CA ARG A 323 18.78 14.14 0.71
C ARG A 323 19.97 14.75 -0.03
N TRP A 324 20.53 14.01 -0.99
CA TRP A 324 21.52 14.55 -1.90
C TRP A 324 21.29 13.96 -3.30
N PRO A 325 21.53 14.76 -4.35
CA PRO A 325 21.18 14.38 -5.72
C PRO A 325 21.95 13.18 -6.24
N ASP A 326 21.39 12.51 -7.24
CA ASP A 326 22.01 11.33 -7.85
C ASP A 326 22.58 11.66 -9.23
N VAL A 327 22.48 12.94 -9.60
CA VAL A 327 22.83 13.38 -10.95
C VAL A 327 24.30 13.14 -11.32
N SER A 328 25.15 12.97 -10.31
CA SER A 328 26.54 12.61 -10.56
C SER A 328 26.86 11.27 -9.89
N GLY A 329 27.51 10.40 -10.65
CA GLY A 329 27.93 9.11 -10.13
C GLY A 329 29.29 9.18 -9.46
N ASN A 330 29.87 10.38 -9.42
CA ASN A 330 31.18 10.57 -8.82
C ASN A 330 31.15 11.56 -7.66
N SER A 331 30.08 11.53 -6.89
CA SER A 331 30.03 12.30 -5.66
C SER A 331 30.98 11.65 -4.66
N GLN A 332 32.07 12.34 -4.34
CA GLN A 332 33.07 11.81 -3.40
C GLN A 332 32.55 11.82 -1.98
N ALA A 333 31.76 12.83 -1.64
CA ALA A 333 31.26 12.98 -0.28
C ALA A 333 30.04 13.90 -0.19
N THR A 334 29.35 13.83 0.95
CA THR A 334 28.20 14.69 1.21
C THR A 334 28.46 15.56 2.42
N GLY A 335 27.71 16.66 2.53
CA GLY A 335 27.86 17.57 3.64
C GLY A 335 26.79 18.63 3.66
N THR A 336 26.78 19.46 4.71
CA THR A 336 25.85 20.58 4.79
C THR A 336 26.61 21.87 4.61
N ARG A 337 27.91 21.81 4.88
CA ARG A 337 28.79 22.97 4.79
C ARG A 337 30.21 22.52 4.57
N ALA A 338 31.04 23.40 4.03
CA ALA A 338 32.43 23.05 3.74
C ALA A 338 33.37 23.61 4.79
N VAL A 339 34.33 22.79 5.20
CA VAL A 339 35.46 23.26 5.98
C VAL A 339 36.64 23.44 5.03
N THR A 340 36.89 24.70 4.65
CA THR A 340 37.81 24.98 3.55
C THR A 340 39.26 25.19 3.98
N THR A 341 40.17 24.60 3.22
CA THR A 341 41.59 24.92 3.30
C THR A 341 42.06 25.41 1.95
N GLY A 342 43.11 26.23 1.94
CA GLY A 342 43.65 26.77 0.70
C GLY A 342 42.82 27.88 0.10
N ALA A 343 43.11 28.20 -1.15
CA ALA A 343 42.42 29.29 -1.86
C ALA A 343 42.64 29.11 -3.37
N PRO A 344 41.65 29.51 -4.18
CA PRO A 344 41.73 29.25 -5.62
C PRO A 344 42.89 29.96 -6.31
N ARG A 345 43.48 29.31 -7.31
CA ARG A 345 44.51 29.94 -8.13
C ARG A 345 43.96 31.20 -8.76
N PRO A 346 44.70 32.32 -8.65
CA PRO A 346 44.25 33.57 -9.26
C PRO A 346 44.07 33.43 -10.77
N ALA A 347 44.93 32.63 -11.40
CA ALA A 347 44.83 32.35 -12.82
C ALA A 347 43.51 31.65 -13.14
N TRP A 348 43.10 30.74 -12.26
CA TRP A 348 41.85 30.03 -12.41
C TRP A 348 40.66 30.98 -12.32
N LEU A 349 40.72 31.91 -11.37
CA LEU A 349 39.67 32.92 -11.23
C LEU A 349 39.59 33.81 -12.47
N ASP A 350 40.75 34.22 -12.97
CA ASP A 350 40.82 35.09 -14.14
C ASP A 350 40.22 34.40 -15.37
N ARG A 351 40.53 33.12 -15.53
CA ARG A 351 40.04 32.35 -16.66
C ARG A 351 38.51 32.25 -16.65
N CYS A 352 37.95 31.83 -15.52
CA CYS A 352 36.51 31.67 -15.39
C CYS A 352 35.79 33.01 -15.55
N ALA A 353 36.37 34.06 -15.01
CA ALA A 353 35.80 35.40 -15.14
C ALA A 353 35.82 35.86 -16.59
N ALA A 354 36.90 35.55 -17.30
CA ALA A 354 37.02 35.90 -18.71
C ALA A 354 35.99 35.16 -19.55
N MET A 355 35.85 33.87 -19.30
CA MET A 355 34.90 33.06 -20.05
C MET A 355 33.46 33.46 -19.76
N ASN A 356 33.21 33.90 -18.53
CA ASN A 356 31.89 34.37 -18.13
C ASN A 356 31.48 35.60 -18.95
N ARG A 357 32.38 36.59 -19.01
CA ARG A 357 32.13 37.80 -19.78
C ARG A 357 31.91 37.47 -21.26
N HIS A 358 32.70 36.54 -21.78
CA HIS A 358 32.62 36.10 -23.16
C HIS A 358 31.22 35.56 -23.47
N ALA A 359 30.71 34.72 -22.59
CA ALA A 359 29.39 34.11 -22.76
C ALA A 359 28.27 35.15 -22.69
N ILE A 360 28.37 36.07 -21.74
CA ILE A 360 27.41 37.14 -21.59
C ILE A 360 27.36 37.99 -22.86
N ALA A 361 28.55 38.26 -23.41
CA ALA A 361 28.67 39.05 -24.64
C ALA A 361 27.98 38.36 -25.81
N ALA A 362 28.30 37.08 -25.99
CA ALA A 362 27.75 36.30 -27.09
C ALA A 362 26.23 36.30 -27.09
N VAL A 363 25.64 36.07 -25.91
CA VAL A 363 24.19 36.06 -25.78
C VAL A 363 23.61 37.42 -26.12
N ARG A 364 24.17 38.47 -25.54
CA ARG A 364 23.70 39.83 -25.80
C ARG A 364 23.80 40.21 -27.27
N GLU A 365 24.96 39.94 -27.86
CA GLU A 365 25.21 40.28 -29.26
C GLU A 365 24.24 39.56 -30.19
N GLN A 366 24.14 38.25 -30.03
CA GLN A 366 23.26 37.45 -30.89
C GLN A 366 21.79 37.84 -30.70
N LEU A 367 21.43 38.24 -29.49
CA LEU A 367 20.07 38.71 -29.22
C LEU A 367 19.76 39.96 -30.01
N ALA A 368 20.72 40.88 -30.05
CA ALA A 368 20.56 42.13 -30.80
C ALA A 368 20.52 41.87 -32.30
N ALA A 369 21.32 40.93 -32.76
CA ALA A 369 21.43 40.62 -34.19
C ALA A 369 20.22 39.83 -34.70
N HIS A 370 19.18 39.76 -33.88
CA HIS A 370 17.95 39.08 -34.27
CA HIS A 370 17.94 39.07 -34.25
C HIS A 370 16.76 40.04 -34.22
N PRO A 371 16.09 40.22 -35.36
CA PRO A 371 14.95 41.14 -35.46
C PRO A 371 13.70 40.61 -34.77
N LEU A 372 13.43 39.32 -34.94
CA LEU A 372 12.21 38.72 -34.42
C LEU A 372 12.25 38.50 -32.91
N THR A 373 11.17 38.87 -32.24
CA THR A 373 11.05 38.72 -30.79
C THR A 373 10.79 37.26 -30.42
N THR A 374 11.70 36.68 -29.66
CA THR A 374 11.55 35.31 -29.17
C THR A 374 11.31 35.30 -27.67
N GLY A 375 11.14 34.11 -27.10
CA GLY A 375 10.96 33.97 -25.67
C GLY A 375 12.20 34.38 -24.90
N LEU A 376 13.35 34.25 -25.55
CA LEU A 376 14.62 34.66 -24.95
C LEU A 376 14.69 36.17 -24.82
N HIS A 377 14.15 36.88 -25.80
CA HIS A 377 14.08 38.34 -25.76
C HIS A 377 13.15 38.79 -24.63
N VAL A 378 11.98 38.17 -24.55
CA VAL A 378 11.00 38.47 -23.52
C VAL A 378 11.60 38.23 -22.13
N ALA A 379 12.28 37.12 -21.97
CA ALA A 379 12.94 36.80 -20.71
C ALA A 379 13.99 37.83 -20.34
N ALA A 380 14.77 38.24 -21.34
CA ALA A 380 15.81 39.26 -21.13
C ALA A 380 15.18 40.58 -20.72
N ALA A 381 14.04 40.91 -21.31
CA ALA A 381 13.34 42.14 -20.99
C ALA A 381 12.83 42.12 -19.55
N VAL A 382 12.25 41.00 -19.15
CA VAL A 382 11.72 40.84 -17.80
C VAL A 382 12.85 40.94 -16.76
N SER A 383 14.00 40.35 -17.09
CA SER A 383 15.16 40.39 -16.20
C SER A 383 15.61 41.82 -15.90
N HIS A 384 15.76 42.61 -16.95
CA HIS A 384 16.21 44.00 -16.84
CA HIS A 384 16.22 43.98 -16.81
C HIS A 384 15.21 44.84 -16.06
N ALA A 385 13.94 44.49 -16.14
CA ALA A 385 12.87 45.23 -15.49
C ALA A 385 12.79 44.96 -13.98
N LEU A 386 13.52 43.96 -13.52
CA LEU A 386 13.49 43.59 -12.11
C LEU A 386 14.28 44.56 -11.25
N ARG A 387 13.87 44.69 -9.99
CA ARG A 387 14.54 45.55 -9.02
C ARG A 387 14.57 44.82 -7.68
N PRO A 388 15.49 45.23 -6.77
CA PRO A 388 15.57 44.57 -5.46
C PRO A 388 14.25 44.56 -4.70
N GLY A 389 13.93 43.42 -4.08
CA GLY A 389 12.72 43.29 -3.29
C GLY A 389 11.58 42.62 -4.05
N ASP A 390 11.77 42.45 -5.35
CA ASP A 390 10.76 41.79 -6.18
C ASP A 390 10.72 40.29 -5.95
N GLN A 391 9.58 39.68 -6.25
CA GLN A 391 9.49 38.23 -6.32
C GLN A 391 9.27 37.79 -7.76
N LEU A 392 10.09 36.88 -8.24
CA LEU A 392 9.98 36.38 -9.60
C LEU A 392 9.51 34.93 -9.60
N VAL A 393 8.39 34.68 -10.26
CA VAL A 393 7.86 33.32 -10.39
C VAL A 393 8.04 32.85 -11.82
N LEU A 394 8.73 31.72 -11.99
CA LEU A 394 9.09 31.26 -13.32
C LEU A 394 8.44 29.92 -13.67
N GLY A 395 7.86 29.84 -14.87
CA GLY A 395 7.36 28.59 -15.41
C GLY A 395 8.54 27.64 -15.56
N ALA A 396 8.38 26.41 -15.08
CA ALA A 396 9.51 25.51 -14.88
C ALA A 396 10.14 24.95 -16.16
N SER A 397 9.59 25.29 -17.32
CA SER A 397 10.16 24.80 -18.57
C SER A 397 11.09 25.84 -19.19
N ASN A 398 10.61 26.52 -20.24
CA ASN A 398 11.40 27.52 -20.95
C ASN A 398 11.75 28.80 -20.18
N PRO A 399 10.79 29.38 -19.43
CA PRO A 399 11.12 30.63 -18.71
C PRO A 399 12.33 30.54 -17.79
N VAL A 400 12.44 29.47 -17.01
CA VAL A 400 13.57 29.33 -16.10
C VAL A 400 14.89 29.24 -16.87
N ARG A 401 14.87 28.45 -17.94
CA ARG A 401 16.06 28.29 -18.78
C ARG A 401 16.42 29.61 -19.47
N ASP A 402 15.42 30.26 -20.05
CA ASP A 402 15.62 31.52 -20.76
C ASP A 402 16.19 32.59 -19.83
N VAL A 403 15.62 32.70 -18.63
CA VAL A 403 16.10 33.65 -17.63
C VAL A 403 17.56 33.36 -17.30
N ALA A 404 17.90 32.08 -17.19
CA ALA A 404 19.28 31.67 -16.93
C ALA A 404 20.19 32.02 -18.12
N LEU A 405 19.64 31.94 -19.32
CA LEU A 405 20.39 32.28 -20.52
C LEU A 405 20.62 33.78 -20.62
N ALA A 406 19.62 34.55 -20.21
CA ALA A 406 19.71 36.01 -20.22
C ALA A 406 20.67 36.49 -19.13
N GLY A 407 21.09 35.58 -18.26
CA GLY A 407 22.06 35.88 -17.23
C GLY A 407 21.54 36.79 -16.13
N LEU A 408 20.28 36.58 -15.74
CA LEU A 408 19.66 37.37 -14.68
C LEU A 408 20.45 37.29 -13.38
N ASP A 409 20.77 38.46 -12.82
CA ASP A 409 21.40 38.54 -11.51
C ASP A 409 20.30 38.46 -10.44
N THR A 410 20.32 37.41 -9.63
CA THR A 410 19.22 37.12 -8.72
C THR A 410 19.42 37.69 -7.32
N ARG A 411 20.49 38.44 -7.11
CA ARG A 411 20.75 39.03 -5.80
C ARG A 411 19.73 40.10 -5.45
N GLY A 412 19.07 39.93 -4.31
CA GLY A 412 18.11 40.91 -3.84
C GLY A 412 16.68 40.61 -4.27
N ILE A 413 16.51 39.59 -5.10
CA ILE A 413 15.18 39.17 -5.51
C ILE A 413 14.93 37.73 -5.08
N ARG A 414 13.67 37.39 -4.85
CA ARG A 414 13.30 36.03 -4.49
C ARG A 414 12.69 35.34 -5.70
N VAL A 415 13.32 34.24 -6.11
CA VAL A 415 12.92 33.54 -7.32
C VAL A 415 12.23 32.22 -6.98
N ARG A 416 11.02 32.03 -7.50
CA ARG A 416 10.27 30.80 -7.28
C ARG A 416 10.01 30.05 -8.58
N SER A 417 10.10 28.72 -8.50
CA SER A 417 9.73 27.87 -9.61
C SER A 417 9.51 26.45 -9.10
N ASN A 418 8.53 25.75 -9.67
CA ASN A 418 8.25 24.39 -9.24
C ASN A 418 9.23 23.40 -9.88
N ARG A 419 10.45 23.38 -9.36
CA ARG A 419 11.53 22.57 -9.91
C ARG A 419 11.54 21.17 -9.32
N GLY A 420 10.54 20.86 -8.49
CA GLY A 420 10.41 19.53 -7.92
C GLY A 420 10.36 18.47 -9.00
N VAL A 421 9.36 18.58 -9.88
CA VAL A 421 9.25 17.68 -11.03
C VAL A 421 9.02 18.48 -12.31
N ALA A 422 8.99 19.80 -12.18
CA ALA A 422 8.90 20.71 -13.32
C ALA A 422 7.70 20.40 -14.22
N GLY A 423 6.54 20.19 -13.59
CA GLY A 423 5.33 19.93 -14.32
C GLY A 423 4.70 21.19 -14.89
N ILE A 424 3.72 21.00 -15.76
CA ILE A 424 3.03 22.11 -16.40
C ILE A 424 1.86 22.57 -15.53
N ASP A 425 1.42 21.68 -14.64
CA ASP A 425 0.26 21.94 -13.79
C ASP A 425 0.49 23.05 -12.75
N GLY A 426 -0.53 23.87 -12.54
CA GLY A 426 -0.60 24.77 -11.41
C GLY A 426 0.35 25.95 -11.35
N THR A 427 0.95 26.32 -12.47
CA THR A 427 1.92 27.41 -12.47
C THR A 427 1.27 28.75 -12.14
N VAL A 428 0.08 28.97 -12.67
CA VAL A 428 -0.66 30.21 -12.39
C VAL A 428 -1.06 30.30 -10.93
N SER A 429 -1.62 29.21 -10.39
CA SER A 429 -2.01 29.17 -8.99
C SER A 429 -0.82 29.36 -8.06
N THR A 430 0.31 28.78 -8.44
CA THR A 430 1.54 28.88 -7.65
C THR A 430 2.01 30.33 -7.60
N ALA A 431 1.89 31.02 -8.74
CA ALA A 431 2.28 32.43 -8.83
C ALA A 431 1.37 33.27 -7.95
N ILE A 432 0.07 33.04 -8.07
CA ILE A 432 -0.90 33.76 -7.27
C ILE A 432 -0.69 33.51 -5.77
N GLY A 433 -0.46 32.25 -5.41
CA GLY A 433 -0.23 31.89 -4.02
C GLY A 433 1.04 32.50 -3.47
N ALA A 434 2.10 32.54 -4.29
CA ALA A 434 3.38 33.08 -3.86
C ALA A 434 3.28 34.58 -3.63
N ALA A 435 2.54 35.27 -4.50
CA ALA A 435 2.32 36.70 -4.36
C ALA A 435 1.59 36.99 -3.06
N LEU A 436 0.49 36.29 -2.85
CA LEU A 436 -0.33 36.46 -1.64
C LEU A 436 0.46 36.29 -0.36
N ALA A 437 1.28 35.24 -0.31
CA ALA A 437 2.08 34.96 0.88
C ALA A 437 3.19 35.98 1.05
N TYR A 438 3.78 36.39 -0.07
CA TYR A 438 4.86 37.38 -0.05
C TYR A 438 4.33 38.73 0.42
N GLU A 439 3.19 39.14 -0.11
CA GLU A 439 2.54 40.37 0.29
C GLU A 439 2.09 40.32 1.74
N GLY A 440 1.80 39.11 2.24
CA GLY A 440 1.40 38.91 3.61
C GLY A 440 2.55 39.12 4.59
N ALA A 441 3.71 38.58 4.25
CA ALA A 441 4.90 38.75 5.08
C ALA A 441 5.32 40.21 5.12
N HIS A 442 4.93 40.97 4.11
CA HIS A 442 5.22 42.40 4.07
C HIS A 442 4.40 43.16 5.10
N GLU A 443 3.10 42.86 5.16
CA GLU A 443 2.20 43.54 6.09
C GLU A 443 2.52 43.23 7.55
N ARG A 444 3.06 42.04 7.80
CA ARG A 444 3.36 41.60 9.17
C ARG A 444 4.34 42.55 9.85
N THR A 445 5.30 43.04 9.09
CA THR A 445 6.13 44.15 9.56
C THR A 445 5.50 45.46 9.08
N GLY A 446 5.18 46.34 10.02
CA GLY A 446 4.34 47.50 9.74
C GLY A 446 4.89 48.55 8.79
N SER A 447 5.41 48.11 7.64
CA SER A 447 5.96 49.04 6.65
C SER A 447 4.85 49.75 5.88
N PRO A 448 4.96 51.08 5.76
CA PRO A 448 3.95 51.91 5.09
C PRO A 448 4.00 51.79 3.56
N ASP A 449 5.11 51.25 3.05
CA ASP A 449 5.33 51.16 1.61
C ASP A 449 4.28 50.31 0.91
N SER A 450 4.21 50.46 -0.41
CA SER A 450 3.35 49.63 -1.24
C SER A 450 3.81 48.17 -1.13
N PRO A 451 2.90 47.22 -1.42
CA PRO A 451 3.33 45.81 -1.41
C PRO A 451 4.37 45.54 -2.49
N PRO A 452 5.37 44.70 -2.17
CA PRO A 452 6.42 44.35 -3.15
C PRO A 452 5.82 43.70 -4.39
N ARG A 453 6.54 43.77 -5.51
CA ARG A 453 6.03 43.26 -6.77
C ARG A 453 6.28 41.77 -6.93
N THR A 454 5.29 41.06 -7.45
CA THR A 454 5.49 39.70 -7.91
C THR A 454 5.30 39.66 -9.41
N ILE A 455 6.34 39.22 -10.10
CA ILE A 455 6.29 39.12 -11.56
C ILE A 455 6.44 37.67 -11.98
N ALA A 456 5.46 37.18 -12.74
CA ALA A 456 5.51 35.82 -13.24
C ALA A 456 5.84 35.78 -14.73
N LEU A 457 6.71 34.86 -15.11
CA LEU A 457 7.00 34.64 -16.52
C LEU A 457 6.66 33.20 -16.89
N ILE A 458 5.61 33.02 -17.67
CA ILE A 458 5.19 31.67 -18.07
C ILE A 458 4.93 31.60 -19.58
N GLY A 459 5.08 30.40 -20.14
CA GLY A 459 4.77 30.17 -21.54
C GLY A 459 3.28 30.12 -21.77
N ASP A 460 2.87 30.23 -23.04
CA ASP A 460 1.46 30.27 -23.37
C ASP A 460 0.77 28.92 -23.17
N LEU A 461 1.47 27.84 -23.46
CA LEU A 461 0.94 26.49 -23.23
C LEU A 461 0.73 26.26 -21.74
N THR A 462 1.70 26.70 -20.95
CA THR A 462 1.59 26.64 -19.50
C THR A 462 0.43 27.49 -18.99
N PHE A 463 0.30 28.70 -19.54
CA PHE A 463 -0.76 29.61 -19.12
C PHE A 463 -2.13 29.04 -19.44
N VAL A 464 -2.31 28.59 -20.68
CA VAL A 464 -3.56 28.01 -21.12
C VAL A 464 -3.95 26.81 -20.28
N HIS A 465 -2.98 25.91 -20.05
CA HIS A 465 -3.21 24.68 -19.30
C HIS A 465 -3.68 24.94 -17.87
N ASP A 466 -3.15 25.97 -17.22
CA ASP A 466 -3.58 26.32 -15.87
C ASP A 466 -4.30 27.66 -15.83
N SER A 467 -5.06 27.96 -16.88
CA SER A 467 -5.76 29.24 -16.95
C SER A 467 -6.85 29.32 -15.90
N SER A 468 -7.38 28.17 -15.50
CA SER A 468 -8.43 28.12 -14.50
C SER A 468 -7.86 28.42 -13.11
N GLY A 469 -6.54 28.48 -13.01
CA GLY A 469 -5.89 28.91 -11.79
C GLY A 469 -6.10 30.38 -11.53
N LEU A 470 -6.46 31.12 -12.57
CA LEU A 470 -6.76 32.54 -12.47
C LEU A 470 -8.02 32.78 -11.65
N LEU A 471 -8.92 31.81 -11.68
CA LEU A 471 -10.24 31.95 -11.06
C LEU A 471 -10.15 32.16 -9.56
N ILE A 472 -10.53 33.36 -9.13
CA ILE A 472 -10.64 33.69 -7.71
C ILE A 472 -12.03 34.23 -7.46
N GLY A 473 -12.77 33.55 -6.58
CA GLY A 473 -14.13 33.95 -6.26
C GLY A 473 -14.20 35.37 -5.72
N PRO A 474 -15.32 36.06 -6.00
CA PRO A 474 -15.53 37.48 -5.66
C PRO A 474 -15.25 37.83 -4.20
N THR A 475 -15.24 36.82 -3.33
CA THR A 475 -15.06 37.05 -1.90
C THR A 475 -13.70 36.58 -1.39
N GLU A 476 -12.84 36.13 -2.29
CA GLU A 476 -11.55 35.56 -1.90
C GLU A 476 -10.40 36.54 -2.11
N PRO A 477 -9.31 36.37 -1.35
CA PRO A 477 -8.13 37.24 -1.46
C PRO A 477 -7.52 37.30 -2.86
N ILE A 478 -7.31 38.51 -3.36
CA ILE A 478 -6.65 38.74 -4.63
C ILE A 478 -5.28 39.36 -4.37
N PRO A 479 -4.25 38.92 -5.10
CA PRO A 479 -2.92 39.53 -4.98
C PRO A 479 -2.96 41.04 -5.18
N ARG A 480 -2.22 41.78 -4.37
CA ARG A 480 -2.22 43.23 -4.45
C ARG A 480 -1.30 43.74 -5.55
N SER A 481 -0.26 42.98 -5.86
CA SER A 481 0.68 43.38 -6.90
C SER A 481 1.27 42.19 -7.65
N LEU A 482 0.44 41.54 -8.47
CA LEU A 482 0.92 40.44 -9.29
C LEU A 482 0.75 40.73 -10.78
N THR A 483 1.83 40.60 -11.52
CA THR A 483 1.77 40.71 -12.97
C THR A 483 2.26 39.42 -13.62
N ILE A 484 1.40 38.81 -14.41
CA ILE A 484 1.77 37.60 -15.13
C ILE A 484 2.16 37.93 -16.58
N VAL A 485 3.43 37.72 -16.90
CA VAL A 485 3.91 37.92 -18.26
C VAL A 485 3.83 36.62 -19.03
N VAL A 486 2.97 36.59 -20.05
CA VAL A 486 2.80 35.41 -20.87
C VAL A 486 3.57 35.54 -22.18
N SER A 487 4.63 34.75 -22.31
CA SER A 487 5.41 34.71 -23.54
C SER A 487 4.73 33.78 -24.54
N ASN A 488 3.97 34.36 -25.45
CA ASN A 488 3.13 33.58 -26.35
C ASN A 488 3.76 33.37 -27.74
N ASP A 489 4.52 32.29 -27.88
CA ASP A 489 5.03 31.90 -29.19
C ASP A 489 4.05 30.92 -29.83
N ASN A 490 2.88 30.79 -29.22
CA ASN A 490 1.77 29.98 -29.73
C ASN A 490 2.10 28.49 -29.87
N GLY A 491 2.46 27.86 -28.75
CA GLY A 491 2.63 26.43 -28.70
C GLY A 491 4.05 25.93 -28.93
N GLY A 492 4.93 26.19 -27.96
CA GLY A 492 6.30 25.72 -28.06
C GLY A 492 7.24 26.41 -27.09
N SER A 506 9.24 12.98 -33.86
CA SER A 506 9.79 12.06 -32.87
C SER A 506 8.72 11.09 -32.36
N ASP A 507 7.68 11.64 -31.77
CA ASP A 507 6.59 10.85 -31.20
C ASP A 507 5.25 11.25 -31.79
N VAL A 508 4.31 10.31 -31.84
CA VAL A 508 3.00 10.57 -32.45
C VAL A 508 2.20 11.58 -31.63
N SER A 509 2.47 11.64 -30.33
CA SER A 509 1.76 12.56 -29.44
C SER A 509 2.09 14.01 -29.78
N SER A 510 3.25 14.23 -30.41
CA SER A 510 3.73 15.57 -30.70
C SER A 510 2.95 16.26 -31.81
N ARG A 511 2.04 15.52 -32.45
CA ARG A 511 1.30 16.04 -33.59
C ARG A 511 0.41 17.23 -33.23
N ILE A 512 0.06 17.35 -31.95
CA ILE A 512 -0.76 18.45 -31.47
C ILE A 512 0.03 19.75 -31.41
N PHE A 513 1.34 19.66 -31.60
CA PHE A 513 2.18 20.84 -31.72
C PHE A 513 2.38 21.19 -33.19
N GLY A 514 1.81 20.36 -34.07
CA GLY A 514 1.93 20.56 -35.50
C GLY A 514 1.26 21.82 -35.99
N THR A 515 0.24 22.27 -35.26
CA THR A 515 -0.42 23.53 -35.54
C THR A 515 -0.51 24.35 -34.26
N PRO A 516 -0.37 25.68 -34.36
CA PRO A 516 -0.54 26.57 -33.20
C PRO A 516 -1.91 26.38 -32.56
N HIS A 517 -1.96 26.32 -31.23
CA HIS A 517 -3.19 26.01 -30.51
C HIS A 517 -4.26 27.09 -30.68
N ASP A 518 -3.84 28.29 -31.05
CA ASP A 518 -4.75 29.34 -31.51
C ASP A 518 -5.70 29.85 -30.41
N VAL A 519 -5.37 29.53 -29.15
CA VAL A 519 -6.23 29.91 -28.03
C VAL A 519 -6.13 31.40 -27.70
N ASP A 520 -7.27 32.08 -27.70
CA ASP A 520 -7.33 33.49 -27.36
C ASP A 520 -7.04 33.70 -25.87
N VAL A 521 -5.90 34.31 -25.56
CA VAL A 521 -5.50 34.58 -24.19
C VAL A 521 -6.40 35.64 -23.55
N GLY A 522 -6.72 36.67 -24.32
CA GLY A 522 -7.59 37.73 -23.85
C GLY A 522 -8.96 37.22 -23.47
N ALA A 523 -9.47 36.27 -24.24
CA ALA A 523 -10.76 35.65 -23.94
C ALA A 523 -10.69 34.84 -22.66
N LEU A 524 -9.61 34.09 -22.50
CA LEU A 524 -9.37 33.33 -21.26
C LEU A 524 -9.35 34.24 -20.05
N CYS A 525 -8.68 35.39 -20.18
CA CYS A 525 -8.56 36.34 -19.08
C CYS A 525 -9.89 37.03 -18.76
N ARG A 526 -10.72 37.25 -19.78
CA ARG A 526 -12.02 37.86 -19.55
C ARG A 526 -12.94 36.87 -18.83
N ALA A 527 -12.85 35.60 -19.20
CA ALA A 527 -13.67 34.55 -18.62
C ALA A 527 -13.53 34.48 -17.10
N TYR A 528 -12.32 34.72 -16.62
CA TYR A 528 -12.06 34.69 -15.18
C TYR A 528 -11.91 36.10 -14.63
N HIS A 529 -12.50 37.05 -15.35
CA HIS A 529 -12.47 38.48 -15.01
C HIS A 529 -11.13 38.96 -14.46
N VAL A 530 -10.11 38.95 -15.34
CA VAL A 530 -8.76 39.37 -14.98
C VAL A 530 -8.24 40.34 -16.04
N GLU A 531 -7.66 41.45 -15.60
CA GLU A 531 -7.10 42.45 -16.50
C GLU A 531 -5.99 41.87 -17.38
N SER A 532 -6.11 42.07 -18.68
CA SER A 532 -5.09 41.62 -19.61
C SER A 532 -4.81 42.66 -20.69
N ARG A 533 -3.55 42.77 -21.08
CA ARG A 533 -3.13 43.66 -22.14
C ARG A 533 -2.08 43.00 -23.01
N GLN A 534 -2.34 42.95 -24.31
CA GLN A 534 -1.36 42.43 -25.27
C GLN A 534 -0.41 43.55 -25.70
N ILE A 535 0.88 43.39 -25.41
CA ILE A 535 1.86 44.43 -25.69
C ILE A 535 3.11 43.90 -26.42
N GLU A 536 3.95 44.83 -26.86
CA GLU A 536 5.22 44.49 -27.50
C GLU A 536 6.34 44.48 -26.46
N VAL A 537 7.44 43.82 -26.78
CA VAL A 537 8.51 43.59 -25.81
C VAL A 537 9.17 44.89 -25.34
N ASP A 538 9.19 45.91 -26.19
CA ASP A 538 9.77 47.19 -25.81
C ASP A 538 8.85 47.93 -24.85
N GLU A 539 7.58 47.60 -24.88
CA GLU A 539 6.58 48.22 -24.00
C GLU A 539 6.59 47.55 -22.62
N LEU A 540 7.22 46.39 -22.53
CA LEU A 540 7.16 45.56 -21.34
C LEU A 540 7.74 46.25 -20.10
N GLY A 541 8.99 46.68 -20.20
CA GLY A 541 9.66 47.39 -19.12
C GLY A 541 8.87 48.55 -18.52
N PRO A 542 8.50 49.55 -19.35
CA PRO A 542 7.70 50.68 -18.89
C PRO A 542 6.37 50.27 -18.24
N THR A 543 5.72 49.25 -18.79
CA THR A 543 4.43 48.81 -18.28
C THR A 543 4.57 48.15 -16.90
N LEU A 544 5.68 47.44 -16.70
CA LEU A 544 5.92 46.74 -15.44
C LEU A 544 6.13 47.70 -14.27
N ASP A 545 6.48 48.95 -14.58
CA ASP A 545 6.68 49.94 -13.53
C ASP A 545 5.43 50.77 -13.27
N GLN A 546 4.40 50.56 -14.08
CA GLN A 546 3.07 51.12 -13.81
C GLN A 546 2.60 50.60 -12.45
N PRO A 547 1.77 51.38 -11.75
CA PRO A 547 1.31 50.97 -10.41
C PRO A 547 0.65 49.59 -10.41
N GLY A 548 0.79 48.87 -9.30
CA GLY A 548 0.19 47.55 -9.18
C GLY A 548 -1.33 47.61 -9.24
N ALA A 549 -1.88 47.18 -10.38
CA ALA A 549 -3.32 47.17 -10.57
C ALA A 549 -3.93 45.87 -10.07
N GLY A 550 -3.54 45.47 -8.87
CA GLY A 550 -3.99 44.22 -8.29
C GLY A 550 -3.32 43.03 -8.95
N MET A 551 -4.08 42.34 -9.79
CA MET A 551 -3.55 41.21 -10.56
C MET A 551 -3.85 41.43 -12.04
N ARG A 552 -2.84 41.21 -12.89
CA ARG A 552 -3.01 41.45 -14.32
C ARG A 552 -2.13 40.55 -15.17
N VAL A 553 -2.55 40.34 -16.42
CA VAL A 553 -1.81 39.51 -17.36
C VAL A 553 -1.28 40.36 -18.52
N LEU A 554 0.03 40.32 -18.74
CA LEU A 554 0.64 41.01 -19.88
C LEU A 554 1.06 40.01 -20.95
N GLU A 555 0.31 39.97 -22.05
CA GLU A 555 0.63 39.05 -23.14
C GLU A 555 1.62 39.67 -24.11
N VAL A 556 2.73 38.98 -24.34
CA VAL A 556 3.73 39.44 -25.30
C VAL A 556 3.90 38.42 -26.41
N LYS A 557 3.50 38.80 -27.62
CA LYS A 557 3.68 37.94 -28.78
C LYS A 557 5.15 37.68 -29.05
N ALA A 558 5.48 36.43 -29.34
CA ALA A 558 6.85 36.06 -29.66
C ALA A 558 6.87 35.05 -30.81
N ASP A 559 8.05 34.84 -31.38
CA ASP A 559 8.21 33.91 -32.47
C ASP A 559 9.09 32.73 -32.06
N ARG A 560 8.74 31.53 -32.51
CA ARG A 560 9.51 30.34 -32.17
C ARG A 560 10.14 29.71 -33.42
N SER A 561 9.85 30.27 -34.58
CA SER A 561 10.38 29.73 -35.83
C SER A 561 11.88 30.01 -35.94
N SER A 562 12.32 31.15 -35.43
CA SER A 562 13.71 31.57 -35.55
C SER A 562 14.54 31.24 -34.31
N LEU A 563 14.08 30.25 -33.54
CA LEU A 563 14.70 29.98 -32.25
C LEU A 563 15.87 29.01 -32.32
N ARG A 564 15.73 27.93 -33.08
CA ARG A 564 16.81 26.96 -33.26
C ARG A 564 18.03 27.65 -33.86
N GLN A 565 17.76 28.66 -34.68
CA GLN A 565 18.81 29.45 -35.30
C GLN A 565 19.48 30.38 -34.30
N LEU A 566 18.68 31.03 -33.45
CA LEU A 566 19.20 31.94 -32.45
C LEU A 566 20.14 31.23 -31.48
N HIS A 567 19.74 30.05 -31.01
CA HIS A 567 20.58 29.27 -30.11
C HIS A 567 21.85 28.79 -30.80
N ALA A 568 21.71 28.41 -32.07
CA ALA A 568 22.86 27.97 -32.87
C ALA A 568 23.81 29.13 -33.10
N ALA A 569 23.27 30.32 -33.29
CA ALA A 569 24.07 31.53 -33.47
C ALA A 569 24.85 31.85 -32.20
N ILE A 570 24.16 31.77 -31.06
CA ILE A 570 24.78 31.98 -29.76
C ILE A 570 25.91 30.99 -29.54
N LYS A 571 25.64 29.73 -29.86
CA LYS A 571 26.60 28.64 -29.66
C LYS A 571 27.86 28.84 -30.49
N ALA A 572 27.70 29.34 -31.71
CA ALA A 572 28.82 29.55 -32.62
C ALA A 572 29.60 30.81 -32.24
N ALA A 573 28.95 31.71 -31.52
CA ALA A 573 29.57 32.97 -31.12
C ALA A 573 30.54 32.77 -29.95
N LEU A 574 30.58 31.56 -29.41
CA LEU A 574 31.45 31.25 -28.28
C LEU A 574 32.81 30.75 -28.75
N MET B 21 -22.13 -4.72 29.90
CA MET B 21 -20.93 -5.39 29.41
C MET B 21 -20.11 -4.47 28.53
N ASN B 22 -18.78 -4.52 28.68
CA ASN B 22 -17.88 -3.64 27.95
C ASN B 22 -17.87 -3.95 26.45
N PRO B 23 -17.66 -2.91 25.62
CA PRO B 23 -17.73 -3.01 24.15
C PRO B 23 -16.83 -4.10 23.55
N SER B 24 -15.59 -4.24 24.05
CA SER B 24 -14.67 -5.24 23.55
C SER B 24 -15.25 -6.65 23.62
N THR B 25 -15.84 -6.97 24.78
CA THR B 25 -16.45 -8.28 25.01
C THR B 25 -17.69 -8.49 24.13
N THR B 26 -18.55 -7.47 24.08
CA THR B 26 -19.77 -7.54 23.29
C THR B 26 -19.45 -7.72 21.81
N GLN B 27 -18.49 -6.94 21.32
CA GLN B 27 -18.07 -7.00 19.92
C GLN B 27 -17.50 -8.38 19.59
N ALA B 28 -16.62 -8.87 20.45
CA ALA B 28 -15.98 -10.16 20.26
C ALA B 28 -16.99 -11.29 20.18
N ARG B 29 -18.01 -11.23 21.04
CA ARG B 29 -19.02 -12.27 21.09
C ARG B 29 -19.92 -12.26 19.87
N VAL B 30 -20.23 -11.07 19.38
CA VAL B 30 -21.06 -10.92 18.19
C VAL B 30 -20.34 -11.50 16.97
N VAL B 31 -19.05 -11.20 16.84
CA VAL B 31 -18.26 -11.66 15.70
C VAL B 31 -18.12 -13.19 15.69
N VAL B 32 -17.73 -13.74 16.84
CA VAL B 32 -17.59 -15.18 16.99
C VAL B 32 -18.91 -15.88 16.64
N ASP B 33 -20.02 -15.34 17.15
CA ASP B 33 -21.33 -15.91 16.89
C ASP B 33 -21.67 -15.91 15.39
N GLU B 34 -21.32 -14.83 14.70
CA GLU B 34 -21.64 -14.71 13.29
C GLU B 34 -20.71 -15.57 12.43
N LEU B 35 -19.46 -15.73 12.87
CA LEU B 35 -18.53 -16.62 12.20
C LEU B 35 -19.05 -18.05 12.24
N ILE B 36 -19.59 -18.44 13.39
CA ILE B 36 -20.13 -19.78 13.58
C ILE B 36 -21.37 -20.01 12.71
N ARG B 37 -22.24 -19.01 12.64
CA ARG B 37 -23.41 -19.06 11.78
C ARG B 37 -23.01 -19.18 10.32
N GLY B 38 -21.81 -18.72 10.00
CA GLY B 38 -21.30 -18.72 8.64
C GLY B 38 -20.62 -20.02 8.27
N GLY B 39 -20.49 -20.92 9.23
CA GLY B 39 -19.98 -22.25 8.95
C GLY B 39 -18.57 -22.53 9.45
N VAL B 40 -18.03 -21.63 10.26
CA VAL B 40 -16.73 -21.88 10.87
C VAL B 40 -16.88 -22.91 11.99
N ARG B 41 -16.18 -24.03 11.87
CA ARG B 41 -16.27 -25.10 12.85
C ARG B 41 -15.01 -25.19 13.71
N ASP B 42 -13.87 -24.86 13.12
CA ASP B 42 -12.60 -24.90 13.83
C ASP B 42 -11.93 -23.54 13.85
N VAL B 43 -11.36 -23.18 14.99
CA VAL B 43 -10.61 -21.94 15.12
C VAL B 43 -9.27 -22.18 15.82
N VAL B 44 -8.20 -21.70 15.21
CA VAL B 44 -6.87 -21.75 15.81
C VAL B 44 -6.60 -20.46 16.55
N LEU B 45 -6.13 -20.55 17.79
CA LEU B 45 -5.87 -19.37 18.61
C LEU B 45 -4.42 -19.34 19.12
N CYS B 46 -3.79 -18.18 19.02
CA CYS B 46 -2.47 -17.98 19.57
C CYS B 46 -2.54 -16.98 20.72
N PRO B 47 -1.73 -17.20 21.77
CA PRO B 47 -1.86 -16.43 23.01
C PRO B 47 -1.39 -14.99 22.88
N GLY B 48 -1.99 -14.12 23.68
CA GLY B 48 -1.66 -12.71 23.70
C GLY B 48 -2.67 -12.01 24.59
N SER B 49 -2.43 -10.75 24.90
CA SER B 49 -3.36 -10.03 25.77
C SER B 49 -4.32 -9.15 24.97
N ARG B 50 -3.87 -8.68 23.81
CA ARG B 50 -4.71 -7.80 22.99
C ARG B 50 -5.86 -8.58 22.35
N ASN B 51 -5.65 -9.87 22.13
CA ASN B 51 -6.70 -10.72 21.58
C ASN B 51 -7.51 -11.45 22.65
N ALA B 52 -7.39 -10.98 23.89
CA ALA B 52 -8.18 -11.52 25.00
C ALA B 52 -9.69 -11.55 24.73
N PRO B 53 -10.27 -10.47 24.17
CA PRO B 53 -11.71 -10.56 23.91
C PRO B 53 -12.09 -11.73 22.98
N LEU B 54 -11.30 -11.93 21.93
CA LEU B 54 -11.52 -13.07 21.04
C LEU B 54 -11.33 -14.38 21.77
N ALA B 55 -10.26 -14.46 22.57
CA ALA B 55 -9.92 -15.67 23.29
C ALA B 55 -11.06 -16.14 24.19
N PHE B 56 -11.55 -15.25 25.05
CA PHE B 56 -12.64 -15.57 25.95
C PHE B 56 -13.89 -16.02 25.18
N ALA B 57 -14.24 -15.28 24.14
CA ALA B 57 -15.43 -15.59 23.34
C ALA B 57 -15.30 -16.92 22.61
N LEU B 58 -14.08 -17.22 22.13
CA LEU B 58 -13.84 -18.47 21.41
C LEU B 58 -13.89 -19.67 22.36
N GLN B 59 -13.42 -19.49 23.58
CA GLN B 59 -13.45 -20.59 24.55
C GLN B 59 -14.88 -20.91 24.96
N ASP B 60 -15.68 -19.86 25.17
CA ASP B 60 -17.09 -20.04 25.53
C ASP B 60 -17.84 -20.84 24.45
N ALA B 61 -17.45 -20.62 23.20
CA ALA B 61 -18.06 -21.33 22.08
C ALA B 61 -17.54 -22.76 21.99
N ASP B 62 -16.30 -22.96 22.40
CA ASP B 62 -15.71 -24.29 22.48
C ASP B 62 -16.39 -25.09 23.58
N ARG B 63 -16.59 -24.45 24.73
CA ARG B 63 -17.24 -25.08 25.88
C ARG B 63 -18.64 -25.53 25.54
N SER B 64 -19.34 -24.72 24.74
CA SER B 64 -20.71 -25.01 24.33
C SER B 64 -20.74 -26.00 23.18
N GLY B 65 -19.57 -26.30 22.63
CA GLY B 65 -19.47 -27.25 21.53
C GLY B 65 -19.89 -26.69 20.19
N ARG B 66 -20.02 -25.36 20.11
CA ARG B 66 -20.37 -24.71 18.85
C ARG B 66 -19.19 -24.78 17.89
N ILE B 67 -17.99 -24.60 18.41
CA ILE B 67 -16.77 -24.77 17.63
C ILE B 67 -15.78 -25.67 18.35
N ARG B 68 -14.69 -26.01 17.65
CA ARG B 68 -13.59 -26.70 18.28
C ARG B 68 -12.34 -25.81 18.23
N LEU B 69 -11.89 -25.38 19.40
CA LEU B 69 -10.75 -24.48 19.51
C LEU B 69 -9.43 -25.24 19.51
N HIS B 70 -8.43 -24.68 18.83
CA HIS B 70 -7.08 -25.25 18.81
C HIS B 70 -6.05 -24.19 19.18
N VAL B 71 -5.38 -24.38 20.31
CA VAL B 71 -4.39 -23.40 20.77
C VAL B 71 -2.97 -23.80 20.36
N ARG B 72 -2.24 -22.85 19.81
CA ARG B 72 -0.85 -23.09 19.42
C ARG B 72 0.03 -21.93 19.88
N ILE B 73 1.34 -22.15 19.94
CA ILE B 73 2.26 -21.13 20.41
C ILE B 73 2.88 -20.35 19.24
N ASP B 74 3.27 -21.07 18.20
CA ASP B 74 3.91 -20.46 17.04
C ASP B 74 2.86 -20.09 16.00
N GLU B 75 2.69 -18.79 15.77
CA GLU B 75 1.69 -18.29 14.83
C GLU B 75 1.91 -18.80 13.40
N ARG B 76 3.16 -18.98 13.00
CA ARG B 76 3.45 -19.38 11.63
C ARG B 76 2.93 -20.78 11.34
N THR B 77 3.27 -21.73 12.21
CA THR B 77 2.84 -23.09 11.99
C THR B 77 1.34 -23.21 12.32
N ALA B 78 0.85 -22.30 13.16
CA ALA B 78 -0.58 -22.26 13.46
C ALA B 78 -1.40 -21.92 12.22
N GLY B 79 -0.85 -21.05 11.37
CA GLY B 79 -1.49 -20.73 10.11
C GLY B 79 -1.65 -21.96 9.23
N TYR B 80 -0.62 -22.79 9.20
CA TYR B 80 -0.67 -24.02 8.41
C TYR B 80 -1.59 -25.05 9.05
N LEU B 81 -1.75 -24.96 10.37
CA LEU B 81 -2.71 -25.80 11.08
C LEU B 81 -4.12 -25.49 10.59
N ALA B 82 -4.41 -24.20 10.47
CA ALA B 82 -5.71 -23.76 9.99
C ALA B 82 -5.93 -24.18 8.54
N ILE B 83 -4.87 -24.07 7.73
CA ILE B 83 -4.93 -24.53 6.34
C ILE B 83 -5.31 -26.00 6.28
N GLY B 84 -4.68 -26.80 7.15
CA GLY B 84 -5.04 -28.20 7.28
C GLY B 84 -6.48 -28.39 7.65
N LEU B 85 -6.93 -27.65 8.66
CA LEU B 85 -8.32 -27.73 9.11
C LEU B 85 -9.31 -27.34 8.01
N ALA B 86 -8.87 -26.48 7.10
CA ALA B 86 -9.74 -26.02 6.01
C ALA B 86 -9.80 -27.00 4.85
N ILE B 87 -8.66 -27.55 4.45
CA ILE B 87 -8.63 -28.43 3.28
C ILE B 87 -9.08 -29.85 3.62
N GLY B 88 -9.14 -30.16 4.90
CA GLY B 88 -9.56 -31.48 5.35
C GLY B 88 -11.03 -31.77 5.08
N ALA B 89 -11.86 -30.74 5.18
CA ALA B 89 -13.31 -30.92 5.02
C ALA B 89 -13.93 -29.86 4.10
N GLY B 90 -13.20 -28.78 3.87
CA GLY B 90 -13.66 -27.74 2.95
C GLY B 90 -14.44 -26.61 3.61
N ALA B 91 -14.23 -26.43 4.90
CA ALA B 91 -14.89 -25.35 5.64
C ALA B 91 -13.96 -24.18 5.85
N PRO B 92 -14.52 -22.96 5.98
CA PRO B 92 -13.69 -21.79 6.32
C PRO B 92 -13.15 -21.92 7.74
N VAL B 93 -11.89 -21.54 7.94
CA VAL B 93 -11.25 -21.66 9.25
C VAL B 93 -10.59 -20.35 9.68
N CYS B 94 -10.80 -19.97 10.93
CA CYS B 94 -10.19 -18.76 11.47
C CYS B 94 -8.93 -19.06 12.25
N VAL B 95 -7.94 -18.19 12.13
CA VAL B 95 -6.79 -18.22 13.02
C VAL B 95 -6.69 -16.86 13.70
N ALA B 96 -6.73 -16.86 15.03
CA ALA B 96 -6.76 -15.61 15.80
C ALA B 96 -5.48 -15.42 16.58
N MET B 97 -4.90 -14.22 16.47
CA MET B 97 -3.65 -13.92 17.18
C MET B 97 -3.61 -12.47 17.62
N THR B 98 -2.59 -12.14 18.41
CA THR B 98 -2.44 -10.79 18.95
C THR B 98 -1.73 -9.88 17.96
N SER B 99 -1.60 -8.60 18.31
CA SER B 99 -0.97 -7.62 17.43
C SER B 99 0.55 -7.82 17.35
N GLY B 100 1.15 -7.32 16.28
CA GLY B 100 2.59 -7.35 16.12
C GLY B 100 3.09 -8.41 15.16
N THR B 101 4.28 -8.93 15.42
CA THR B 101 4.89 -9.95 14.56
C THR B 101 4.06 -11.22 14.50
N ALA B 102 3.19 -11.41 15.49
CA ALA B 102 2.26 -12.54 15.48
C ALA B 102 1.47 -12.56 14.18
N VAL B 103 1.01 -11.39 13.76
CA VAL B 103 0.26 -11.25 12.51
C VAL B 103 1.19 -11.48 11.31
N ALA B 104 2.38 -10.89 11.37
CA ALA B 104 3.37 -11.05 10.31
C ALA B 104 3.74 -12.51 10.08
N ASN B 105 3.76 -13.29 11.17
CA ASN B 105 4.09 -14.71 11.09
C ASN B 105 3.08 -15.53 10.30
N LEU B 106 1.93 -14.94 10.03
CA LEU B 106 0.89 -15.61 9.25
C LEU B 106 1.14 -15.46 7.75
N GLY B 107 2.15 -14.68 7.40
CA GLY B 107 2.53 -14.43 6.03
C GLY B 107 2.63 -15.65 5.12
N PRO B 108 3.53 -16.59 5.45
CA PRO B 108 3.73 -17.81 4.64
C PRO B 108 2.44 -18.59 4.39
N ALA B 109 1.63 -18.77 5.44
CA ALA B 109 0.38 -19.51 5.32
C ALA B 109 -0.62 -18.79 4.41
N VAL B 110 -0.61 -17.46 4.45
CA VAL B 110 -1.51 -16.65 3.63
C VAL B 110 -1.16 -16.80 2.15
N VAL B 111 0.14 -16.78 1.85
CA VAL B 111 0.60 -16.97 0.47
C VAL B 111 0.15 -18.32 -0.07
N GLU B 112 0.27 -19.36 0.76
CA GLU B 112 -0.18 -20.69 0.38
C GLU B 112 -1.68 -20.72 0.15
N ALA B 113 -2.42 -20.17 1.11
CA ALA B 113 -3.88 -20.15 1.04
C ALA B 113 -4.36 -19.38 -0.19
N ASN B 114 -3.59 -18.36 -0.59
CA ASN B 114 -3.91 -17.59 -1.78
C ASN B 114 -3.87 -18.44 -3.05
N TYR B 115 -2.77 -19.16 -3.24
CA TYR B 115 -2.56 -19.89 -4.48
C TYR B 115 -3.22 -21.26 -4.49
N ALA B 116 -3.48 -21.81 -3.30
CA ALA B 116 -4.22 -23.06 -3.21
C ALA B 116 -5.71 -22.80 -3.06
N ARG B 117 -6.07 -21.52 -2.99
CA ARG B 117 -7.47 -21.08 -2.86
C ARG B 117 -8.13 -21.66 -1.61
N VAL B 118 -7.51 -21.42 -0.46
CA VAL B 118 -8.00 -21.94 0.83
C VAL B 118 -8.69 -20.85 1.63
N PRO B 119 -9.93 -21.11 2.10
CA PRO B 119 -10.68 -20.14 2.89
C PRO B 119 -10.08 -19.88 4.27
N LEU B 120 -8.91 -19.26 4.30
CA LEU B 120 -8.23 -18.96 5.55
C LEU B 120 -8.55 -17.56 6.05
N ILE B 121 -9.22 -17.47 7.21
CA ILE B 121 -9.54 -16.16 7.77
C ILE B 121 -8.54 -15.78 8.85
N VAL B 122 -7.71 -14.78 8.56
CA VAL B 122 -6.76 -14.27 9.54
C VAL B 122 -7.45 -13.26 10.43
N LEU B 123 -7.76 -13.66 11.66
CA LEU B 123 -8.51 -12.83 12.60
C LEU B 123 -7.58 -12.20 13.63
N SER B 124 -7.07 -11.02 13.31
CA SER B 124 -6.05 -10.39 14.14
C SER B 124 -6.63 -9.33 15.08
N ALA B 125 -6.19 -9.37 16.33
CA ALA B 125 -6.45 -8.27 17.24
C ALA B 125 -5.42 -7.19 17.00
N ASN B 126 -5.79 -5.95 17.31
CA ASN B 126 -4.89 -4.83 17.10
C ASN B 126 -5.10 -3.76 18.16
N ARG B 127 -4.08 -2.93 18.37
CA ARG B 127 -4.25 -1.68 19.09
C ARG B 127 -5.20 -0.81 18.29
N PRO B 128 -5.84 0.18 18.94
CA PRO B 128 -6.61 1.15 18.16
C PRO B 128 -5.71 1.83 17.11
N TYR B 129 -6.25 2.12 15.94
CA TYR B 129 -5.44 2.68 14.85
C TYR B 129 -4.86 4.03 15.24
N GLU B 130 -5.48 4.69 16.22
CA GLU B 130 -5.01 5.97 16.74
C GLU B 130 -3.60 5.88 17.32
N LEU B 131 -3.24 4.70 17.81
CA LEU B 131 -1.93 4.50 18.45
C LEU B 131 -0.82 4.28 17.44
N LEU B 132 -1.18 4.03 16.18
CA LEU B 132 -0.20 3.81 15.13
C LEU B 132 0.64 5.06 14.92
N GLY B 133 1.96 4.91 15.10
CA GLY B 133 2.88 6.02 14.92
C GLY B 133 3.20 6.73 16.23
N THR B 134 2.59 6.28 17.32
CA THR B 134 2.78 6.92 18.62
C THR B 134 3.90 6.25 19.41
N GLY B 135 4.47 5.18 18.87
CA GLY B 135 5.53 4.46 19.55
C GLY B 135 4.98 3.52 20.61
N ALA B 136 3.67 3.26 20.52
CA ALA B 136 3.03 2.32 21.44
C ALA B 136 3.61 0.92 21.28
N ASN B 137 3.76 0.22 22.40
CA ASN B 137 4.34 -1.11 22.41
C ASN B 137 3.56 -2.10 21.54
N GLN B 138 4.29 -2.88 20.73
CA GLN B 138 3.72 -3.97 19.96
C GLN B 138 2.65 -3.51 18.95
N THR B 139 2.90 -2.37 18.32
CA THR B 139 1.98 -1.86 17.30
C THR B 139 2.70 -1.65 15.98
N MET B 140 2.04 -2.03 14.88
CA MET B 140 2.62 -1.90 13.55
C MET B 140 1.54 -1.71 12.50
N GLU B 141 1.96 -1.41 11.27
CA GLU B 141 1.05 -1.32 10.14
C GLU B 141 0.48 -2.70 9.82
N GLN B 142 -0.63 -3.05 10.45
CA GLN B 142 -1.24 -4.36 10.28
C GLN B 142 -2.19 -4.41 9.10
N LEU B 143 -3.08 -3.43 9.04
CA LEU B 143 -4.03 -3.32 7.93
C LEU B 143 -3.28 -3.07 6.63
N GLY B 144 -3.38 -4.01 5.71
CA GLY B 144 -2.70 -3.90 4.43
C GLY B 144 -1.40 -4.69 4.36
N TYR B 145 -1.03 -5.33 5.46
CA TYR B 145 0.23 -6.06 5.54
C TYR B 145 0.38 -7.15 4.47
N PHE B 146 -0.72 -7.80 4.12
CA PHE B 146 -0.67 -8.93 3.21
C PHE B 146 -0.81 -8.51 1.76
N GLY B 147 -1.07 -7.23 1.54
CA GLY B 147 -1.13 -6.67 0.20
C GLY B 147 -2.11 -7.37 -0.72
N THR B 148 -1.60 -7.89 -1.82
CA THR B 148 -2.44 -8.49 -2.86
C THR B 148 -2.78 -9.95 -2.56
N GLN B 149 -2.13 -10.54 -1.56
CA GLN B 149 -2.29 -11.95 -1.26
C GLN B 149 -3.70 -12.32 -0.79
N VAL B 150 -4.39 -11.38 -0.16
CA VAL B 150 -5.71 -11.66 0.41
C VAL B 150 -6.84 -11.26 -0.54
N ARG B 151 -7.97 -11.95 -0.42
CA ARG B 151 -9.16 -11.65 -1.21
C ARG B 151 -9.80 -10.35 -0.73
N ALA B 152 -9.60 -10.06 0.55
CA ALA B 152 -10.16 -8.86 1.15
C ALA B 152 -9.39 -8.50 2.41
N SER B 153 -9.29 -7.20 2.66
CA SER B 153 -8.69 -6.70 3.88
C SER B 153 -9.72 -5.82 4.58
N ILE B 154 -10.33 -6.37 5.63
CA ILE B 154 -11.48 -5.71 6.25
C ILE B 154 -11.23 -5.41 7.72
N SER B 155 -11.50 -4.16 8.11
CA SER B 155 -11.37 -3.75 9.50
C SER B 155 -12.74 -3.57 10.12
N LEU B 156 -12.88 -3.98 11.38
CA LEU B 156 -14.15 -3.95 12.07
C LEU B 156 -14.44 -2.56 12.67
N GLY B 157 -13.37 -1.84 12.99
CA GLY B 157 -13.51 -0.54 13.63
C GLY B 157 -13.65 -0.68 15.14
N LEU B 158 -13.17 0.32 15.87
CA LEU B 158 -13.20 0.30 17.32
C LEU B 158 -14.62 0.35 17.86
N ALA B 159 -14.90 -0.50 18.85
CA ALA B 159 -16.24 -0.56 19.44
C ALA B 159 -16.50 0.65 20.33
N GLU B 160 -17.63 1.32 20.10
CA GLU B 160 -17.97 2.54 20.82
C GLU B 160 -18.63 2.26 22.17
N ASP B 161 -18.66 3.28 23.03
CA ASP B 161 -19.22 3.15 24.36
C ASP B 161 -20.72 3.38 24.40
N ALA B 162 -21.27 3.93 23.31
CA ALA B 162 -22.67 4.35 23.26
C ALA B 162 -23.65 3.19 23.19
N PRO B 163 -24.45 2.99 24.26
CA PRO B 163 -25.41 1.89 24.39
C PRO B 163 -26.57 1.96 23.40
N GLU B 164 -26.97 3.16 22.99
CA GLU B 164 -28.10 3.31 22.09
C GLU B 164 -27.71 3.04 20.63
N ARG B 165 -26.43 2.77 20.41
CA ARG B 165 -25.94 2.40 19.09
C ARG B 165 -25.80 0.89 18.94
N THR B 166 -26.16 0.16 20.00
CA THR B 166 -25.94 -1.28 20.06
C THR B 166 -26.58 -2.04 18.91
N SER B 167 -27.80 -1.67 18.56
CA SER B 167 -28.53 -2.34 17.49
C SER B 167 -27.89 -2.09 16.12
N ALA B 168 -27.51 -0.83 15.88
CA ALA B 168 -26.90 -0.46 14.61
C ALA B 168 -25.50 -1.06 14.46
N LEU B 169 -24.78 -1.14 15.58
CA LEU B 169 -23.43 -1.69 15.58
C LEU B 169 -23.46 -3.20 15.40
N ASN B 170 -24.49 -3.85 15.95
CA ASN B 170 -24.68 -5.28 15.76
C ASN B 170 -24.84 -5.61 14.28
N ALA B 171 -25.58 -4.77 13.57
CA ALA B 171 -25.83 -4.98 12.15
C ALA B 171 -24.56 -4.82 11.33
N THR B 172 -23.79 -3.78 11.63
CA THR B 172 -22.57 -3.50 10.87
C THR B 172 -21.49 -4.53 11.14
N TRP B 173 -21.38 -4.98 12.39
CA TRP B 173 -20.41 -6.00 12.77
C TRP B 173 -20.70 -7.32 12.08
N ARG B 174 -21.98 -7.71 12.09
CA ARG B 174 -22.37 -8.98 11.51
C ARG B 174 -22.32 -8.93 9.98
N SER B 175 -22.65 -7.77 9.42
CA SER B 175 -22.55 -7.57 7.97
C SER B 175 -21.11 -7.70 7.53
N ALA B 176 -20.20 -7.06 8.27
CA ALA B 176 -18.78 -7.13 7.98
C ALA B 176 -18.27 -8.56 8.03
N THR B 177 -18.69 -9.29 9.05
CA THR B 177 -18.31 -10.69 9.21
C THR B 177 -18.78 -11.52 8.03
N CYS B 178 -19.98 -11.21 7.54
CA CYS B 178 -20.52 -11.92 6.37
C CYS B 178 -19.72 -11.59 5.11
N ARG B 179 -19.25 -10.36 5.01
CA ARG B 179 -18.39 -9.97 3.89
C ARG B 179 -17.08 -10.75 3.95
N VAL B 180 -16.51 -10.86 5.15
CA VAL B 180 -15.28 -11.62 5.38
C VAL B 180 -15.45 -13.07 4.97
N LEU B 181 -16.58 -13.67 5.38
CA LEU B 181 -16.86 -15.06 5.05
C LEU B 181 -17.10 -15.27 3.55
N ALA B 182 -17.84 -14.35 2.93
CA ALA B 182 -18.16 -14.46 1.51
C ALA B 182 -16.90 -14.38 0.66
N ALA B 183 -16.00 -13.46 1.03
CA ALA B 183 -14.74 -13.31 0.32
C ALA B 183 -13.84 -14.52 0.50
N ALA B 184 -13.84 -15.09 1.70
CA ALA B 184 -12.97 -16.21 2.01
C ALA B 184 -13.40 -17.48 1.29
N THR B 185 -14.72 -17.69 1.20
CA THR B 185 -15.25 -18.92 0.60
C THR B 185 -15.46 -18.78 -0.90
N GLY B 186 -15.36 -17.55 -1.41
CA GLY B 186 -15.63 -17.29 -2.81
C GLY B 186 -17.10 -17.45 -3.13
N ALA B 187 -17.94 -17.03 -2.19
CA ALA B 187 -19.40 -17.19 -2.31
C ALA B 187 -19.96 -16.42 -3.50
N ARG B 188 -19.36 -15.27 -3.81
CA ARG B 188 -19.79 -14.49 -4.97
C ARG B 188 -18.76 -14.52 -6.10
N THR B 189 -17.50 -14.81 -5.77
CA THR B 189 -16.40 -14.72 -6.74
C THR B 189 -16.01 -16.07 -7.34
N ALA B 190 -16.42 -17.15 -6.68
CA ALA B 190 -15.99 -18.50 -7.03
C ALA B 190 -14.48 -18.65 -6.92
N ASN B 191 -13.86 -17.81 -6.11
CA ASN B 191 -12.43 -17.88 -5.90
C ASN B 191 -12.04 -17.76 -4.43
N ALA B 192 -12.16 -18.87 -3.70
CA ALA B 192 -11.83 -18.90 -2.29
C ALA B 192 -10.37 -18.50 -2.06
N GLY B 193 -10.09 -18.00 -0.87
CA GLY B 193 -8.76 -17.55 -0.51
C GLY B 193 -8.73 -16.90 0.86
N PRO B 194 -7.54 -16.45 1.29
CA PRO B 194 -7.37 -15.84 2.61
C PRO B 194 -7.97 -14.45 2.72
N VAL B 195 -8.47 -14.13 3.91
CA VAL B 195 -9.04 -12.82 4.20
C VAL B 195 -8.48 -12.29 5.51
N HIS B 196 -8.03 -11.04 5.50
CA HIS B 196 -7.53 -10.41 6.72
C HIS B 196 -8.67 -9.66 7.40
N PHE B 197 -9.05 -10.14 8.59
CA PHE B 197 -10.10 -9.52 9.39
C PHE B 197 -9.48 -8.89 10.63
N ASP B 198 -9.28 -7.58 10.60
CA ASP B 198 -8.56 -6.89 11.66
C ASP B 198 -9.54 -6.23 12.62
N ILE B 199 -9.32 -6.44 13.92
CA ILE B 199 -10.22 -5.90 14.94
C ILE B 199 -9.46 -5.07 15.97
N PRO B 200 -9.57 -3.74 15.87
CA PRO B 200 -8.95 -2.87 16.86
C PRO B 200 -9.66 -3.00 18.21
N LEU B 201 -8.89 -3.17 19.28
CA LEU B 201 -9.46 -3.38 20.60
C LEU B 201 -8.76 -2.51 21.64
N ARG B 202 -9.50 -2.07 22.65
CA ARG B 202 -8.91 -1.32 23.75
C ARG B 202 -9.49 -1.76 25.09
N GLU B 203 -8.74 -1.48 26.15
CA GLU B 203 -9.13 -1.86 27.51
C GLU B 203 -10.48 -1.26 27.90
N PRO B 204 -11.28 -2.02 28.67
CA PRO B 204 -11.01 -3.36 29.21
C PRO B 204 -11.09 -4.47 28.16
N LEU B 205 -10.17 -5.42 28.24
CA LEU B 205 -10.08 -6.49 27.26
C LEU B 205 -10.65 -7.80 27.81
N VAL B 206 -10.93 -7.81 29.11
CA VAL B 206 -11.53 -8.99 29.76
C VAL B 206 -13.00 -8.72 30.09
N PRO B 207 -13.82 -9.78 30.15
CA PRO B 207 -15.24 -9.60 30.44
C PRO B 207 -15.52 -9.17 31.88
N ASP B 208 -16.49 -8.26 32.04
CA ASP B 208 -16.96 -7.88 33.37
C ASP B 208 -17.65 -9.06 34.03
N PRO B 209 -17.79 -9.03 35.36
CA PRO B 209 -18.60 -10.07 36.01
C PRO B 209 -20.05 -10.00 35.55
N GLU B 210 -20.62 -11.13 35.14
CA GLU B 210 -22.00 -11.16 34.67
C GLU B 210 -22.82 -12.27 35.35
N PRO B 211 -23.29 -12.00 36.58
CA PRO B 211 -24.19 -12.91 37.31
C PRO B 211 -25.38 -13.37 36.47
N LEU B 212 -26.11 -12.42 35.88
CA LEU B 212 -27.21 -12.76 34.98
C LEU B 212 -26.65 -13.37 33.70
N GLY B 213 -25.59 -12.74 33.19
CA GLY B 213 -24.92 -13.21 31.99
C GLY B 213 -25.61 -12.81 30.71
N ALA B 214 -25.05 -13.26 29.59
CA ALA B 214 -25.64 -13.09 28.26
C ALA B 214 -25.85 -11.64 27.86
N VAL B 215 -27.02 -11.38 27.27
CA VAL B 215 -27.37 -10.09 26.66
C VAL B 215 -26.37 -9.79 25.53
N THR B 216 -26.15 -10.79 24.68
CA THR B 216 -25.43 -10.58 23.42
C THR B 216 -26.43 -10.21 22.35
N PRO B 217 -26.22 -9.09 21.66
CA PRO B 217 -27.08 -8.68 20.54
C PRO B 217 -27.27 -9.83 19.55
N PRO B 218 -28.53 -10.22 19.31
CA PRO B 218 -28.84 -11.45 18.58
C PRO B 218 -28.62 -11.35 17.07
N GLY B 219 -28.32 -12.48 16.45
CA GLY B 219 -28.29 -12.57 15.01
C GLY B 219 -29.70 -12.80 14.50
N ARG B 220 -29.81 -13.27 13.26
CA ARG B 220 -31.11 -13.57 12.66
C ARG B 220 -31.77 -14.74 13.37
N PRO B 221 -33.10 -14.86 13.26
CA PRO B 221 -33.81 -16.03 13.78
C PRO B 221 -33.35 -17.33 13.11
N ALA B 222 -33.44 -18.44 13.85
CA ALA B 222 -33.13 -19.77 13.35
C ALA B 222 -31.69 -19.93 12.87
N GLY B 223 -30.77 -19.22 13.52
CA GLY B 223 -29.34 -19.38 13.26
C GLY B 223 -28.86 -19.03 11.86
N LYS B 224 -29.69 -18.30 11.11
CA LYS B 224 -29.30 -17.85 9.78
C LYS B 224 -28.16 -16.83 9.84
N PRO B 225 -27.30 -16.80 8.81
CA PRO B 225 -26.30 -15.74 8.70
C PRO B 225 -26.99 -14.38 8.57
N TRP B 226 -26.35 -13.32 9.07
CA TRP B 226 -26.96 -11.99 9.07
C TRP B 226 -27.34 -11.56 7.66
N THR B 227 -26.39 -11.70 6.74
CA THR B 227 -26.65 -11.50 5.32
C THR B 227 -26.38 -12.80 4.60
N TYR B 228 -27.43 -13.48 4.16
CA TYR B 228 -27.28 -14.77 3.51
C TYR B 228 -26.87 -14.62 2.05
N THR B 229 -25.73 -15.22 1.71
CA THR B 229 -25.24 -15.21 0.34
C THR B 229 -24.91 -16.63 -0.11
N PRO B 230 -25.77 -17.20 -0.97
CA PRO B 230 -25.61 -18.59 -1.41
C PRO B 230 -24.38 -18.79 -2.28
N PRO B 231 -23.75 -19.97 -2.21
CA PRO B 231 -22.56 -20.25 -3.03
C PRO B 231 -22.89 -20.14 -4.51
N VAL B 232 -22.15 -19.28 -5.21
CA VAL B 232 -22.42 -18.99 -6.62
C VAL B 232 -22.12 -20.21 -7.50
N THR B 233 -22.94 -20.37 -8.54
CA THR B 233 -22.60 -21.32 -9.59
C THR B 233 -21.91 -20.57 -10.72
N PHE B 234 -20.62 -20.83 -10.88
CA PHE B 234 -19.82 -20.19 -11.91
C PHE B 234 -19.71 -21.12 -13.11
N ASP B 235 -20.26 -20.69 -14.24
CA ASP B 235 -20.38 -21.53 -15.42
C ASP B 235 -19.85 -20.89 -16.69
N GLN B 236 -19.06 -21.65 -17.44
CA GLN B 236 -18.51 -21.19 -18.72
C GLN B 236 -18.31 -22.39 -19.65
N PRO B 237 -19.34 -22.72 -20.45
CA PRO B 237 -19.25 -23.87 -21.36
C PRO B 237 -18.32 -23.63 -22.54
N LEU B 238 -17.54 -24.64 -22.89
CA LEU B 238 -16.56 -24.54 -23.97
C LEU B 238 -16.64 -25.76 -24.90
N ASP B 239 -16.76 -25.50 -26.20
CA ASP B 239 -16.87 -26.56 -27.20
C ASP B 239 -15.54 -27.27 -27.43
N ILE B 240 -15.51 -28.58 -27.21
CA ILE B 240 -14.33 -29.37 -27.51
C ILE B 240 -14.68 -30.61 -28.33
N ASP B 241 -13.94 -30.83 -29.41
CA ASP B 241 -14.10 -32.02 -30.23
C ASP B 241 -13.17 -33.12 -29.72
N LEU B 242 -13.75 -34.21 -29.24
CA LEU B 242 -12.99 -35.28 -28.61
C LEU B 242 -12.43 -36.29 -29.62
N SER B 243 -12.83 -36.17 -30.88
CA SER B 243 -12.33 -37.06 -31.93
C SER B 243 -10.86 -36.77 -32.18
N VAL B 244 -10.48 -35.50 -32.04
CA VAL B 244 -9.08 -35.11 -32.10
C VAL B 244 -8.32 -35.78 -30.95
N ASP B 245 -7.12 -36.29 -31.23
CA ASP B 245 -6.35 -37.00 -30.22
C ASP B 245 -6.09 -36.12 -29.01
N THR B 246 -6.73 -36.47 -27.90
CA THR B 246 -6.76 -35.60 -26.73
C THR B 246 -6.13 -36.25 -25.50
N VAL B 247 -5.28 -35.50 -24.81
CA VAL B 247 -4.82 -35.92 -23.50
C VAL B 247 -5.32 -34.92 -22.47
N VAL B 248 -5.67 -35.42 -21.29
CA VAL B 248 -6.14 -34.56 -20.22
C VAL B 248 -5.07 -34.44 -19.13
N ILE B 249 -4.70 -33.21 -18.82
CA ILE B 249 -3.76 -32.95 -17.73
C ILE B 249 -4.50 -32.26 -16.58
N SER B 250 -4.61 -32.94 -15.44
CA SER B 250 -5.32 -32.35 -14.31
C SER B 250 -4.36 -32.06 -13.16
N GLY B 251 -4.41 -30.82 -12.67
CA GLY B 251 -3.54 -30.39 -11.59
C GLY B 251 -4.31 -30.01 -10.35
N HIS B 252 -3.67 -29.23 -9.49
CA HIS B 252 -4.27 -28.83 -8.22
C HIS B 252 -5.54 -28.00 -8.44
N GLY B 253 -6.58 -28.32 -7.68
CA GLY B 253 -7.84 -27.58 -7.76
C GLY B 253 -8.67 -27.90 -8.98
N ALA B 254 -8.32 -28.97 -9.69
CA ALA B 254 -9.06 -29.39 -10.87
C ALA B 254 -10.45 -29.88 -10.49
N GLY B 255 -11.40 -29.76 -11.41
CA GLY B 255 -12.76 -30.20 -11.19
C GLY B 255 -13.00 -31.61 -11.70
N VAL B 256 -14.21 -32.12 -11.48
CA VAL B 256 -14.59 -33.45 -11.94
C VAL B 256 -15.45 -33.36 -13.20
N HIS B 257 -15.03 -34.07 -14.25
CA HIS B 257 -15.69 -33.99 -15.55
C HIS B 257 -16.04 -35.37 -16.10
N PRO B 258 -17.27 -35.85 -15.81
CA PRO B 258 -17.77 -37.14 -16.29
C PRO B 258 -17.63 -37.33 -17.81
N ASN B 259 -17.87 -36.28 -18.59
CA ASN B 259 -17.81 -36.40 -20.04
C ASN B 259 -16.37 -36.45 -20.59
N LEU B 260 -15.39 -36.51 -19.70
CA LEU B 260 -14.00 -36.63 -20.10
C LEU B 260 -13.35 -37.88 -19.49
N ALA B 261 -14.18 -38.70 -18.85
CA ALA B 261 -13.70 -39.88 -18.12
C ALA B 261 -13.00 -40.90 -19.02
N ALA B 262 -13.36 -40.93 -20.29
CA ALA B 262 -12.82 -41.93 -21.22
C ALA B 262 -11.41 -41.58 -21.68
N LEU B 263 -11.06 -40.30 -21.65
CA LEU B 263 -9.80 -39.81 -22.20
C LEU B 263 -8.60 -40.20 -21.35
N PRO B 264 -7.44 -40.41 -22.00
CA PRO B 264 -6.16 -40.62 -21.28
C PRO B 264 -5.85 -39.41 -20.42
N THR B 265 -5.50 -39.66 -19.16
CA THR B 265 -5.43 -38.57 -18.18
C THR B 265 -4.18 -38.64 -17.31
N VAL B 266 -3.36 -37.60 -17.41
CA VAL B 266 -2.22 -37.46 -16.50
C VAL B 266 -2.66 -36.62 -15.31
N ALA B 267 -2.89 -37.27 -14.18
CA ALA B 267 -3.43 -36.59 -13.01
C ALA B 267 -2.43 -36.52 -11.87
N GLU B 268 -2.18 -35.30 -11.39
CA GLU B 268 -1.42 -35.12 -10.16
C GLU B 268 -2.18 -35.77 -9.01
N PRO B 269 -1.44 -36.23 -7.98
CA PRO B 269 -2.04 -36.90 -6.80
C PRO B 269 -3.19 -36.14 -6.13
N THR B 270 -3.11 -34.80 -6.13
CA THR B 270 -4.14 -34.00 -5.47
C THR B 270 -5.36 -33.77 -6.34
N ALA B 271 -5.24 -34.07 -7.63
CA ALA B 271 -6.34 -33.86 -8.56
C ALA B 271 -7.38 -34.97 -8.43
N PRO B 272 -8.65 -34.60 -8.27
CA PRO B 272 -9.73 -35.60 -8.26
C PRO B 272 -9.89 -36.24 -9.64
N ARG B 273 -9.99 -37.56 -9.68
CA ARG B 273 -10.08 -38.28 -10.95
C ARG B 273 -11.51 -38.33 -11.48
N SER B 274 -11.65 -38.30 -12.79
CA SER B 274 -12.97 -38.32 -13.41
C SER B 274 -13.34 -39.73 -13.88
N GLY B 275 -12.35 -40.45 -14.41
CA GLY B 275 -12.58 -41.81 -14.89
C GLY B 275 -11.44 -42.73 -14.54
N ASP B 276 -11.30 -43.81 -15.31
CA ASP B 276 -10.19 -44.74 -15.09
C ASP B 276 -9.53 -45.09 -16.42
N ASN B 277 -9.02 -44.07 -17.10
CA ASN B 277 -8.08 -44.27 -18.18
C ASN B 277 -6.83 -43.45 -17.90
N PRO B 278 -6.03 -43.89 -16.91
CA PRO B 278 -4.89 -43.10 -16.47
C PRO B 278 -3.72 -43.18 -17.45
N LEU B 279 -2.95 -42.11 -17.51
CA LEU B 279 -1.73 -42.08 -18.31
C LEU B 279 -0.57 -41.64 -17.42
N HIS B 280 0.36 -42.55 -17.16
CA HIS B 280 1.53 -42.25 -16.34
C HIS B 280 2.29 -41.08 -16.96
N PRO B 281 2.77 -40.15 -16.12
CA PRO B 281 3.50 -38.96 -16.60
C PRO B 281 4.75 -39.31 -17.41
N LEU B 282 5.37 -40.46 -17.12
CA LEU B 282 6.56 -40.87 -17.85
C LEU B 282 6.21 -41.33 -19.26
N ALA B 283 4.95 -41.70 -19.47
CA ALA B 283 4.50 -42.19 -20.76
C ALA B 283 4.18 -41.02 -21.69
N LEU B 284 4.03 -39.84 -21.12
CA LEU B 284 3.61 -38.65 -21.87
C LEU B 284 4.60 -38.19 -22.95
N PRO B 285 5.91 -38.18 -22.66
CA PRO B 285 6.83 -37.79 -23.74
C PRO B 285 6.87 -38.77 -24.91
N LEU B 286 6.33 -39.98 -24.71
CA LEU B 286 6.33 -40.99 -25.75
C LEU B 286 5.18 -40.78 -26.74
N LEU B 287 4.30 -39.83 -26.42
CA LEU B 287 3.11 -39.58 -27.23
C LEU B 287 3.10 -38.20 -27.85
N ARG B 288 2.27 -38.03 -28.87
CA ARG B 288 2.10 -36.74 -29.52
C ARG B 288 0.63 -36.40 -29.63
N PRO B 289 0.03 -35.92 -28.51
CA PRO B 289 -1.39 -35.52 -28.53
C PRO B 289 -1.61 -34.35 -29.47
N GLN B 290 -2.77 -34.32 -30.12
CA GLN B 290 -3.08 -33.26 -31.06
C GLN B 290 -3.79 -32.09 -30.38
N GLN B 291 -4.29 -32.33 -29.18
CA GLN B 291 -4.83 -31.26 -28.34
C GLN B 291 -4.79 -31.67 -26.87
N VAL B 292 -4.73 -30.67 -26.00
CA VAL B 292 -4.63 -30.91 -24.57
C VAL B 292 -5.75 -30.22 -23.82
N ILE B 293 -6.44 -30.96 -22.95
CA ILE B 293 -7.38 -30.37 -22.01
C ILE B 293 -6.73 -30.28 -20.64
N MET B 294 -6.58 -29.05 -20.14
CA MET B 294 -5.89 -28.80 -18.90
C MET B 294 -6.87 -28.46 -17.77
N LEU B 295 -6.95 -29.32 -16.77
CA LEU B 295 -7.85 -29.10 -15.64
C LEU B 295 -7.10 -28.53 -14.45
N GLY B 296 -7.63 -27.47 -13.86
CA GLY B 296 -7.02 -26.84 -12.71
C GLY B 296 -5.65 -26.25 -13.01
N ARG B 297 -4.75 -26.36 -12.05
CA ARG B 297 -3.43 -25.73 -12.14
C ARG B 297 -2.33 -26.77 -11.98
N PRO B 298 -1.88 -27.35 -13.11
CA PRO B 298 -0.84 -28.38 -13.10
C PRO B 298 0.57 -27.81 -13.14
N THR B 299 1.39 -28.14 -12.15
CA THR B 299 2.76 -27.64 -12.09
C THR B 299 3.76 -28.74 -11.72
N LEU B 300 3.26 -29.93 -11.39
CA LEU B 300 4.09 -30.98 -10.83
C LEU B 300 5.14 -31.54 -11.80
N HIS B 301 4.67 -32.11 -12.91
CA HIS B 301 5.54 -32.92 -13.76
C HIS B 301 6.30 -32.11 -14.81
N ARG B 302 7.58 -32.43 -14.95
CA ARG B 302 8.42 -31.86 -16.00
C ARG B 302 7.95 -32.26 -17.41
N PRO B 303 7.62 -33.55 -17.65
CA PRO B 303 7.06 -33.89 -18.96
C PRO B 303 5.79 -33.10 -19.30
N VAL B 304 4.97 -32.85 -18.27
CA VAL B 304 3.78 -32.02 -18.43
C VAL B 304 4.18 -30.59 -18.79
N SER B 305 5.17 -30.07 -18.06
CA SER B 305 5.68 -28.72 -18.30
C SER B 305 6.22 -28.56 -19.73
N VAL B 306 6.92 -29.59 -20.21
CA VAL B 306 7.47 -29.58 -21.56
C VAL B 306 6.37 -29.50 -22.62
N LEU B 307 5.35 -30.34 -22.46
CA LEU B 307 4.25 -30.41 -23.41
C LEU B 307 3.45 -29.10 -23.47
N LEU B 308 3.11 -28.56 -22.31
CA LEU B 308 2.36 -27.31 -22.23
C LEU B 308 3.20 -26.13 -22.71
N ALA B 309 4.51 -26.22 -22.51
CA ALA B 309 5.43 -25.18 -22.98
C ALA B 309 5.49 -25.15 -24.51
N ASP B 310 5.36 -26.32 -25.12
CA ASP B 310 5.30 -26.40 -26.58
C ASP B 310 4.06 -25.62 -27.00
N ALA B 311 4.27 -24.52 -27.71
CA ALA B 311 3.15 -23.63 -28.07
C ALA B 311 2.55 -24.01 -29.43
N GLU B 312 2.77 -25.24 -29.87
CA GLU B 312 2.18 -25.72 -31.11
C GLU B 312 0.92 -26.54 -30.83
N VAL B 313 0.85 -27.14 -29.65
CA VAL B 313 -0.31 -27.93 -29.26
C VAL B 313 -1.40 -27.06 -28.66
N PRO B 314 -2.61 -27.12 -29.23
CA PRO B 314 -3.76 -26.38 -28.71
C PRO B 314 -4.14 -26.83 -27.30
N VAL B 315 -4.31 -25.87 -26.40
CA VAL B 315 -4.65 -26.17 -25.01
C VAL B 315 -5.98 -25.54 -24.61
N PHE B 316 -6.85 -26.35 -24.00
CA PHE B 316 -8.11 -25.85 -23.47
C PHE B 316 -8.09 -25.90 -21.95
N ALA B 317 -8.23 -24.74 -21.31
CA ALA B 317 -8.14 -24.66 -19.87
C ALA B 317 -9.52 -24.70 -19.21
N LEU B 318 -9.75 -25.75 -18.41
CA LEU B 318 -11.01 -25.89 -17.68
C LEU B 318 -10.75 -25.75 -16.18
N THR B 319 -11.37 -24.75 -15.57
CA THR B 319 -11.16 -24.45 -14.16
C THR B 319 -12.48 -24.28 -13.40
N THR B 320 -12.43 -24.42 -12.07
CA THR B 320 -13.62 -24.29 -11.25
C THR B 320 -13.92 -22.82 -10.96
N GLY B 321 -12.87 -21.98 -10.96
CA GLY B 321 -13.03 -20.56 -10.72
C GLY B 321 -12.49 -19.73 -11.87
N PRO B 322 -12.51 -18.39 -11.70
CA PRO B 322 -12.10 -17.44 -12.74
C PRO B 322 -10.61 -17.47 -13.07
N ARG B 323 -9.79 -17.99 -12.16
CA ARG B 323 -8.36 -18.13 -12.42
C ARG B 323 -8.08 -19.25 -13.42
N TRP B 324 -7.01 -19.10 -14.20
CA TRP B 324 -6.53 -20.18 -15.06
C TRP B 324 -5.02 -20.03 -15.24
N PRO B 325 -4.31 -21.17 -15.33
CA PRO B 325 -2.84 -21.11 -15.31
C PRO B 325 -2.23 -20.53 -16.58
N ASP B 326 -1.05 -19.93 -16.44
CA ASP B 326 -0.35 -19.33 -17.56
C ASP B 326 0.75 -20.25 -18.08
N VAL B 327 0.73 -21.50 -17.62
CA VAL B 327 1.81 -22.45 -17.90
C VAL B 327 1.89 -22.84 -19.37
N SER B 328 0.88 -22.49 -20.16
CA SER B 328 0.94 -22.70 -21.60
C SER B 328 0.68 -21.40 -22.35
N GLY B 329 1.49 -21.14 -23.37
CA GLY B 329 1.33 -19.95 -24.17
C GLY B 329 0.31 -20.16 -25.28
N ASN B 330 -0.23 -21.38 -25.36
CA ASN B 330 -1.17 -21.70 -26.43
C ASN B 330 -2.52 -22.16 -25.89
N SER B 331 -2.94 -21.61 -24.76
CA SER B 331 -4.31 -21.82 -24.31
C SER B 331 -5.25 -21.12 -25.28
N GLN B 332 -5.99 -21.91 -26.06
CA GLN B 332 -6.88 -21.36 -27.06
C GLN B 332 -8.13 -20.77 -26.45
N ALA B 333 -8.58 -21.36 -25.35
CA ALA B 333 -9.79 -20.90 -24.69
C ALA B 333 -9.89 -21.37 -23.24
N THR B 334 -10.78 -20.73 -22.50
CA THR B 334 -11.02 -21.08 -21.10
C THR B 334 -12.47 -21.51 -20.89
N GLY B 335 -12.70 -22.32 -19.87
CA GLY B 335 -14.04 -22.74 -19.54
C GLY B 335 -14.12 -23.36 -18.17
N THR B 336 -15.31 -23.78 -17.77
CA THR B 336 -15.50 -24.49 -16.52
C THR B 336 -15.87 -25.94 -16.81
N ARG B 337 -16.45 -26.13 -17.98
CA ARG B 337 -16.84 -27.47 -18.42
C ARG B 337 -16.75 -27.58 -19.94
N ALA B 338 -16.70 -28.82 -20.43
CA ALA B 338 -16.65 -29.05 -21.86
C ALA B 338 -18.02 -29.40 -22.40
N VAL B 339 -18.33 -28.88 -23.59
CA VAL B 339 -19.47 -29.34 -24.37
C VAL B 339 -18.92 -30.17 -25.52
N THR B 340 -18.98 -31.48 -25.38
CA THR B 340 -18.21 -32.38 -26.24
C THR B 340 -18.98 -32.93 -27.44
N THR B 341 -18.27 -33.05 -28.55
CA THR B 341 -18.76 -33.79 -29.71
C THR B 341 -17.71 -34.83 -30.08
N GLY B 342 -18.16 -35.95 -30.66
CA GLY B 342 -17.24 -36.99 -31.07
C GLY B 342 -16.69 -37.80 -29.90
N ALA B 343 -15.80 -38.74 -30.22
CA ALA B 343 -15.22 -39.63 -29.24
C ALA B 343 -13.78 -39.99 -29.62
N PRO B 344 -12.95 -40.33 -28.63
CA PRO B 344 -11.55 -40.66 -28.91
C PRO B 344 -11.40 -41.89 -29.81
N ARG B 345 -10.50 -41.81 -30.79
CA ARG B 345 -10.21 -42.91 -31.69
C ARG B 345 -9.67 -44.12 -30.91
N PRO B 346 -10.09 -45.33 -31.30
CA PRO B 346 -9.64 -46.55 -30.63
C PRO B 346 -8.13 -46.73 -30.69
N ALA B 347 -7.53 -46.30 -31.80
CA ALA B 347 -6.08 -46.40 -31.99
C ALA B 347 -5.34 -45.51 -31.00
N TRP B 348 -5.84 -44.29 -30.83
CA TRP B 348 -5.26 -43.35 -29.88
C TRP B 348 -5.29 -43.92 -28.47
N LEU B 349 -6.46 -44.45 -28.08
CA LEU B 349 -6.62 -45.05 -26.76
C LEU B 349 -5.71 -46.25 -26.56
N ASP B 350 -5.56 -47.06 -27.60
CA ASP B 350 -4.70 -48.24 -27.55
C ASP B 350 -3.24 -47.84 -27.36
N ARG B 351 -2.80 -46.83 -28.10
CA ARG B 351 -1.41 -46.38 -28.01
C ARG B 351 -1.11 -45.81 -26.63
N CYS B 352 -2.04 -45.00 -26.11
CA CYS B 352 -1.86 -44.42 -24.79
C CYS B 352 -1.80 -45.48 -23.70
N ALA B 353 -2.69 -46.47 -23.80
CA ALA B 353 -2.74 -47.55 -22.80
C ALA B 353 -1.45 -48.36 -22.81
N ALA B 354 -0.90 -48.57 -24.00
CA ALA B 354 0.34 -49.32 -24.14
C ALA B 354 1.51 -48.58 -23.53
N MET B 355 1.60 -47.28 -23.80
CA MET B 355 2.65 -46.44 -23.23
C MET B 355 2.50 -46.37 -21.72
N ASN B 356 1.26 -46.31 -21.26
CA ASN B 356 0.97 -46.32 -19.83
C ASN B 356 1.51 -47.59 -19.18
N ARG B 357 1.25 -48.73 -19.80
CA ARG B 357 1.72 -50.02 -19.29
C ARG B 357 3.24 -50.08 -19.28
N HIS B 358 3.87 -49.51 -20.31
CA HIS B 358 5.32 -49.45 -20.37
C HIS B 358 5.90 -48.72 -19.18
N ALA B 359 5.32 -47.57 -18.85
CA ALA B 359 5.80 -46.74 -17.75
C ALA B 359 5.63 -47.42 -16.41
N ILE B 360 4.46 -48.01 -16.18
CA ILE B 360 4.16 -48.70 -14.93
C ILE B 360 5.09 -49.90 -14.76
N ALA B 361 5.29 -50.64 -15.85
CA ALA B 361 6.15 -51.81 -15.82
C ALA B 361 7.59 -51.43 -15.50
N ALA B 362 8.06 -50.35 -16.11
CA ALA B 362 9.42 -49.87 -15.90
C ALA B 362 9.65 -49.48 -14.43
N VAL B 363 8.70 -48.75 -13.85
CA VAL B 363 8.83 -48.31 -12.47
C VAL B 363 8.82 -49.49 -11.51
N ARG B 364 7.84 -50.38 -11.64
CA ARG B 364 7.72 -51.52 -10.75
C ARG B 364 8.93 -52.45 -10.84
N GLU B 365 9.33 -52.79 -12.07
CA GLU B 365 10.41 -53.75 -12.27
C GLU B 365 11.76 -53.22 -11.78
N GLN B 366 12.02 -51.94 -12.01
CA GLN B 366 13.29 -51.36 -11.60
C GLN B 366 13.37 -51.15 -10.10
N LEU B 367 12.21 -50.90 -9.47
CA LEU B 367 12.16 -50.81 -8.02
C LEU B 367 12.51 -52.15 -7.39
N ALA B 368 11.93 -53.22 -7.93
CA ALA B 368 12.16 -54.56 -7.41
C ALA B 368 13.60 -55.01 -7.64
N ALA B 369 14.17 -54.66 -8.79
CA ALA B 369 15.52 -55.06 -9.13
C ALA B 369 16.57 -54.19 -8.44
N HIS B 370 16.11 -53.09 -7.82
CA HIS B 370 17.01 -52.20 -7.11
C HIS B 370 17.21 -52.70 -5.68
N PRO B 371 18.49 -52.90 -5.28
CA PRO B 371 18.82 -53.47 -3.97
C PRO B 371 18.43 -52.59 -2.79
N LEU B 372 18.88 -51.34 -2.79
CA LEU B 372 18.70 -50.46 -1.65
C LEU B 372 17.29 -49.87 -1.55
N THR B 373 16.92 -49.46 -0.35
CA THR B 373 15.64 -48.79 -0.13
C THR B 373 15.80 -47.29 -0.39
N THR B 374 15.06 -46.79 -1.37
CA THR B 374 15.08 -45.35 -1.67
C THR B 374 13.79 -44.70 -1.21
N GLY B 375 13.72 -43.37 -1.33
CA GLY B 375 12.51 -42.63 -1.01
C GLY B 375 11.34 -43.09 -1.87
N LEU B 376 11.66 -43.48 -3.10
CA LEU B 376 10.65 -43.97 -4.03
C LEU B 376 10.06 -45.30 -3.56
N HIS B 377 10.91 -46.13 -2.95
CA HIS B 377 10.45 -47.39 -2.39
C HIS B 377 9.47 -47.14 -1.24
N VAL B 378 9.77 -46.15 -0.42
CA VAL B 378 8.92 -45.78 0.71
C VAL B 378 7.57 -45.29 0.21
N ALA B 379 7.60 -44.44 -0.81
CA ALA B 379 6.37 -43.89 -1.40
C ALA B 379 5.53 -45.00 -2.01
N ALA B 380 6.19 -45.96 -2.65
CA ALA B 380 5.49 -47.11 -3.23
C ALA B 380 4.82 -47.94 -2.14
N ALA B 381 5.52 -48.11 -1.02
CA ALA B 381 4.99 -48.88 0.10
C ALA B 381 3.78 -48.18 0.73
N VAL B 382 3.93 -46.88 0.99
CA VAL B 382 2.84 -46.08 1.54
C VAL B 382 1.62 -46.14 0.62
N SER B 383 1.87 -46.06 -0.68
CA SER B 383 0.80 -46.04 -1.67
C SER B 383 0.00 -47.34 -1.70
N HIS B 384 0.69 -48.47 -1.61
CA HIS B 384 0.02 -49.77 -1.69
C HIS B 384 -0.74 -50.09 -0.41
N ALA B 385 -0.35 -49.47 0.69
CA ALA B 385 -0.98 -49.72 1.98
C ALA B 385 -2.24 -48.87 2.18
N LEU B 386 -2.65 -48.16 1.15
CA LEU B 386 -3.84 -47.31 1.23
C LEU B 386 -5.10 -48.06 0.85
N ARG B 387 -6.24 -47.59 1.34
CA ARG B 387 -7.54 -48.15 1.02
C ARG B 387 -8.61 -47.05 1.06
N PRO B 388 -9.68 -47.20 0.26
CA PRO B 388 -10.73 -46.19 0.14
C PRO B 388 -11.22 -45.65 1.48
N GLY B 389 -11.30 -44.32 1.58
CA GLY B 389 -11.70 -43.67 2.82
C GLY B 389 -10.51 -43.03 3.52
N ASP B 390 -9.31 -43.45 3.15
CA ASP B 390 -8.08 -42.91 3.72
C ASP B 390 -7.84 -41.49 3.23
N GLN B 391 -7.25 -40.67 4.09
CA GLN B 391 -6.75 -39.37 3.66
C GLN B 391 -5.23 -39.39 3.59
N LEU B 392 -4.70 -38.99 2.44
CA LEU B 392 -3.25 -38.95 2.24
C LEU B 392 -2.73 -37.53 2.19
N VAL B 393 -1.83 -37.19 3.10
CA VAL B 393 -1.24 -35.85 3.14
C VAL B 393 0.20 -35.91 2.67
N LEU B 394 0.47 -35.33 1.51
CA LEU B 394 1.79 -35.41 0.91
C LEU B 394 2.60 -34.14 1.13
N GLY B 395 3.83 -34.31 1.58
CA GLY B 395 4.75 -33.19 1.66
C GLY B 395 5.03 -32.75 0.24
N ALA B 396 4.87 -31.46 -0.02
CA ALA B 396 5.20 -30.91 -1.33
C ALA B 396 6.68 -31.16 -1.60
N SER B 397 7.05 -31.10 -2.89
CA SER B 397 8.34 -31.53 -3.44
C SER B 397 8.36 -33.05 -3.63
N ASN B 398 9.35 -33.73 -3.05
CA ASN B 398 9.62 -35.14 -3.36
C ASN B 398 8.47 -36.14 -3.12
N PRO B 399 7.82 -36.10 -1.93
CA PRO B 399 6.75 -37.09 -1.71
C PRO B 399 5.63 -37.06 -2.74
N VAL B 400 5.24 -35.87 -3.20
CA VAL B 400 4.19 -35.75 -4.19
C VAL B 400 4.61 -36.37 -5.52
N ARG B 401 5.87 -36.15 -5.91
CA ARG B 401 6.38 -36.67 -7.17
C ARG B 401 6.68 -38.17 -7.11
N ASP B 402 7.25 -38.62 -5.99
CA ASP B 402 7.56 -40.03 -5.81
C ASP B 402 6.29 -40.88 -5.85
N VAL B 403 5.25 -40.40 -5.18
CA VAL B 403 3.96 -41.07 -5.15
C VAL B 403 3.34 -41.08 -6.55
N ALA B 404 3.49 -39.97 -7.28
CA ALA B 404 3.01 -39.90 -8.65
C ALA B 404 3.81 -40.85 -9.54
N LEU B 405 5.09 -41.00 -9.23
CA LEU B 405 5.95 -41.90 -9.98
C LEU B 405 5.60 -43.36 -9.67
N ALA B 406 5.22 -43.60 -8.42
CA ALA B 406 4.84 -44.94 -7.98
C ALA B 406 3.49 -45.35 -8.54
N GLY B 407 2.79 -44.40 -9.15
CA GLY B 407 1.53 -44.69 -9.82
C GLY B 407 0.35 -44.89 -8.89
N LEU B 408 0.28 -44.09 -7.83
CA LEU B 408 -0.82 -44.17 -6.86
C LEU B 408 -2.19 -44.01 -7.51
N ASP B 409 -3.10 -44.90 -7.15
CA ASP B 409 -4.50 -44.80 -7.59
C ASP B 409 -5.29 -44.01 -6.54
N THR B 410 -5.72 -42.81 -6.91
CA THR B 410 -6.26 -41.85 -5.94
C THR B 410 -7.76 -41.95 -5.68
N ARG B 411 -8.46 -42.83 -6.40
CA ARG B 411 -9.90 -42.93 -6.27
C ARG B 411 -10.32 -43.56 -4.94
N GLY B 412 -11.29 -42.95 -4.28
CA GLY B 412 -11.72 -43.37 -2.96
C GLY B 412 -10.83 -42.76 -1.88
N ILE B 413 -9.79 -42.06 -2.34
CA ILE B 413 -8.80 -41.46 -1.45
C ILE B 413 -8.87 -39.94 -1.51
N ARG B 414 -8.72 -39.30 -0.35
CA ARG B 414 -8.59 -37.86 -0.31
C ARG B 414 -7.11 -37.51 -0.15
N VAL B 415 -6.56 -36.83 -1.15
CA VAL B 415 -5.15 -36.50 -1.14
C VAL B 415 -4.94 -35.01 -0.94
N ARG B 416 -4.17 -34.65 0.08
CA ARG B 416 -3.91 -33.25 0.39
C ARG B 416 -2.42 -32.95 0.26
N SER B 417 -2.11 -31.76 -0.25
CA SER B 417 -0.75 -31.27 -0.32
C SER B 417 -0.76 -29.77 -0.55
N ASN B 418 0.15 -29.06 0.12
CA ASN B 418 0.20 -27.61 -0.02
C ASN B 418 0.84 -27.21 -1.35
N ARG B 419 0.08 -27.39 -2.43
CA ARG B 419 0.59 -27.18 -3.78
C ARG B 419 0.49 -25.73 -4.25
N GLY B 420 0.11 -24.83 -3.34
CA GLY B 420 0.00 -23.42 -3.67
C GLY B 420 1.34 -22.83 -4.06
N VAL B 421 2.31 -22.89 -3.16
CA VAL B 421 3.67 -22.45 -3.44
C VAL B 421 4.66 -23.57 -3.14
N ALA B 422 4.14 -24.68 -2.63
CA ALA B 422 4.93 -25.88 -2.36
C ALA B 422 6.14 -25.62 -1.47
N GLY B 423 5.96 -24.81 -0.44
CA GLY B 423 7.04 -24.55 0.50
C GLY B 423 7.18 -25.71 1.48
N ILE B 424 8.20 -25.66 2.33
CA ILE B 424 8.41 -26.72 3.31
C ILE B 424 7.75 -26.38 4.64
N ASP B 425 7.38 -25.11 4.79
CA ASP B 425 6.78 -24.63 6.03
C ASP B 425 5.45 -25.32 6.36
N GLY B 426 5.28 -25.65 7.64
CA GLY B 426 3.99 -26.06 8.17
C GLY B 426 3.39 -27.37 7.67
N THR B 427 4.22 -28.24 7.09
CA THR B 427 3.71 -29.49 6.53
C THR B 427 3.15 -30.42 7.61
N VAL B 428 3.82 -30.48 8.76
CA VAL B 428 3.35 -31.31 9.85
C VAL B 428 2.03 -30.78 10.41
N SER B 429 1.97 -29.48 10.64
CA SER B 429 0.74 -28.84 11.14
C SER B 429 -0.41 -29.01 10.17
N THR B 430 -0.11 -28.96 8.88
CA THR B 430 -1.12 -29.14 7.85
C THR B 430 -1.69 -30.54 7.91
N ALA B 431 -0.81 -31.53 8.11
CA ALA B 431 -1.25 -32.91 8.23
C ALA B 431 -2.11 -33.10 9.47
N ILE B 432 -1.66 -32.55 10.59
CA ILE B 432 -2.39 -32.62 11.85
C ILE B 432 -3.76 -31.96 11.72
N GLY B 433 -3.80 -30.78 11.13
CA GLY B 433 -5.05 -30.07 10.93
C GLY B 433 -6.02 -30.79 10.00
N ALA B 434 -5.48 -31.38 8.93
CA ALA B 434 -6.30 -32.10 7.96
C ALA B 434 -6.90 -33.34 8.58
N ALA B 435 -6.13 -34.00 9.46
CA ALA B 435 -6.60 -35.19 10.16
C ALA B 435 -7.76 -34.83 11.09
N LEU B 436 -7.58 -33.77 11.86
CA LEU B 436 -8.60 -33.32 12.80
C LEU B 436 -9.92 -33.00 12.09
N ALA B 437 -9.84 -32.25 10.99
CA ALA B 437 -11.03 -31.83 10.27
C ALA B 437 -11.72 -33.00 9.58
N TYR B 438 -10.93 -33.95 9.10
CA TYR B 438 -11.46 -35.12 8.42
C TYR B 438 -12.18 -36.03 9.40
N GLU B 439 -11.55 -36.24 10.57
CA GLU B 439 -12.17 -37.00 11.65
C GLU B 439 -13.41 -36.30 12.17
N GLY B 440 -13.34 -34.99 12.32
CA GLY B 440 -14.47 -34.20 12.77
C GLY B 440 -15.65 -34.33 11.84
N ALA B 441 -15.37 -34.49 10.55
CA ALA B 441 -16.41 -34.67 9.56
C ALA B 441 -17.00 -36.09 9.63
N HIS B 442 -16.18 -37.04 10.08
CA HIS B 442 -16.62 -38.43 10.18
C HIS B 442 -17.65 -38.62 11.28
N GLU B 443 -17.41 -38.04 12.44
CA GLU B 443 -18.31 -38.15 13.58
C GLU B 443 -19.67 -37.53 13.26
N ARG B 444 -19.68 -36.61 12.30
CA ARG B 444 -20.89 -35.89 11.93
C ARG B 444 -21.81 -36.72 11.04
N THR B 445 -21.29 -37.79 10.45
CA THR B 445 -22.11 -38.71 9.68
C THR B 445 -22.99 -39.52 10.62
N GLY B 446 -22.57 -39.59 11.88
CA GLY B 446 -23.31 -40.33 12.88
C GLY B 446 -22.73 -41.73 13.07
N SER B 447 -21.99 -42.17 12.05
CA SER B 447 -21.32 -43.47 11.99
C SER B 447 -20.51 -43.80 13.22
N PRO B 448 -20.77 -44.99 13.79
CA PRO B 448 -19.98 -45.47 14.92
C PRO B 448 -18.69 -46.16 14.47
N ASP B 449 -18.37 -46.07 13.18
CA ASP B 449 -17.15 -46.68 12.64
C ASP B 449 -15.91 -46.18 13.36
N SER B 450 -14.79 -46.85 13.12
CA SER B 450 -13.50 -46.30 13.48
C SER B 450 -13.25 -45.07 12.60
N PRO B 451 -12.69 -44.00 13.17
CA PRO B 451 -12.38 -42.82 12.36
C PRO B 451 -11.41 -43.16 11.24
N PRO B 452 -11.65 -42.64 10.03
CA PRO B 452 -10.80 -42.95 8.87
C PRO B 452 -9.35 -42.55 9.11
N ARG B 453 -8.42 -43.28 8.50
CA ARG B 453 -7.00 -43.00 8.69
C ARG B 453 -6.54 -41.78 7.94
N THR B 454 -5.63 -41.02 8.53
CA THR B 454 -4.86 -40.04 7.80
C THR B 454 -3.40 -40.46 7.81
N ILE B 455 -2.83 -40.64 6.62
CA ILE B 455 -1.44 -41.01 6.50
C ILE B 455 -0.66 -39.91 5.79
N ALA B 456 0.37 -39.41 6.45
CA ALA B 456 1.18 -38.34 5.89
C ALA B 456 2.52 -38.88 5.42
N LEU B 457 3.01 -38.37 4.29
CA LEU B 457 4.33 -38.73 3.80
C LEU B 457 5.21 -37.49 3.65
N ILE B 458 6.27 -37.43 4.44
CA ILE B 458 7.09 -36.23 4.55
C ILE B 458 8.58 -36.56 4.60
N GLY B 459 9.39 -35.81 3.85
CA GLY B 459 10.83 -35.97 3.89
C GLY B 459 11.42 -35.51 5.22
N ASP B 460 12.61 -36.01 5.54
CA ASP B 460 13.23 -35.73 6.84
C ASP B 460 13.55 -34.25 7.02
N LEU B 461 13.98 -33.58 5.96
CA LEU B 461 14.28 -32.16 6.03
C LEU B 461 13.02 -31.35 6.30
N THR B 462 11.93 -31.74 5.63
CA THR B 462 10.63 -31.11 5.84
C THR B 462 10.15 -31.33 7.27
N PHE B 463 10.30 -32.56 7.75
CA PHE B 463 9.86 -32.91 9.09
C PHE B 463 10.61 -32.11 10.16
N VAL B 464 11.93 -32.08 10.05
CA VAL B 464 12.75 -31.34 10.99
C VAL B 464 12.39 -29.85 10.99
N HIS B 465 12.16 -29.30 9.80
CA HIS B 465 11.84 -27.89 9.65
C HIS B 465 10.54 -27.51 10.36
N ASP B 466 9.53 -28.38 10.29
CA ASP B 466 8.26 -28.11 10.93
C ASP B 466 8.02 -29.05 12.12
N SER B 467 9.11 -29.49 12.74
CA SER B 467 9.01 -30.44 13.85
C SER B 467 8.23 -29.86 15.02
N SER B 468 8.32 -28.54 15.21
CA SER B 468 7.60 -27.88 16.29
C SER B 468 6.10 -27.80 15.98
N GLY B 469 5.73 -28.26 14.79
CA GLY B 469 4.33 -28.40 14.43
C GLY B 469 3.70 -29.55 15.19
N LEU B 470 4.53 -30.46 15.69
CA LEU B 470 4.07 -31.58 16.49
C LEU B 470 3.50 -31.13 17.82
N LEU B 471 3.97 -29.98 18.30
CA LEU B 471 3.60 -29.49 19.63
C LEU B 471 2.10 -29.27 19.79
N ILE B 472 1.48 -30.10 20.62
CA ILE B 472 0.09 -29.96 20.98
C ILE B 472 -0.05 -29.99 22.50
N GLY B 473 -0.48 -28.87 23.08
CA GLY B 473 -0.68 -28.77 24.52
C GLY B 473 -1.65 -29.83 25.02
N PRO B 474 -1.55 -30.18 26.30
CA PRO B 474 -2.36 -31.25 26.91
C PRO B 474 -3.86 -31.00 26.81
N THR B 475 -4.25 -29.73 26.79
CA THR B 475 -5.67 -29.36 26.76
C THR B 475 -6.24 -29.34 25.35
N GLU B 476 -5.37 -29.46 24.34
CA GLU B 476 -5.77 -29.26 22.94
C GLU B 476 -6.06 -30.57 22.21
N PRO B 477 -6.98 -30.52 21.23
CA PRO B 477 -7.37 -31.69 20.44
C PRO B 477 -6.19 -32.41 19.78
N ILE B 478 -6.22 -33.74 19.85
CA ILE B 478 -5.20 -34.58 19.24
C ILE B 478 -5.86 -35.45 18.18
N PRO B 479 -5.23 -35.55 16.99
CA PRO B 479 -5.74 -36.46 15.96
C PRO B 479 -5.88 -37.88 16.49
N ARG B 480 -6.93 -38.58 16.09
CA ARG B 480 -7.17 -39.92 16.59
C ARG B 480 -6.57 -41.00 15.70
N SER B 481 -6.39 -40.67 14.41
CA SER B 481 -5.85 -41.64 13.47
C SER B 481 -4.91 -40.99 12.47
N LEU B 482 -3.85 -40.37 12.96
CA LEU B 482 -2.84 -39.79 12.10
C LEU B 482 -1.51 -40.53 12.23
N THR B 483 -0.93 -40.89 11.10
CA THR B 483 0.39 -41.50 11.07
C THR B 483 1.30 -40.74 10.12
N ILE B 484 2.37 -40.15 10.66
CA ILE B 484 3.32 -39.40 9.86
C ILE B 484 4.50 -40.29 9.47
N VAL B 485 4.56 -40.62 8.18
CA VAL B 485 5.67 -41.41 7.65
C VAL B 485 6.80 -40.48 7.19
N VAL B 486 7.94 -40.56 7.88
CA VAL B 486 9.08 -39.73 7.53
C VAL B 486 10.12 -40.52 6.74
N SER B 487 10.22 -40.21 5.45
CA SER B 487 11.23 -40.81 4.59
C SER B 487 12.56 -40.10 4.80
N ASN B 488 13.51 -40.78 5.43
CA ASN B 488 14.76 -40.16 5.88
C ASN B 488 15.97 -40.59 5.08
N ASP B 489 16.42 -39.72 4.18
CA ASP B 489 17.67 -39.93 3.45
C ASP B 489 18.68 -38.85 3.81
N ASN B 490 18.43 -38.18 4.93
CA ASN B 490 19.19 -37.02 5.42
CA ASN B 490 19.29 -37.09 5.39
C ASN B 490 19.56 -36.06 4.30
N ASP B 507 24.59 -21.25 -5.96
CA ASP B 507 24.74 -22.66 -5.63
C ASP B 507 25.63 -22.84 -4.41
N VAL B 508 25.93 -21.74 -3.73
CA VAL B 508 26.68 -21.77 -2.48
C VAL B 508 25.69 -22.02 -1.34
N SER B 509 24.46 -21.60 -1.58
CA SER B 509 23.37 -21.74 -0.63
C SER B 509 23.17 -23.20 -0.22
N SER B 510 23.59 -24.11 -1.08
CA SER B 510 23.36 -25.54 -0.90
C SER B 510 24.53 -26.27 -0.26
N ARG B 511 25.55 -25.53 0.15
CA ARG B 511 26.78 -26.14 0.70
C ARG B 511 26.49 -26.96 1.96
N ILE B 512 25.34 -26.72 2.57
CA ILE B 512 24.94 -27.42 3.78
C ILE B 512 24.52 -28.87 3.51
N PHE B 513 24.19 -29.16 2.26
CA PHE B 513 23.70 -30.49 1.89
C PHE B 513 24.86 -31.43 1.55
N HIS B 517 22.29 -33.67 8.16
CA HIS B 517 22.06 -32.77 9.27
C HIS B 517 22.16 -33.52 10.61
N ASP B 518 22.00 -34.84 10.55
CA ASP B 518 22.19 -35.74 11.68
C ASP B 518 21.24 -35.49 12.86
N VAL B 519 20.15 -34.78 12.62
CA VAL B 519 19.13 -34.62 13.65
C VAL B 519 18.36 -35.93 13.81
N ASP B 520 18.31 -36.44 15.04
CA ASP B 520 17.61 -37.70 15.29
C ASP B 520 16.11 -37.42 15.40
N VAL B 521 15.35 -38.05 14.52
CA VAL B 521 13.91 -37.86 14.46
C VAL B 521 13.23 -38.25 15.76
N GLY B 522 13.63 -39.38 16.32
CA GLY B 522 13.06 -39.87 17.57
C GLY B 522 13.24 -38.90 18.71
N ALA B 523 14.37 -38.22 18.74
CA ALA B 523 14.67 -37.25 19.80
C ALA B 523 13.71 -36.06 19.75
N LEU B 524 13.39 -35.61 18.53
CA LEU B 524 12.43 -34.53 18.35
C LEU B 524 11.05 -34.94 18.83
N CYS B 525 10.66 -36.18 18.53
CA CYS B 525 9.35 -36.69 18.90
C CYS B 525 9.23 -36.81 20.42
N ARG B 526 10.32 -37.14 21.09
CA ARG B 526 10.30 -37.21 22.54
C ARG B 526 10.24 -35.79 23.13
N ALA B 527 10.84 -34.84 22.42
CA ALA B 527 10.82 -33.45 22.86
C ALA B 527 9.39 -32.90 22.85
N TYR B 528 8.59 -33.35 21.88
CA TYR B 528 7.21 -32.92 21.77
C TYR B 528 6.25 -34.03 22.18
N HIS B 529 6.75 -34.97 22.98
CA HIS B 529 5.99 -36.13 23.50
C HIS B 529 5.08 -36.78 22.47
N VAL B 530 5.67 -37.27 21.38
CA VAL B 530 4.94 -38.00 20.35
C VAL B 530 5.57 -39.38 20.12
N GLU B 531 4.72 -40.39 19.99
CA GLU B 531 5.20 -41.75 19.73
C GLU B 531 5.90 -41.85 18.37
N SER B 532 7.09 -42.44 18.36
CA SER B 532 7.83 -42.64 17.13
C SER B 532 8.54 -43.99 17.09
N ARG B 533 8.49 -44.64 15.93
CA ARG B 533 9.18 -45.91 15.72
C ARG B 533 10.01 -45.87 14.45
N GLN B 534 11.27 -46.30 14.56
CA GLN B 534 12.11 -46.46 13.38
C GLN B 534 11.94 -47.88 12.83
N ILE B 535 11.48 -47.98 11.59
CA ILE B 535 11.19 -49.29 11.01
C ILE B 535 11.72 -49.47 9.59
N GLU B 536 11.63 -50.70 9.09
CA GLU B 536 12.04 -51.02 7.72
C GLU B 536 10.84 -50.89 6.79
N VAL B 537 11.09 -50.89 5.49
CA VAL B 537 10.06 -50.56 4.50
C VAL B 537 8.98 -51.64 4.37
N ASP B 538 9.34 -52.91 4.58
CA ASP B 538 8.37 -53.99 4.48
C ASP B 538 7.48 -54.06 5.71
N GLU B 539 7.97 -53.49 6.82
CA GLU B 539 7.18 -53.42 8.04
C GLU B 539 6.08 -52.38 7.91
N LEU B 540 6.24 -51.46 6.96
CA LEU B 540 5.37 -50.30 6.82
C LEU B 540 3.90 -50.67 6.61
N GLY B 541 3.63 -51.43 5.55
CA GLY B 541 2.29 -51.90 5.26
C GLY B 541 1.55 -52.48 6.45
N PRO B 542 2.12 -53.51 7.10
CA PRO B 542 1.54 -54.07 8.32
C PRO B 542 1.41 -53.06 9.46
N THR B 543 2.48 -52.31 9.72
CA THR B 543 2.50 -51.33 10.81
C THR B 543 1.38 -50.30 10.65
N LEU B 544 1.18 -49.86 9.41
CA LEU B 544 0.12 -48.89 9.11
C LEU B 544 -1.26 -49.47 9.36
N ASP B 545 -1.41 -50.78 9.15
CA ASP B 545 -2.71 -51.42 9.26
C ASP B 545 -3.16 -51.59 10.71
N GLN B 546 -2.25 -51.37 11.65
CA GLN B 546 -2.59 -51.38 13.06
C GLN B 546 -3.59 -50.27 13.36
N PRO B 547 -4.62 -50.57 14.17
CA PRO B 547 -5.60 -49.58 14.62
C PRO B 547 -4.93 -48.32 15.17
N GLY B 548 -5.48 -47.16 14.83
CA GLY B 548 -4.86 -45.88 15.12
C GLY B 548 -4.56 -45.60 16.58
N ALA B 549 -3.29 -45.57 16.93
CA ALA B 549 -2.85 -45.21 18.27
C ALA B 549 -2.68 -43.70 18.39
N GLY B 550 -3.76 -42.97 18.11
CA GLY B 550 -3.73 -41.51 18.16
C GLY B 550 -2.90 -40.91 17.05
N MET B 551 -1.79 -40.30 17.44
CA MET B 551 -0.85 -39.70 16.50
C MET B 551 0.54 -40.29 16.71
N ARG B 552 1.21 -40.65 15.61
CA ARG B 552 2.52 -41.29 15.71
C ARG B 552 3.41 -41.04 14.49
N VAL B 553 4.71 -41.08 14.71
CA VAL B 553 5.69 -40.92 13.63
C VAL B 553 6.35 -42.25 13.29
N LEU B 554 6.29 -42.65 12.02
CA LEU B 554 6.99 -43.83 11.56
C LEU B 554 8.17 -43.43 10.69
N GLU B 555 9.38 -43.56 11.22
CA GLU B 555 10.58 -43.15 10.52
C GLU B 555 11.20 -44.30 9.72
N VAL B 556 11.36 -44.09 8.42
CA VAL B 556 11.96 -45.09 7.55
C VAL B 556 13.24 -44.58 6.92
N LYS B 557 14.35 -45.26 7.19
CA LYS B 557 15.63 -44.89 6.60
C LYS B 557 15.64 -45.25 5.12
N ALA B 558 16.25 -44.37 4.31
CA ALA B 558 16.30 -44.58 2.87
C ALA B 558 17.61 -44.05 2.29
N ASP B 559 18.07 -44.68 1.22
CA ASP B 559 19.31 -44.29 0.56
C ASP B 559 19.03 -43.33 -0.60
N ARG B 560 19.93 -42.39 -0.83
CA ARG B 560 19.80 -41.46 -1.94
C ARG B 560 21.04 -41.48 -2.83
N SER B 561 22.02 -42.30 -2.48
CA SER B 561 23.25 -42.40 -3.25
C SER B 561 23.02 -43.13 -4.57
N SER B 562 22.14 -44.13 -4.55
CA SER B 562 21.84 -44.92 -5.73
C SER B 562 20.64 -44.35 -6.50
N LEU B 563 20.18 -43.18 -6.08
CA LEU B 563 18.96 -42.59 -6.62
C LEU B 563 19.09 -42.26 -8.10
N ARG B 564 20.27 -41.78 -8.50
CA ARG B 564 20.50 -41.42 -9.90
C ARG B 564 20.55 -42.66 -10.78
N GLN B 565 21.14 -43.73 -10.26
CA GLN B 565 21.17 -45.01 -10.96
C GLN B 565 19.75 -45.53 -11.16
N LEU B 566 18.94 -45.41 -10.12
CA LEU B 566 17.57 -45.92 -10.13
C LEU B 566 16.71 -45.20 -11.16
N HIS B 567 16.76 -43.87 -11.17
CA HIS B 567 15.98 -43.09 -12.12
C HIS B 567 16.47 -43.32 -13.54
N ALA B 568 17.78 -43.46 -13.71
CA ALA B 568 18.36 -43.74 -15.02
C ALA B 568 17.89 -45.09 -15.54
N ALA B 569 17.86 -46.08 -14.65
CA ALA B 569 17.37 -47.41 -15.00
C ALA B 569 15.92 -47.33 -15.43
N ILE B 570 15.13 -46.54 -14.70
CA ILE B 570 13.71 -46.36 -15.03
C ILE B 570 13.56 -45.72 -16.41
N LYS B 571 14.27 -44.62 -16.63
CA LYS B 571 14.21 -43.91 -17.91
C LYS B 571 14.61 -44.81 -19.07
N ALA B 572 15.68 -45.57 -18.88
CA ALA B 572 16.20 -46.44 -19.93
C ALA B 572 15.29 -47.64 -20.18
N ALA B 573 14.46 -47.97 -19.20
CA ALA B 573 13.62 -49.17 -19.27
C ALA B 573 12.36 -48.98 -20.10
N LEU B 574 12.11 -47.75 -20.54
CA LEU B 574 10.93 -47.46 -21.34
C LEU B 574 11.01 -48.11 -22.71
N ASN C 22 31.26 -11.00 -18.66
CA ASN C 22 29.84 -10.94 -18.34
C ASN C 22 29.55 -9.85 -17.32
N PRO C 23 28.76 -8.83 -17.72
CA PRO C 23 28.47 -7.65 -16.90
C PRO C 23 27.89 -7.97 -15.52
N SER C 24 27.03 -8.99 -15.45
CA SER C 24 26.41 -9.37 -14.18
C SER C 24 27.45 -9.78 -13.15
N THR C 25 28.42 -10.57 -13.58
CA THR C 25 29.51 -11.02 -12.71
C THR C 25 30.33 -9.83 -12.25
N THR C 26 30.57 -8.89 -13.16
CA THR C 26 31.29 -7.66 -12.83
C THR C 26 30.49 -6.82 -11.85
N GLN C 27 29.21 -6.65 -12.14
CA GLN C 27 28.31 -5.84 -11.31
C GLN C 27 28.24 -6.39 -9.88
N ALA C 28 28.13 -7.70 -9.76
CA ALA C 28 28.02 -8.36 -8.46
C ALA C 28 29.25 -8.13 -7.58
N ARG C 29 30.43 -8.34 -8.16
CA ARG C 29 31.68 -8.15 -7.43
C ARG C 29 31.85 -6.71 -6.97
N VAL C 30 31.50 -5.77 -7.85
CA VAL C 30 31.58 -4.36 -7.52
C VAL C 30 30.65 -4.01 -6.35
N VAL C 31 29.44 -4.58 -6.37
CA VAL C 31 28.48 -4.33 -5.30
C VAL C 31 28.96 -4.94 -3.99
N VAL C 32 29.39 -6.21 -4.05
CA VAL C 32 29.91 -6.88 -2.86
C VAL C 32 31.12 -6.13 -2.30
N ASP C 33 32.01 -5.68 -3.18
CA ASP C 33 33.18 -4.93 -2.75
C ASP C 33 32.80 -3.66 -2.00
N GLU C 34 31.84 -2.92 -2.56
CA GLU C 34 31.41 -1.65 -1.95
C GLU C 34 30.68 -1.90 -0.63
N LEU C 35 29.97 -3.02 -0.54
CA LEU C 35 29.29 -3.39 0.70
C LEU C 35 30.31 -3.66 1.79
N ILE C 36 31.39 -4.37 1.44
CA ILE C 36 32.47 -4.63 2.37
C ILE C 36 33.13 -3.34 2.81
N ARG C 37 33.35 -2.44 1.85
CA ARG C 37 33.89 -1.12 2.15
C ARG C 37 32.95 -0.33 3.05
N GLY C 38 31.67 -0.68 3.00
CA GLY C 38 30.65 0.02 3.76
C GLY C 38 30.45 -0.51 5.18
N GLY C 39 31.21 -1.54 5.54
CA GLY C 39 31.18 -2.05 6.91
C GLY C 39 30.44 -3.36 7.07
N VAL C 40 29.91 -3.91 5.98
CA VAL C 40 29.20 -5.18 6.03
C VAL C 40 30.20 -6.33 6.23
N ARG C 41 30.02 -7.07 7.31
CA ARG C 41 30.93 -8.17 7.63
C ARG C 41 30.24 -9.53 7.54
N ASP C 42 28.92 -9.52 7.70
CA ASP C 42 28.16 -10.76 7.69
C ASP C 42 26.99 -10.71 6.71
N VAL C 43 26.77 -11.81 6.00
CA VAL C 43 25.65 -11.93 5.08
C VAL C 43 24.93 -13.26 5.31
N VAL C 44 23.60 -13.21 5.38
CA VAL C 44 22.80 -14.40 5.63
C VAL C 44 22.09 -14.89 4.37
N LEU C 45 22.25 -16.17 4.05
CA LEU C 45 21.62 -16.76 2.86
C LEU C 45 20.80 -18.00 3.21
N CYS C 46 19.85 -18.31 2.34
CA CYS C 46 19.07 -19.52 2.46
C CYS C 46 19.00 -20.13 1.06
N PRO C 47 19.02 -21.47 1.00
CA PRO C 47 18.89 -22.15 -0.30
C PRO C 47 17.50 -22.01 -0.90
N GLY C 48 17.42 -21.63 -2.17
CA GLY C 48 16.14 -21.39 -2.79
C GLY C 48 15.96 -22.03 -4.15
N SER C 49 14.87 -21.66 -4.82
CA SER C 49 14.59 -22.13 -6.18
C SER C 49 15.60 -21.51 -7.14
N ARG C 50 15.82 -20.21 -6.99
CA ARG C 50 16.86 -19.52 -7.75
C ARG C 50 18.12 -19.45 -6.91
N ASN C 51 19.23 -19.05 -7.55
CA ASN C 51 20.44 -18.79 -6.80
C ASN C 51 20.45 -17.34 -6.34
N ALA C 52 21.12 -17.08 -5.22
CA ALA C 52 21.09 -15.78 -4.56
C ALA C 52 21.58 -14.65 -5.48
N PRO C 53 21.04 -13.44 -5.25
CA PRO C 53 21.66 -12.25 -5.83
C PRO C 53 23.09 -12.09 -5.30
N LEU C 54 24.03 -11.77 -6.18
CA LEU C 54 25.44 -11.62 -5.81
C LEU C 54 26.03 -12.93 -5.27
N ALA C 55 25.45 -14.06 -5.67
CA ALA C 55 25.80 -15.37 -5.12
C ALA C 55 27.30 -15.68 -5.17
N PHE C 56 27.87 -15.63 -6.36
CA PHE C 56 29.25 -16.05 -6.57
C PHE C 56 30.25 -15.05 -6.01
N ALA C 57 29.91 -13.77 -6.10
CA ALA C 57 30.78 -12.72 -5.56
C ALA C 57 30.84 -12.81 -4.04
N LEU C 58 29.74 -13.20 -3.42
CA LEU C 58 29.68 -13.39 -1.98
C LEU C 58 30.51 -14.61 -1.57
N GLN C 59 30.52 -15.62 -2.43
CA GLN C 59 31.29 -16.84 -2.18
C GLN C 59 32.78 -16.54 -2.18
N ASP C 60 33.23 -15.80 -3.19
CA ASP C 60 34.63 -15.43 -3.32
C ASP C 60 35.07 -14.54 -2.16
N ALA C 61 34.18 -13.65 -1.74
CA ALA C 61 34.46 -12.74 -0.63
C ALA C 61 34.56 -13.51 0.68
N ASP C 62 33.74 -14.54 0.82
CA ASP C 62 33.72 -15.36 2.02
C ASP C 62 34.93 -16.29 2.06
N ARG C 63 35.28 -16.84 0.90
CA ARG C 63 36.42 -17.75 0.80
C ARG C 63 37.73 -17.02 1.06
N SER C 64 37.78 -15.75 0.67
CA SER C 64 38.98 -14.95 0.87
C SER C 64 38.94 -14.20 2.20
N GLY C 65 37.91 -14.48 3.00
CA GLY C 65 37.81 -13.93 4.34
C GLY C 65 37.43 -12.45 4.42
N ARG C 66 36.97 -11.89 3.32
CA ARG C 66 36.54 -10.49 3.29
C ARG C 66 35.25 -10.30 4.08
N ILE C 67 34.36 -11.28 4.00
CA ILE C 67 33.14 -11.30 4.81
C ILE C 67 32.87 -12.69 5.35
N ARG C 68 31.82 -12.83 6.14
CA ARG C 68 31.41 -14.12 6.67
C ARG C 68 29.98 -14.46 6.26
N LEU C 69 29.80 -15.65 5.69
CA LEU C 69 28.48 -16.10 5.27
C LEU C 69 27.83 -17.00 6.31
N HIS C 70 26.52 -16.87 6.46
CA HIS C 70 25.75 -17.71 7.36
C HIS C 70 24.54 -18.28 6.60
N VAL C 71 24.45 -19.60 6.54
CA VAL C 71 23.36 -20.26 5.82
C VAL C 71 22.36 -20.88 6.79
N ARG C 72 21.08 -20.73 6.49
CA ARG C 72 20.02 -21.36 7.27
C ARG C 72 18.95 -21.94 6.35
N ILE C 73 18.21 -22.93 6.85
CA ILE C 73 17.11 -23.51 6.09
C ILE C 73 15.81 -22.76 6.40
N ASP C 74 15.64 -22.41 7.68
CA ASP C 74 14.48 -21.64 8.12
C ASP C 74 14.67 -20.16 7.75
N GLU C 75 13.84 -19.68 6.84
CA GLU C 75 13.95 -18.31 6.36
C GLU C 75 13.59 -17.30 7.44
N ARG C 76 12.64 -17.65 8.30
CA ARG C 76 12.21 -16.73 9.36
C ARG C 76 13.32 -16.50 10.38
N THR C 77 13.92 -17.58 10.87
CA THR C 77 14.96 -17.47 11.88
C THR C 77 16.21 -16.86 11.26
N ALA C 78 16.35 -16.99 9.95
CA ALA C 78 17.48 -16.41 9.24
C ALA C 78 17.45 -14.89 9.32
N GLY C 79 16.26 -14.32 9.16
CA GLY C 79 16.09 -12.88 9.28
C GLY C 79 16.40 -12.37 10.67
N TYR C 80 16.05 -13.16 11.68
CA TYR C 80 16.34 -12.78 13.05
C TYR C 80 17.80 -13.02 13.39
N LEU C 81 18.46 -13.91 12.64
CA LEU C 81 19.90 -14.09 12.77
C LEU C 81 20.61 -12.83 12.30
N ALA C 82 20.12 -12.26 11.20
CA ALA C 82 20.70 -11.05 10.64
C ALA C 82 20.55 -9.87 11.60
N ILE C 83 19.38 -9.79 12.23
CA ILE C 83 19.15 -8.76 13.24
C ILE C 83 20.16 -8.88 14.37
N GLY C 84 20.38 -10.11 14.83
CA GLY C 84 21.37 -10.38 15.84
C GLY C 84 22.77 -9.95 15.40
N LEU C 85 23.15 -10.37 14.20
CA LEU C 85 24.46 -10.01 13.65
C LEU C 85 24.64 -8.50 13.51
N ALA C 86 23.52 -7.78 13.35
CA ALA C 86 23.58 -6.34 13.18
C ALA C 86 23.71 -5.61 14.51
N ILE C 87 22.93 -6.02 15.50
CA ILE C 87 22.93 -5.35 16.79
C ILE C 87 24.08 -5.81 17.68
N GLY C 88 24.79 -6.85 17.23
CA GLY C 88 25.91 -7.38 17.97
C GLY C 88 27.04 -6.38 18.13
N ALA C 89 27.42 -5.76 17.02
CA ALA C 89 28.51 -4.79 17.03
C ALA C 89 28.12 -3.49 16.34
N GLY C 90 26.87 -3.41 15.89
CA GLY C 90 26.34 -2.20 15.28
C GLY C 90 26.62 -2.06 13.79
N ALA C 91 26.91 -3.17 13.13
CA ALA C 91 27.24 -3.15 11.70
C ALA C 91 26.02 -3.45 10.82
N PRO C 92 26.02 -2.93 9.59
CA PRO C 92 24.98 -3.26 8.62
C PRO C 92 25.10 -4.72 8.17
N VAL C 93 23.97 -5.41 8.03
CA VAL C 93 23.98 -6.82 7.65
C VAL C 93 23.05 -7.08 6.47
N CYS C 94 23.49 -7.93 5.54
CA CYS C 94 22.69 -8.30 4.40
C CYS C 94 22.03 -9.66 4.57
N VAL C 95 20.82 -9.80 4.04
CA VAL C 95 20.17 -11.09 3.94
C VAL C 95 19.61 -11.21 2.52
N ALA C 96 19.85 -12.35 1.87
CA ALA C 96 19.50 -12.51 0.46
C ALA C 96 18.26 -13.36 0.25
N MET C 97 17.28 -12.80 -0.44
CA MET C 97 16.06 -13.53 -0.81
C MET C 97 16.32 -14.45 -2.00
N THR C 98 15.87 -15.70 -1.89
CA THR C 98 16.14 -16.71 -2.91
C THR C 98 14.93 -17.56 -3.29
N SER C 99 13.79 -17.32 -2.65
CA SER C 99 12.63 -18.19 -2.85
C SER C 99 11.30 -17.46 -2.92
N GLY C 100 10.24 -18.23 -3.19
CA GLY C 100 8.90 -17.69 -3.29
C GLY C 100 8.19 -17.68 -1.95
N THR C 101 8.96 -17.84 -0.88
CA THR C 101 8.43 -17.78 0.47
C THR C 101 9.23 -16.80 1.31
N ALA C 102 10.34 -16.33 0.76
CA ALA C 102 11.30 -15.49 1.48
C ALA C 102 10.69 -14.20 2.03
N VAL C 103 9.93 -13.49 1.21
CA VAL C 103 9.31 -12.23 1.62
C VAL C 103 8.39 -12.41 2.82
N ALA C 104 7.52 -13.42 2.74
CA ALA C 104 6.61 -13.73 3.83
C ALA C 104 7.37 -14.06 5.11
N ASN C 105 8.39 -14.89 4.99
CA ASN C 105 9.17 -15.34 6.14
C ASN C 105 10.07 -14.27 6.76
N LEU C 106 10.52 -13.32 5.95
CA LEU C 106 11.40 -12.26 6.45
C LEU C 106 10.59 -11.13 7.06
N GLY C 107 9.28 -11.16 6.86
CA GLY C 107 8.38 -10.15 7.36
C GLY C 107 8.56 -9.73 8.81
N PRO C 108 8.48 -10.70 9.75
CA PRO C 108 8.69 -10.40 11.17
C PRO C 108 10.02 -9.70 11.45
N ALA C 109 11.10 -10.20 10.86
CA ALA C 109 12.42 -9.61 11.07
C ALA C 109 12.52 -8.20 10.49
N VAL C 110 11.88 -7.98 9.35
CA VAL C 110 11.91 -6.67 8.72
C VAL C 110 11.15 -5.65 9.56
N VAL C 111 10.01 -6.08 10.11
CA VAL C 111 9.22 -5.23 10.99
C VAL C 111 10.01 -4.82 12.24
N GLU C 112 10.67 -5.79 12.85
CA GLU C 112 11.50 -5.51 14.03
C GLU C 112 12.66 -4.58 13.67
N ALA C 113 13.25 -4.79 12.50
CA ALA C 113 14.33 -3.94 12.01
C ALA C 113 13.86 -2.49 11.87
N ASN C 114 12.62 -2.31 11.42
CA ASN C 114 12.05 -0.99 11.25
C ASN C 114 11.85 -0.28 12.59
N TYR C 115 11.16 -0.93 13.52
CA TYR C 115 10.80 -0.29 14.78
C TYR C 115 11.98 -0.21 15.78
N ALA C 116 12.93 -1.13 15.67
CA ALA C 116 14.10 -1.08 16.54
C ALA C 116 15.25 -0.32 15.86
N ARG C 117 15.02 0.08 14.62
CA ARG C 117 16.01 0.83 13.82
C ARG C 117 17.31 0.04 13.65
N VAL C 118 17.20 -1.11 12.99
CA VAL C 118 18.31 -2.00 12.75
C VAL C 118 18.73 -1.98 11.28
N PRO C 119 20.03 -1.77 11.00
CA PRO C 119 20.55 -1.70 9.63
C PRO C 119 20.52 -3.05 8.92
N LEU C 120 19.38 -3.36 8.32
CA LEU C 120 19.20 -4.63 7.62
C LEU C 120 19.03 -4.41 6.12
N ILE C 121 19.97 -4.93 5.34
CA ILE C 121 19.88 -4.81 3.88
C ILE C 121 19.31 -6.08 3.28
N VAL C 122 18.11 -5.97 2.71
CA VAL C 122 17.45 -7.12 2.11
C VAL C 122 17.76 -7.19 0.62
N LEU C 123 18.50 -8.22 0.21
CA LEU C 123 18.93 -8.38 -1.17
C LEU C 123 17.96 -9.22 -1.99
N SER C 124 17.55 -8.70 -3.15
CA SER C 124 16.66 -9.42 -4.05
C SER C 124 17.18 -9.38 -5.48
N ALA C 125 16.65 -10.24 -6.33
CA ALA C 125 17.08 -10.30 -7.72
C ALA C 125 15.90 -10.59 -8.65
N ASN C 126 15.23 -9.52 -9.09
CA ASN C 126 14.11 -9.66 -10.03
C ASN C 126 14.59 -10.03 -11.44
N ARG C 127 13.67 -10.56 -12.25
CA ARG C 127 14.00 -11.02 -13.59
C ARG C 127 13.19 -10.26 -14.64
N PRO C 128 13.79 -9.21 -15.23
CA PRO C 128 13.14 -8.28 -16.15
C PRO C 128 12.75 -8.89 -17.51
N TYR C 129 13.34 -10.02 -17.87
CA TYR C 129 13.03 -10.64 -19.15
C TYR C 129 11.94 -11.70 -19.00
N GLU C 130 11.34 -11.76 -17.83
CA GLU C 130 10.24 -12.68 -17.57
C GLU C 130 8.97 -11.92 -17.21
N LEU C 131 7.83 -12.57 -17.35
CA LEU C 131 6.54 -11.96 -17.09
C LEU C 131 6.26 -11.84 -15.59
N LEU C 132 5.48 -10.81 -15.24
CA LEU C 132 5.02 -10.64 -13.87
C LEU C 132 3.50 -10.50 -13.85
N GLY C 133 2.88 -10.94 -12.77
CA GLY C 133 1.47 -10.69 -12.53
C GLY C 133 0.48 -11.63 -13.20
N THR C 134 0.97 -12.69 -13.83
CA THR C 134 0.09 -13.64 -14.52
C THR C 134 -0.02 -14.98 -13.77
N GLY C 135 0.88 -15.18 -12.80
CA GLY C 135 0.91 -16.39 -11.99
C GLY C 135 1.83 -16.20 -10.78
N ALA C 136 1.93 -17.24 -9.93
CA ALA C 136 2.85 -17.27 -8.82
C ALA C 136 4.27 -17.20 -9.32
N ASN C 137 5.14 -16.51 -8.62
CA ASN C 137 6.50 -16.64 -9.11
C ASN C 137 7.35 -17.11 -7.94
N GLN C 138 8.45 -17.75 -8.30
CA GLN C 138 9.22 -18.54 -7.36
C GLN C 138 10.41 -17.83 -6.70
N THR C 139 10.68 -16.61 -7.13
CA THR C 139 11.75 -15.83 -6.52
C THR C 139 11.18 -14.60 -5.82
N MET C 140 9.92 -14.28 -6.11
CA MET C 140 9.28 -13.12 -5.51
C MET C 140 7.78 -13.33 -5.33
N GLU C 141 7.32 -13.23 -4.09
CA GLU C 141 5.90 -13.20 -3.80
C GLU C 141 5.61 -12.04 -2.84
N GLN C 142 5.21 -10.90 -3.41
CA GLN C 142 5.10 -9.67 -2.65
C GLN C 142 3.93 -9.64 -1.70
N LEU C 143 4.18 -9.06 -0.52
CA LEU C 143 3.12 -8.71 0.42
C LEU C 143 3.00 -7.19 0.41
N GLY C 144 2.47 -6.62 1.48
CA GLY C 144 2.25 -5.18 1.50
C GLY C 144 3.15 -4.40 2.43
N TYR C 145 4.07 -5.09 3.11
CA TYR C 145 4.82 -4.46 4.20
C TYR C 145 6.07 -3.70 3.75
N PHE C 146 6.57 -3.98 2.56
CA PHE C 146 7.77 -3.29 2.09
C PHE C 146 7.54 -1.78 1.98
N GLY C 147 6.35 -1.39 1.51
CA GLY C 147 6.03 0.01 1.36
C GLY C 147 5.91 0.80 2.67
N THR C 148 5.86 0.09 3.80
CA THR C 148 5.66 0.76 5.08
C THR C 148 6.82 0.59 6.05
N GLN C 149 7.69 -0.39 5.80
CA GLN C 149 8.73 -0.73 6.78
C GLN C 149 10.14 -0.29 6.39
N VAL C 150 10.46 -0.22 5.10
CA VAL C 150 11.84 0.02 4.68
C VAL C 150 12.19 1.51 4.57
N ARG C 151 13.47 1.81 4.73
CA ARG C 151 13.98 3.19 4.63
C ARG C 151 14.14 3.60 3.18
N ALA C 152 14.40 2.63 2.32
CA ALA C 152 14.55 2.88 0.90
C ALA C 152 14.34 1.61 0.09
N SER C 153 13.86 1.78 -1.14
CA SER C 153 13.74 0.67 -2.07
C SER C 153 14.50 1.02 -3.34
N ILE C 154 15.63 0.36 -3.56
CA ILE C 154 16.51 0.72 -4.65
C ILE C 154 16.80 -0.46 -5.57
N SER C 155 16.59 -0.25 -6.87
CA SER C 155 16.88 -1.28 -7.88
C SER C 155 18.06 -0.84 -8.74
N LEU C 156 19.07 -1.69 -8.83
CA LEU C 156 20.33 -1.34 -9.48
C LEU C 156 20.20 -1.16 -10.99
N GLY C 157 19.25 -1.86 -11.59
CA GLY C 157 19.11 -1.81 -13.04
C GLY C 157 20.02 -2.82 -13.70
N LEU C 158 19.57 -3.37 -14.82
CA LEU C 158 20.30 -4.44 -15.50
C LEU C 158 21.70 -4.02 -15.94
N ALA C 159 22.64 -4.94 -15.78
CA ALA C 159 24.00 -4.74 -16.26
C ALA C 159 24.07 -5.04 -17.75
N GLU C 160 24.50 -4.06 -18.53
CA GLU C 160 24.55 -4.22 -19.97
C GLU C 160 25.99 -4.29 -20.48
N ASP C 161 26.15 -4.85 -21.68
CA ASP C 161 27.47 -5.03 -22.27
C ASP C 161 27.92 -3.78 -23.02
N ALA C 162 28.74 -2.97 -22.36
CA ALA C 162 29.30 -1.78 -22.96
C ALA C 162 30.62 -1.40 -22.28
N PRO C 163 31.71 -2.11 -22.64
CA PRO C 163 33.03 -1.97 -21.99
C PRO C 163 33.60 -0.56 -22.03
N GLU C 164 33.14 0.28 -22.95
CA GLU C 164 33.64 1.65 -23.03
C GLU C 164 32.92 2.56 -22.05
N ARG C 165 31.89 2.03 -21.39
CA ARG C 165 31.18 2.76 -20.35
C ARG C 165 31.43 2.14 -18.98
N THR C 166 32.48 1.33 -18.89
CA THR C 166 32.78 0.54 -17.70
C THR C 166 32.95 1.41 -16.45
N SER C 167 33.72 2.48 -16.57
CA SER C 167 34.00 3.33 -15.42
C SER C 167 32.78 4.15 -15.00
N ALA C 168 31.91 4.46 -15.96
CA ALA C 168 30.66 5.14 -15.64
C ALA C 168 29.73 4.23 -14.87
N LEU C 169 29.67 2.96 -15.28
CA LEU C 169 28.85 1.96 -14.61
C LEU C 169 29.37 1.66 -13.21
N ASN C 170 30.69 1.54 -13.09
CA ASN C 170 31.31 1.32 -11.80
C ASN C 170 30.93 2.40 -10.80
N ALA C 171 30.92 3.65 -11.27
CA ALA C 171 30.58 4.79 -10.44
C ALA C 171 29.10 4.76 -10.08
N THR C 172 28.26 4.33 -11.03
CA THR C 172 26.82 4.25 -10.81
C THR C 172 26.48 3.19 -9.77
N TRP C 173 27.08 2.00 -9.92
CA TRP C 173 26.82 0.89 -9.03
C TRP C 173 27.30 1.16 -7.60
N ARG C 174 28.47 1.77 -7.48
CA ARG C 174 29.04 2.05 -6.16
C ARG C 174 28.34 3.22 -5.47
N SER C 175 27.83 4.16 -6.27
CA SER C 175 27.07 5.28 -5.72
C SER C 175 25.75 4.77 -5.15
N ALA C 176 25.05 3.95 -5.93
CA ALA C 176 23.78 3.41 -5.50
C ALA C 176 23.93 2.51 -4.29
N THR C 177 25.01 1.73 -4.25
CA THR C 177 25.27 0.84 -3.12
C THR C 177 25.52 1.66 -1.85
N CYS C 178 26.21 2.79 -2.00
CA CYS C 178 26.45 3.67 -0.87
C CYS C 178 25.15 4.32 -0.39
N ARG C 179 24.22 4.54 -1.32
CA ARG C 179 22.90 5.04 -0.96
C ARG C 179 22.15 4.02 -0.10
N VAL C 180 22.23 2.75 -0.49
CA VAL C 180 21.61 1.66 0.26
C VAL C 180 22.15 1.61 1.68
N LEU C 181 23.48 1.67 1.80
CA LEU C 181 24.14 1.61 3.10
C LEU C 181 23.79 2.80 3.97
N ALA C 182 23.81 3.99 3.38
CA ALA C 182 23.50 5.21 4.11
C ALA C 182 22.07 5.18 4.66
N ALA C 183 21.15 4.68 3.84
CA ALA C 183 19.75 4.59 4.24
C ALA C 183 19.58 3.57 5.35
N ALA C 184 20.34 2.48 5.27
CA ALA C 184 20.25 1.42 6.28
C ALA C 184 20.87 1.83 7.60
N THR C 185 22.01 2.49 7.55
CA THR C 185 22.74 2.87 8.77
C THR C 185 22.29 4.21 9.33
N GLY C 186 21.51 4.96 8.55
CA GLY C 186 21.04 6.26 8.96
C GLY C 186 22.16 7.29 9.00
N ALA C 187 23.12 7.14 8.09
CA ALA C 187 24.32 7.99 8.05
C ALA C 187 23.98 9.47 7.95
N ARG C 188 22.92 9.80 7.21
CA ARG C 188 22.52 11.18 7.03
C ARG C 188 21.19 11.47 7.71
N THR C 189 20.46 10.42 8.06
CA THR C 189 19.11 10.58 8.58
C THR C 189 19.02 10.33 10.08
N ALA C 190 20.05 9.69 10.63
CA ALA C 190 20.04 9.23 12.03
C ALA C 190 18.80 8.37 12.29
N ASN C 191 18.43 7.58 11.28
CA ASN C 191 17.24 6.75 11.35
C ASN C 191 17.49 5.41 10.67
N ALA C 192 18.31 4.58 11.31
CA ALA C 192 18.65 3.27 10.80
C ALA C 192 17.39 2.41 10.59
N GLY C 193 17.47 1.47 9.66
CA GLY C 193 16.34 0.61 9.38
C GLY C 193 16.61 -0.33 8.22
N PRO C 194 15.61 -1.14 7.85
CA PRO C 194 15.74 -2.07 6.74
C PRO C 194 15.69 -1.37 5.39
N VAL C 195 16.47 -1.89 4.44
CA VAL C 195 16.50 -1.36 3.08
C VAL C 195 16.32 -2.49 2.09
N HIS C 196 15.47 -2.27 1.09
CA HIS C 196 15.28 -3.24 0.02
C HIS C 196 16.18 -2.89 -1.16
N PHE C 197 17.08 -3.82 -1.51
CA PHE C 197 18.07 -3.59 -2.54
C PHE C 197 17.96 -4.66 -3.64
N ASP C 198 17.52 -4.24 -4.83
CA ASP C 198 17.33 -5.20 -5.92
C ASP C 198 18.43 -5.12 -6.97
N ILE C 199 18.99 -6.28 -7.29
CA ILE C 199 19.98 -6.39 -8.36
C ILE C 199 19.44 -7.34 -9.43
N PRO C 200 18.79 -6.78 -10.46
CA PRO C 200 18.11 -7.58 -11.48
C PRO C 200 19.06 -8.51 -12.22
N LEU C 201 18.53 -9.66 -12.59
CA LEU C 201 19.31 -10.74 -13.18
C LEU C 201 18.71 -11.12 -14.51
N ARG C 202 19.55 -11.47 -15.47
CA ARG C 202 19.05 -11.91 -16.77
C ARG C 202 19.18 -13.41 -16.95
N GLU C 203 20.39 -13.94 -16.92
CA GLU C 203 20.57 -15.39 -16.95
C GLU C 203 21.73 -15.85 -16.07
N VAL C 215 39.03 -9.28 -13.58
CA VAL C 215 39.48 -7.98 -13.09
C VAL C 215 38.30 -7.10 -12.67
N THR C 216 38.25 -6.76 -11.39
CA THR C 216 37.15 -5.98 -10.84
C THR C 216 37.49 -4.50 -10.80
N PRO C 217 36.66 -3.67 -11.46
CA PRO C 217 36.82 -2.20 -11.47
C PRO C 217 36.96 -1.65 -10.06
N PRO C 218 38.03 -0.88 -9.81
CA PRO C 218 38.43 -0.48 -8.45
C PRO C 218 37.53 0.59 -7.83
N GLY C 219 37.37 0.54 -6.51
CA GLY C 219 36.69 1.58 -5.78
C GLY C 219 37.63 2.72 -5.50
N ARG C 220 37.41 3.40 -4.38
CA ARG C 220 38.28 4.49 -3.97
C ARG C 220 39.62 3.96 -3.48
N PRO C 221 40.66 4.81 -3.47
CA PRO C 221 41.95 4.37 -2.92
C PRO C 221 41.86 4.08 -1.43
N ALA C 222 42.63 3.10 -0.97
CA ALA C 222 42.77 2.77 0.46
C ALA C 222 41.46 2.30 1.10
N GLY C 223 40.62 1.61 0.32
CA GLY C 223 39.43 0.98 0.86
C GLY C 223 38.33 1.91 1.34
N LYS C 224 38.37 3.16 0.88
CA LYS C 224 37.34 4.13 1.23
C LYS C 224 36.05 3.88 0.47
N PRO C 225 34.90 4.17 1.11
CA PRO C 225 33.61 4.03 0.41
C PRO C 225 33.51 5.02 -0.74
N TRP C 226 32.79 4.65 -1.79
CA TRP C 226 32.71 5.48 -3.00
C TRP C 226 32.18 6.88 -2.68
N THR C 227 31.03 6.93 -2.01
CA THR C 227 30.51 8.20 -1.53
C THR C 227 30.62 8.24 -0.02
N TYR C 228 31.51 9.11 0.48
CA TYR C 228 31.76 9.21 1.90
C TYR C 228 30.75 10.11 2.59
N THR C 229 30.25 9.67 3.76
CA THR C 229 29.34 10.48 4.55
C THR C 229 29.93 10.76 5.93
N PRO C 230 30.45 11.98 6.13
CA PRO C 230 31.02 12.41 7.41
C PRO C 230 29.98 12.35 8.53
N PRO C 231 30.43 12.30 9.80
CA PRO C 231 29.53 12.26 10.95
C PRO C 231 28.47 13.34 10.91
N VAL C 232 27.26 12.99 11.33
CA VAL C 232 26.11 13.89 11.27
C VAL C 232 25.56 14.17 12.67
N THR C 233 25.16 15.41 12.91
CA THR C 233 24.45 15.73 14.16
C THR C 233 23.10 16.36 13.89
N PHE C 234 22.08 15.86 14.56
CA PHE C 234 20.78 16.51 14.64
C PHE C 234 20.66 17.16 16.02
N ASP C 235 20.42 18.47 16.06
CA ASP C 235 20.44 19.18 17.32
C ASP C 235 19.13 19.92 17.61
N GLN C 236 18.47 19.51 18.69
CA GLN C 236 17.24 20.16 19.13
C GLN C 236 17.27 20.37 20.65
N PRO C 237 17.81 21.51 21.09
CA PRO C 237 17.95 21.78 22.52
C PRO C 237 16.64 22.21 23.19
N LEU C 238 16.31 21.57 24.31
CA LEU C 238 15.15 21.96 25.10
C LEU C 238 15.59 22.55 26.43
N ASP C 239 15.04 23.71 26.75
CA ASP C 239 15.29 24.33 28.06
C ASP C 239 14.53 23.59 29.15
N ILE C 240 15.26 23.08 30.14
CA ILE C 240 14.65 22.36 31.25
C ILE C 240 15.16 22.86 32.60
N ASP C 241 14.23 23.16 33.51
CA ASP C 241 14.56 23.58 34.85
C ASP C 241 14.66 22.36 35.78
N LEU C 242 15.87 22.03 36.20
CA LEU C 242 16.10 20.82 36.98
C LEU C 242 15.75 20.98 38.46
N SER C 243 15.42 22.19 38.87
CA SER C 243 15.04 22.43 40.26
C SER C 243 13.65 21.87 40.52
N VAL C 244 12.83 21.85 39.46
CA VAL C 244 11.56 21.16 39.50
C VAL C 244 11.83 19.68 39.78
N ASP C 245 11.01 19.07 40.63
CA ASP C 245 11.20 17.66 40.96
C ASP C 245 11.13 16.80 39.71
N THR C 246 12.28 16.32 39.27
CA THR C 246 12.40 15.67 37.98
C THR C 246 12.84 14.22 38.08
N VAL C 247 12.18 13.34 37.33
CA VAL C 247 12.62 11.97 37.18
C VAL C 247 12.93 11.68 35.71
N VAL C 248 13.98 10.91 35.47
CA VAL C 248 14.36 10.54 34.11
C VAL C 248 13.94 9.10 33.82
N ILE C 249 13.24 8.91 32.70
CA ILE C 249 12.83 7.58 32.26
C ILE C 249 13.44 7.29 30.90
N SER C 250 14.26 6.24 30.83
CA SER C 250 14.94 5.90 29.58
C SER C 250 14.54 4.52 29.07
N GLY C 251 14.25 4.45 27.77
CA GLY C 251 13.86 3.20 27.13
C GLY C 251 14.77 2.83 25.97
N HIS C 252 14.27 1.97 25.09
CA HIS C 252 15.04 1.48 23.95
C HIS C 252 15.51 2.61 23.05
N GLY C 253 16.82 2.63 22.75
CA GLY C 253 17.39 3.62 21.87
C GLY C 253 17.65 4.96 22.52
N ALA C 254 17.72 4.99 23.84
CA ALA C 254 17.98 6.23 24.56
C ALA C 254 19.43 6.67 24.38
N GLY C 255 19.66 7.98 24.43
CA GLY C 255 21.00 8.52 24.28
C GLY C 255 21.68 8.75 25.62
N VAL C 256 22.98 9.06 25.57
CA VAL C 256 23.74 9.33 26.78
C VAL C 256 23.75 10.82 27.07
N HIS C 257 23.29 11.21 28.26
CA HIS C 257 23.23 12.62 28.64
C HIS C 257 23.94 12.87 29.96
N PRO C 258 25.18 13.39 29.90
CA PRO C 258 25.97 13.68 31.09
C PRO C 258 25.33 14.72 32.01
N ASN C 259 24.67 15.72 31.43
CA ASN C 259 24.07 16.79 32.21
C ASN C 259 22.80 16.37 32.95
N LEU C 260 22.50 15.07 32.90
CA LEU C 260 21.33 14.52 33.59
C LEU C 260 21.73 13.35 34.48
N ALA C 261 23.04 13.12 34.61
CA ALA C 261 23.56 11.97 35.34
C ALA C 261 23.16 11.96 36.81
N ALA C 262 22.92 13.14 37.38
CA ALA C 262 22.60 13.26 38.80
C ALA C 262 21.15 12.91 39.10
N LEU C 263 20.26 13.15 38.14
CA LEU C 263 18.83 12.92 38.33
C LEU C 263 18.51 11.45 38.56
N PRO C 264 17.51 11.18 39.42
CA PRO C 264 17.03 9.81 39.62
C PRO C 264 16.49 9.25 38.32
N THR C 265 16.88 8.03 37.97
CA THR C 265 16.62 7.51 36.63
C THR C 265 16.09 6.09 36.62
N VAL C 266 14.87 5.93 36.12
CA VAL C 266 14.29 4.61 35.87
C VAL C 266 14.68 4.17 34.45
N ALA C 267 15.70 3.32 34.38
CA ALA C 267 16.26 2.92 33.09
C ALA C 267 15.90 1.49 32.71
N GLU C 268 15.32 1.32 31.52
CA GLU C 268 15.10 -0.01 30.96
C GLU C 268 16.46 -0.67 30.73
N PRO C 269 16.49 -2.02 30.75
CA PRO C 269 17.73 -2.79 30.59
C PRO C 269 18.54 -2.45 29.34
N THR C 270 17.87 -2.14 28.23
CA THR C 270 18.58 -1.84 26.99
C THR C 270 19.04 -0.40 26.90
N ALA C 271 18.62 0.42 27.86
CA ALA C 271 19.02 1.83 27.87
C ALA C 271 20.41 1.99 28.49
N PRO C 272 21.27 2.77 27.82
CA PRO C 272 22.59 3.06 28.39
C PRO C 272 22.49 4.04 29.55
N ARG C 273 23.20 3.76 30.64
CA ARG C 273 23.14 4.62 31.82
C ARG C 273 23.94 5.89 31.61
N SER C 274 23.36 7.02 32.02
CA SER C 274 24.05 8.29 31.96
C SER C 274 24.81 8.55 33.24
N GLY C 275 24.41 7.90 34.32
CA GLY C 275 25.00 8.19 35.61
C GLY C 275 24.90 7.18 36.73
N ASP C 276 24.64 7.70 37.91
CA ASP C 276 24.96 7.01 39.16
C ASP C 276 23.75 6.84 40.08
N ASN C 277 22.63 7.44 39.69
CA ASN C 277 21.48 7.57 40.58
C ASN C 277 20.24 6.85 40.05
N PRO C 278 20.23 5.51 40.11
CA PRO C 278 19.08 4.77 39.57
C PRO C 278 17.88 4.79 40.51
N LEU C 279 16.68 4.78 39.93
CA LEU C 279 15.45 4.68 40.70
C LEU C 279 14.69 3.44 40.27
N HIS C 280 14.46 2.52 41.21
CA HIS C 280 13.75 1.29 40.93
C HIS C 280 12.34 1.57 40.42
N PRO C 281 11.88 0.80 39.42
CA PRO C 281 10.56 0.95 38.81
C PRO C 281 9.41 0.96 39.80
N LEU C 282 9.49 0.12 40.83
CA LEU C 282 8.40 -0.02 41.80
C LEU C 282 8.30 1.17 42.75
N ALA C 283 9.37 1.97 42.84
CA ALA C 283 9.37 3.13 43.71
C ALA C 283 8.67 4.32 43.06
N LEU C 284 8.35 4.17 41.78
CA LEU C 284 7.75 5.25 41.01
C LEU C 284 6.35 5.65 41.49
N PRO C 285 5.45 4.67 41.78
CA PRO C 285 4.16 5.09 42.31
C PRO C 285 4.25 5.71 43.71
N LEU C 286 5.36 5.47 44.40
CA LEU C 286 5.56 5.98 45.75
C LEU C 286 6.01 7.43 45.74
N LEU C 287 6.28 7.96 44.55
CA LEU C 287 6.76 9.33 44.39
C LEU C 287 5.81 10.14 43.52
N ARG C 288 5.76 11.44 43.75
CA ARG C 288 4.96 12.33 42.89
C ARG C 288 5.86 13.33 42.18
N PRO C 289 6.53 12.89 41.10
CA PRO C 289 7.39 13.81 40.35
C PRO C 289 6.60 14.95 39.72
N GLN C 290 7.23 16.10 39.54
CA GLN C 290 6.54 17.26 39.00
C GLN C 290 6.82 17.46 37.51
N GLN C 291 7.85 16.77 37.01
CA GLN C 291 8.12 16.75 35.57
C GLN C 291 8.96 15.54 35.21
N VAL C 292 8.89 15.12 33.94
CA VAL C 292 9.57 13.92 33.49
C VAL C 292 10.42 14.17 32.24
N ILE C 293 11.63 13.62 32.24
CA ILE C 293 12.47 13.64 31.06
C ILE C 293 12.54 12.23 30.48
N MET C 294 11.96 12.04 29.30
CA MET C 294 11.88 10.73 28.68
C MET C 294 12.93 10.54 27.59
N LEU C 295 13.82 9.57 27.80
CA LEU C 295 14.87 9.26 26.84
C LEU C 295 14.53 8.01 26.04
N GLY C 296 14.53 8.13 24.72
CA GLY C 296 14.25 6.99 23.86
C GLY C 296 12.80 6.56 23.91
N ARG C 297 12.58 5.26 23.79
CA ARG C 297 11.22 4.71 23.72
C ARG C 297 10.94 3.70 24.84
N PRO C 298 10.24 4.15 25.89
CA PRO C 298 9.84 3.30 27.01
C PRO C 298 8.68 2.38 26.66
N THR C 299 8.81 1.08 26.97
CA THR C 299 7.75 0.12 26.67
C THR C 299 7.34 -0.68 27.90
N LEU C 300 8.10 -0.56 28.99
CA LEU C 300 7.88 -1.40 30.17
C LEU C 300 7.23 -0.65 31.33
N HIS C 301 6.55 -1.43 32.19
CA HIS C 301 5.99 -0.96 33.47
C HIS C 301 4.79 -0.04 33.34
N ARG C 302 3.66 -0.48 33.89
CA ARG C 302 2.43 0.32 33.93
C ARG C 302 2.55 1.66 34.67
N PRO C 303 3.25 1.69 35.84
CA PRO C 303 3.39 3.01 36.48
C PRO C 303 4.15 4.01 35.62
N VAL C 304 5.09 3.53 34.81
CA VAL C 304 5.76 4.40 33.84
C VAL C 304 4.74 4.97 32.87
N SER C 305 3.91 4.10 32.31
CA SER C 305 2.87 4.52 31.37
C SER C 305 1.90 5.51 32.00
N VAL C 306 1.47 5.21 33.22
CA VAL C 306 0.53 6.07 33.94
C VAL C 306 1.12 7.46 34.16
N LEU C 307 2.41 7.50 34.49
CA LEU C 307 3.09 8.76 34.76
C LEU C 307 3.23 9.64 33.52
N LEU C 308 3.61 9.04 32.39
CA LEU C 308 3.77 9.78 31.14
C LEU C 308 2.43 10.34 30.66
N ALA C 309 1.35 9.65 31.01
CA ALA C 309 0.01 10.05 30.60
C ALA C 309 -0.60 11.09 31.56
N ASP C 310 0.07 11.31 32.69
CA ASP C 310 -0.41 12.24 33.70
C ASP C 310 -0.39 13.68 33.16
N ALA C 311 -1.57 14.27 33.02
CA ALA C 311 -1.71 15.56 32.35
C ALA C 311 -1.15 16.74 33.15
N GLU C 312 -0.90 16.54 34.44
CA GLU C 312 -0.38 17.60 35.28
C GLU C 312 1.14 17.53 35.39
N VAL C 313 1.72 16.45 34.85
CA VAL C 313 3.16 16.27 34.84
C VAL C 313 3.74 16.53 33.45
N PRO C 314 4.42 17.67 33.28
CA PRO C 314 5.10 18.01 32.02
C PRO C 314 6.11 16.95 31.60
N VAL C 315 6.02 16.48 30.36
CA VAL C 315 6.93 15.46 29.86
C VAL C 315 7.76 16.01 28.69
N PHE C 316 9.07 15.88 28.82
CA PHE C 316 9.99 16.29 27.76
C PHE C 316 10.65 15.07 27.13
N ALA C 317 10.46 14.90 25.82
CA ALA C 317 10.98 13.74 25.11
C ALA C 317 12.31 14.05 24.41
N LEU C 318 13.37 13.39 24.83
CA LEU C 318 14.67 13.56 24.19
C LEU C 318 15.07 12.27 23.48
N THR C 319 14.94 12.27 22.16
CA THR C 319 15.21 11.07 21.36
C THR C 319 15.94 11.42 20.06
N THR C 320 16.55 10.40 19.46
CA THR C 320 17.10 10.52 18.11
C THR C 320 16.10 9.90 17.13
N GLY C 321 15.91 10.55 15.98
CA GLY C 321 15.03 10.02 14.96
C GLY C 321 13.92 10.97 14.57
N PRO C 322 13.21 10.63 13.49
CA PRO C 322 12.13 11.45 12.90
C PRO C 322 10.89 11.56 13.78
N ARG C 323 10.59 10.53 14.56
CA ARG C 323 9.37 10.53 15.36
C ARG C 323 9.66 10.35 16.85
N TRP C 324 8.67 10.66 17.67
CA TRP C 324 8.82 10.58 19.12
C TRP C 324 7.71 9.74 19.74
N PRO C 325 8.00 9.08 20.87
CA PRO C 325 6.98 8.28 21.55
C PRO C 325 6.06 9.13 22.42
N ASP C 326 4.75 8.94 22.28
CA ASP C 326 3.76 9.61 23.12
C ASP C 326 2.38 9.00 22.90
N VAL C 327 2.09 7.94 23.64
CA VAL C 327 0.81 7.22 23.51
C VAL C 327 -0.37 8.09 23.90
N SER C 328 -0.23 8.84 24.99
CA SER C 328 -1.33 9.62 25.53
C SER C 328 -1.51 10.97 24.82
N GLY C 329 -0.43 11.45 24.18
CA GLY C 329 -0.46 12.75 23.55
C GLY C 329 -0.19 13.86 24.54
N ASN C 330 0.51 13.52 25.62
CA ASN C 330 0.68 14.42 26.75
C ASN C 330 1.97 15.23 26.72
N SER C 331 2.94 14.77 25.93
CA SER C 331 4.26 15.40 25.83
C SER C 331 4.20 16.91 25.62
N GLN C 332 4.96 17.64 26.42
CA GLN C 332 5.01 19.09 26.33
C GLN C 332 5.96 19.54 25.22
N ALA C 333 7.04 18.78 25.04
CA ALA C 333 8.07 19.14 24.07
C ALA C 333 8.95 17.95 23.70
N THR C 334 9.51 17.99 22.49
CA THR C 334 10.44 16.97 22.03
C THR C 334 11.73 17.59 21.48
N GLY C 335 12.83 16.87 21.61
CA GLY C 335 14.12 17.33 21.13
C GLY C 335 15.18 16.25 21.23
N THR C 336 16.45 16.66 21.25
CA THR C 336 17.55 15.71 21.32
C THR C 336 18.45 15.99 22.53
N ARG C 337 18.46 17.25 22.96
CA ARG C 337 19.33 17.69 24.05
C ARG C 337 18.58 18.52 25.09
N ALA C 338 19.13 18.58 26.30
CA ALA C 338 18.59 19.44 27.33
C ALA C 338 19.55 20.59 27.65
N VAL C 339 19.01 21.80 27.75
CA VAL C 339 19.77 22.93 28.26
C VAL C 339 19.31 23.23 29.68
N THR C 340 19.99 22.62 30.65
CA THR C 340 19.54 22.63 32.03
C THR C 340 19.93 23.88 32.81
N THR C 341 18.98 24.38 33.59
CA THR C 341 19.26 25.40 34.59
C THR C 341 18.80 24.87 35.95
N GLY C 342 19.46 25.31 37.02
CA GLY C 342 19.11 24.85 38.35
C GLY C 342 19.61 23.45 38.64
N ALA C 343 19.22 22.92 39.80
CA ALA C 343 19.65 21.60 40.22
C ALA C 343 18.55 20.94 41.06
N PRO C 344 18.49 19.60 41.06
CA PRO C 344 17.44 18.91 41.82
C PRO C 344 17.50 19.21 43.33
N ARG C 345 16.36 19.54 43.90
CA ARG C 345 16.26 19.81 45.34
C ARG C 345 16.77 18.62 46.15
N PRO C 346 17.57 18.88 47.18
CA PRO C 346 18.12 17.82 48.04
C PRO C 346 17.02 17.05 48.76
N ALA C 347 15.91 17.72 49.04
CA ALA C 347 14.74 17.06 49.61
C ALA C 347 14.18 16.04 48.63
N TRP C 348 14.02 16.46 47.38
CA TRP C 348 13.54 15.59 46.31
C TRP C 348 14.52 14.45 46.06
N LEU C 349 15.80 14.78 45.98
CA LEU C 349 16.85 13.79 45.74
C LEU C 349 16.86 12.71 46.82
N ASP C 350 16.66 13.11 48.08
CA ASP C 350 16.73 12.18 49.20
C ASP C 350 15.48 11.31 49.29
N ARG C 351 14.34 11.89 48.94
CA ARG C 351 13.08 11.15 48.94
C ARG C 351 13.12 10.01 47.92
N CYS C 352 13.73 10.28 46.77
CA CYS C 352 13.85 9.29 45.70
C CYS C 352 14.76 8.14 46.09
N ALA C 353 15.89 8.48 46.71
CA ALA C 353 16.85 7.47 47.15
C ALA C 353 16.24 6.57 48.23
N ALA C 354 15.40 7.15 49.07
CA ALA C 354 14.75 6.41 50.14
C ALA C 354 13.77 5.38 49.58
N MET C 355 12.93 5.81 48.65
CA MET C 355 11.98 4.92 48.01
C MET C 355 12.69 3.86 47.18
N ASN C 356 13.84 4.24 46.61
CA ASN C 356 14.66 3.32 45.83
C ASN C 356 15.15 2.15 46.68
N ARG C 357 15.79 2.47 47.80
CA ARG C 357 16.28 1.46 48.73
C ARG C 357 15.13 0.62 49.26
N HIS C 358 14.00 1.28 49.48
CA HIS C 358 12.81 0.63 49.99
C HIS C 358 12.29 -0.40 48.99
N ALA C 359 12.26 -0.02 47.71
CA ALA C 359 11.81 -0.91 46.65
C ALA C 359 12.75 -2.11 46.48
N ILE C 360 14.05 -1.82 46.45
CA ILE C 360 15.07 -2.86 46.30
C ILE C 360 14.99 -3.87 47.45
N ALA C 361 14.84 -3.36 48.67
CA ALA C 361 14.68 -4.21 49.83
C ALA C 361 13.49 -5.15 49.64
N ALA C 362 12.33 -4.56 49.39
CA ALA C 362 11.08 -5.30 49.20
C ALA C 362 11.21 -6.45 48.19
N VAL C 363 11.94 -6.21 47.10
CA VAL C 363 12.12 -7.23 46.07
C VAL C 363 12.96 -8.40 46.59
N ARG C 364 14.08 -8.09 47.23
CA ARG C 364 14.99 -9.14 47.70
C ARG C 364 14.39 -9.91 48.88
N GLU C 365 13.64 -9.24 49.74
CA GLU C 365 13.01 -9.89 50.89
C GLU C 365 12.02 -10.96 50.43
N GLN C 366 11.07 -10.57 49.59
CA GLN C 366 9.99 -11.44 49.17
C GLN C 366 10.47 -12.60 48.30
N LEU C 367 11.61 -12.42 47.62
CA LEU C 367 12.20 -13.50 46.86
C LEU C 367 12.77 -14.55 47.81
N ALA C 368 13.48 -14.08 48.84
CA ALA C 368 14.05 -14.96 49.85
C ALA C 368 12.94 -15.65 50.64
N ALA C 369 11.87 -14.92 50.90
CA ALA C 369 10.74 -15.44 51.67
C ALA C 369 9.87 -16.39 50.84
N HIS C 370 10.25 -16.58 49.58
CA HIS C 370 9.50 -17.45 48.67
CA HIS C 370 9.49 -17.46 48.69
C HIS C 370 10.27 -18.74 48.38
N PRO C 371 9.64 -19.89 48.64
CA PRO C 371 10.27 -21.20 48.39
C PRO C 371 10.38 -21.55 46.91
N LEU C 372 9.25 -21.50 46.20
CA LEU C 372 9.20 -21.87 44.79
C LEU C 372 9.99 -20.93 43.90
N THR C 373 10.78 -21.51 42.99
CA THR C 373 11.54 -20.73 42.03
C THR C 373 10.63 -20.21 40.91
N THR C 374 10.69 -18.90 40.67
CA THR C 374 9.96 -18.28 39.59
C THR C 374 10.92 -17.63 38.60
N GLY C 375 10.37 -17.03 37.55
CA GLY C 375 11.18 -16.34 36.56
C GLY C 375 11.92 -15.16 37.18
N LEU C 376 11.30 -14.55 38.18
CA LEU C 376 11.90 -13.41 38.85
C LEU C 376 13.15 -13.83 39.64
N HIS C 377 13.09 -15.02 40.23
CA HIS C 377 14.25 -15.59 40.92
C HIS C 377 15.40 -15.81 39.94
N VAL C 378 15.08 -16.44 38.81
CA VAL C 378 16.07 -16.73 37.77
C VAL C 378 16.73 -15.45 37.27
N ALA C 379 15.93 -14.41 37.08
CA ALA C 379 16.42 -13.13 36.59
C ALA C 379 17.47 -12.54 37.52
N ALA C 380 17.21 -12.60 38.82
CA ALA C 380 18.15 -12.09 39.82
C ALA C 380 19.45 -12.89 39.80
N ALA C 381 19.32 -14.21 39.69
CA ALA C 381 20.49 -15.08 39.65
C ALA C 381 21.37 -14.78 38.45
N VAL C 382 20.76 -14.72 37.27
CA VAL C 382 21.47 -14.35 36.05
C VAL C 382 22.10 -12.97 36.21
N SER C 383 21.32 -12.05 36.78
CA SER C 383 21.74 -10.67 36.96
C SER C 383 23.03 -10.56 37.79
N HIS C 384 23.07 -11.25 38.92
CA HIS C 384 24.20 -11.17 39.82
C HIS C 384 25.40 -11.97 39.30
N ALA C 385 25.14 -12.87 38.35
CA ALA C 385 26.20 -13.68 37.75
C ALA C 385 26.95 -12.92 36.68
N LEU C 386 26.44 -11.75 36.30
CA LEU C 386 27.01 -10.98 35.19
C LEU C 386 28.27 -10.22 35.58
N ARG C 387 29.16 -10.06 34.61
CA ARG C 387 30.43 -9.35 34.80
C ARG C 387 30.63 -8.35 33.66
N PRO C 388 31.43 -7.30 33.90
CA PRO C 388 31.70 -6.30 32.85
C PRO C 388 32.27 -6.93 31.57
N GLY C 389 31.85 -6.41 30.42
CA GLY C 389 32.30 -6.93 29.14
C GLY C 389 31.38 -7.99 28.58
N ASP C 390 30.41 -8.41 29.38
CA ASP C 390 29.43 -9.41 28.95
C ASP C 390 28.41 -8.80 28.01
N GLN C 391 27.78 -9.64 27.19
CA GLN C 391 26.61 -9.24 26.43
C GLN C 391 25.41 -10.01 26.94
N LEU C 392 24.32 -9.28 27.19
CA LEU C 392 23.11 -9.89 27.73
C LEU C 392 21.96 -9.75 26.74
N VAL C 393 21.38 -10.88 26.34
CA VAL C 393 20.27 -10.88 25.40
C VAL C 393 18.97 -11.29 26.10
N LEU C 394 18.03 -10.36 26.21
CA LEU C 394 16.79 -10.59 26.92
C LEU C 394 15.61 -10.80 26.00
N GLY C 395 14.83 -11.85 26.25
CA GLY C 395 13.62 -12.08 25.50
C GLY C 395 12.49 -11.20 25.98
N ALA C 396 11.39 -11.18 25.23
CA ALA C 396 10.23 -10.39 25.61
C ALA C 396 9.51 -11.02 26.80
N SER C 397 8.33 -10.49 27.12
CA SER C 397 7.52 -10.96 28.25
C SER C 397 8.22 -10.68 29.58
N ASN C 398 8.11 -11.61 30.52
CA ASN C 398 8.68 -11.43 31.86
C ASN C 398 10.21 -11.25 31.93
N PRO C 399 11.01 -12.04 31.18
CA PRO C 399 12.47 -11.93 31.30
C PRO C 399 13.04 -10.50 31.25
N VAL C 400 12.62 -9.69 30.30
CA VAL C 400 13.14 -8.33 30.18
C VAL C 400 12.68 -7.47 31.37
N ARG C 401 11.45 -7.74 31.84
CA ARG C 401 10.89 -6.99 32.96
C ARG C 401 11.47 -7.45 34.30
N ASP C 402 11.59 -8.76 34.45
CA ASP C 402 12.10 -9.34 35.70
C ASP C 402 13.52 -8.86 36.01
N VAL C 403 14.34 -8.74 34.97
CA VAL C 403 15.70 -8.25 35.13
C VAL C 403 15.69 -6.81 35.64
N ALA C 404 14.75 -6.01 35.16
CA ALA C 404 14.60 -4.64 35.62
C ALA C 404 14.13 -4.60 37.07
N LEU C 405 13.30 -5.58 37.44
CA LEU C 405 12.80 -5.69 38.80
C LEU C 405 13.85 -6.24 39.76
N ALA C 406 14.77 -7.03 39.22
CA ALA C 406 15.85 -7.61 40.01
C ALA C 406 16.97 -6.60 40.26
N GLY C 407 16.83 -5.42 39.67
CA GLY C 407 17.73 -4.31 39.91
C GLY C 407 19.11 -4.47 39.29
N LEU C 408 19.17 -5.01 38.08
CA LEU C 408 20.43 -5.16 37.36
C LEU C 408 21.10 -3.81 37.10
N ASP C 409 22.39 -3.71 37.41
CA ASP C 409 23.17 -2.52 37.07
C ASP C 409 23.89 -2.78 35.74
N THR C 410 23.42 -2.10 34.70
CA THR C 410 23.80 -2.43 33.33
C THR C 410 25.14 -1.83 32.88
N ARG C 411 25.75 -1.01 33.72
CA ARG C 411 26.98 -0.32 33.35
C ARG C 411 28.15 -1.28 33.15
N GLY C 412 28.83 -1.14 32.01
CA GLY C 412 29.94 -2.02 31.66
C GLY C 412 29.43 -3.25 30.94
N ILE C 413 28.14 -3.27 30.66
CA ILE C 413 27.48 -4.42 30.06
C ILE C 413 26.64 -3.99 28.86
N ARG C 414 26.59 -4.81 27.82
CA ARG C 414 25.83 -4.48 26.63
C ARG C 414 24.59 -5.38 26.50
N VAL C 415 23.43 -4.76 26.62
CA VAL C 415 22.16 -5.48 26.68
C VAL C 415 21.36 -5.36 25.38
N ARG C 416 20.93 -6.51 24.84
CA ARG C 416 20.13 -6.52 23.63
C ARG C 416 18.74 -7.09 23.90
N SER C 417 17.73 -6.53 23.23
CA SER C 417 16.36 -7.04 23.30
C SER C 417 15.56 -6.49 22.12
N ASN C 418 14.74 -7.33 21.52
CA ASN C 418 13.94 -6.92 20.37
C ASN C 418 12.70 -6.13 20.78
N ARG C 419 12.92 -4.92 21.29
CA ARG C 419 11.83 -4.10 21.81
C ARG C 419 11.11 -3.29 20.73
N GLY C 420 11.52 -3.46 19.48
CA GLY C 420 10.88 -2.77 18.38
C GLY C 420 9.40 -3.06 18.31
N VAL C 421 9.06 -4.34 18.38
CA VAL C 421 7.66 -4.77 18.34
C VAL C 421 7.45 -5.87 19.40
N ALA C 422 8.53 -6.23 20.08
CA ALA C 422 8.47 -7.10 21.25
C ALA C 422 7.84 -8.46 20.97
N GLY C 423 8.25 -9.10 19.89
CA GLY C 423 7.78 -10.44 19.58
C GLY C 423 8.55 -11.49 20.36
N ILE C 424 7.92 -12.62 20.62
CA ILE C 424 8.61 -13.73 21.26
C ILE C 424 9.18 -14.67 20.21
N ASP C 425 9.15 -14.22 18.96
CA ASP C 425 9.70 -14.99 17.86
C ASP C 425 11.13 -14.55 17.54
N GLY C 426 11.95 -15.50 17.12
CA GLY C 426 13.29 -15.23 16.62
C GLY C 426 14.34 -14.80 17.63
N THR C 427 14.10 -15.04 18.91
CA THR C 427 15.04 -14.59 19.94
C THR C 427 16.29 -15.47 20.01
N VAL C 428 16.13 -16.76 19.68
CA VAL C 428 17.26 -17.69 19.70
C VAL C 428 18.33 -17.29 18.70
N SER C 429 17.93 -17.10 17.44
CA SER C 429 18.85 -16.71 16.38
C SER C 429 19.40 -15.32 16.62
N THR C 430 18.61 -14.45 17.24
CA THR C 430 19.05 -13.12 17.60
C THR C 430 20.25 -13.20 18.54
N ALA C 431 20.11 -14.02 19.57
CA ALA C 431 21.17 -14.23 20.55
C ALA C 431 22.41 -14.85 19.90
N ILE C 432 22.18 -15.82 19.02
CA ILE C 432 23.26 -16.46 18.29
C ILE C 432 23.99 -15.45 17.40
N GLY C 433 23.22 -14.71 16.61
CA GLY C 433 23.79 -13.70 15.74
C GLY C 433 24.50 -12.60 16.51
N ALA C 434 23.91 -12.19 17.62
CA ALA C 434 24.52 -11.16 18.47
C ALA C 434 25.83 -11.66 19.06
N ALA C 435 25.87 -12.96 19.37
CA ALA C 435 27.07 -13.56 19.94
C ALA C 435 28.19 -13.58 18.91
N LEU C 436 27.90 -14.11 17.73
CA LEU C 436 28.88 -14.20 16.64
C LEU C 436 29.50 -12.85 16.31
N ALA C 437 28.67 -11.82 16.25
CA ALA C 437 29.13 -10.48 15.91
C ALA C 437 29.95 -9.86 17.03
N TYR C 438 29.51 -10.09 18.27
CA TYR C 438 30.21 -9.57 19.44
C TYR C 438 31.55 -10.29 19.62
N GLU C 439 31.59 -11.56 19.25
CA GLU C 439 32.81 -12.34 19.29
C GLU C 439 33.74 -11.95 18.16
N GLY C 440 33.16 -11.63 17.02
CA GLY C 440 33.93 -11.21 15.87
C GLY C 440 34.61 -9.88 16.10
N ALA C 441 34.00 -9.03 16.90
CA ALA C 441 34.50 -7.68 17.16
C ALA C 441 35.79 -7.72 18.01
N HIS C 442 35.94 -8.78 18.80
CA HIS C 442 37.07 -8.90 19.71
C HIS C 442 38.15 -9.84 19.14
N GLU C 443 37.77 -10.69 18.20
CA GLU C 443 38.78 -11.47 17.50
C GLU C 443 39.55 -10.49 16.62
N ARG C 444 38.89 -9.40 16.25
CA ARG C 444 39.49 -8.37 15.42
C ARG C 444 40.40 -7.42 16.20
N THR C 445 40.54 -7.66 17.50
CA THR C 445 41.38 -6.81 18.34
C THR C 445 42.76 -7.41 18.55
N PRO C 451 37.21 -14.98 24.21
CA PRO C 451 36.17 -14.09 23.67
C PRO C 451 35.04 -13.88 24.67
N PRO C 452 34.48 -12.65 24.74
CA PRO C 452 33.51 -12.25 25.76
C PRO C 452 32.25 -13.10 25.79
N ARG C 453 31.62 -13.19 26.95
CA ARG C 453 30.43 -14.01 27.11
C ARG C 453 29.18 -13.33 26.56
N THR C 454 28.32 -14.13 25.94
CA THR C 454 26.97 -13.68 25.62
C THR C 454 25.97 -14.58 26.35
N ILE C 455 25.23 -13.98 27.28
CA ILE C 455 24.25 -14.74 28.05
C ILE C 455 22.84 -14.31 27.66
N ALA C 456 22.01 -15.29 27.32
CA ALA C 456 20.63 -15.02 26.94
C ALA C 456 19.66 -15.50 28.00
N LEU C 457 18.74 -14.64 28.41
CA LEU C 457 17.66 -15.05 29.30
C LEU C 457 16.32 -14.94 28.58
N ILE C 458 15.72 -16.08 28.28
CA ILE C 458 14.45 -16.11 27.58
C ILE C 458 13.45 -17.03 28.27
N GLY C 459 12.17 -16.83 28.00
CA GLY C 459 11.12 -17.67 28.53
C GLY C 459 11.07 -18.99 27.78
N ASP C 460 10.14 -19.87 28.18
CA ASP C 460 10.04 -21.19 27.56
C ASP C 460 9.27 -21.13 26.24
N LEU C 461 8.22 -20.31 26.20
CA LEU C 461 7.46 -20.11 24.97
C LEU C 461 8.37 -19.53 23.90
N THR C 462 9.13 -18.52 24.28
CA THR C 462 10.09 -17.87 23.39
C THR C 462 11.09 -18.89 22.82
N PHE C 463 11.56 -19.80 23.68
CA PHE C 463 12.51 -20.82 23.25
C PHE C 463 11.87 -21.78 22.24
N VAL C 464 10.65 -22.21 22.55
CA VAL C 464 9.93 -23.13 21.69
C VAL C 464 9.64 -22.49 20.33
N HIS C 465 9.35 -21.20 20.36
CA HIS C 465 9.06 -20.44 19.13
C HIS C 465 10.21 -20.52 18.13
N ASP C 466 11.41 -20.20 18.58
CA ASP C 466 12.58 -20.14 17.71
C ASP C 466 13.56 -21.28 17.96
N SER C 467 13.02 -22.45 18.30
CA SER C 467 13.85 -23.62 18.58
C SER C 467 14.70 -24.02 17.38
N SER C 468 14.19 -23.77 16.18
CA SER C 468 14.86 -24.17 14.94
C SER C 468 16.11 -23.33 14.65
N GLY C 469 16.32 -22.29 15.43
CA GLY C 469 17.51 -21.46 15.29
C GLY C 469 18.74 -22.17 15.81
N LEU C 470 18.52 -23.23 16.57
CA LEU C 470 19.62 -24.04 17.11
C LEU C 470 20.25 -24.91 16.02
N LEU C 471 19.47 -25.21 14.99
CA LEU C 471 19.93 -26.03 13.88
C LEU C 471 20.98 -25.29 13.04
N ILE C 472 22.25 -25.61 13.27
CA ILE C 472 23.35 -24.99 12.55
C ILE C 472 24.31 -26.03 11.99
N GLY C 473 24.42 -26.11 10.68
CA GLY C 473 25.29 -27.07 10.02
C GLY C 473 26.75 -26.90 10.43
N PRO C 474 27.55 -27.97 10.29
CA PRO C 474 28.95 -27.96 10.69
C PRO C 474 29.77 -26.94 9.90
N THR C 475 29.31 -26.60 8.70
CA THR C 475 30.02 -25.69 7.82
C THR C 475 29.69 -24.22 8.13
N GLU C 476 28.75 -24.00 9.04
CA GLU C 476 28.32 -22.63 9.37
C GLU C 476 28.99 -22.12 10.63
N PRO C 477 29.14 -20.79 10.74
CA PRO C 477 29.68 -20.15 11.94
C PRO C 477 28.88 -20.46 13.19
N ILE C 478 29.57 -20.78 14.28
CA ILE C 478 28.93 -21.10 15.55
C ILE C 478 29.65 -20.33 16.67
N PRO C 479 28.87 -19.64 17.53
CA PRO C 479 29.49 -18.84 18.59
C PRO C 479 30.27 -19.68 19.60
N ARG C 480 31.32 -19.10 20.15
CA ARG C 480 32.23 -19.82 21.04
C ARG C 480 31.91 -19.59 22.51
N SER C 481 31.12 -18.55 22.79
CA SER C 481 30.88 -18.14 24.16
C SER C 481 29.42 -17.77 24.44
N LEU C 482 28.50 -18.56 23.91
CA LEU C 482 27.08 -18.29 24.10
C LEU C 482 26.42 -19.26 25.06
N THR C 483 25.70 -18.70 26.03
CA THR C 483 24.88 -19.50 26.94
C THR C 483 23.45 -19.01 26.92
N ILE C 484 22.51 -19.91 26.66
CA ILE C 484 21.10 -19.56 26.68
C ILE C 484 20.42 -20.08 27.94
N VAL C 485 20.01 -19.15 28.81
CA VAL C 485 19.30 -19.51 30.02
C VAL C 485 17.79 -19.47 29.77
N VAL C 486 17.13 -20.59 30.04
CA VAL C 486 15.69 -20.70 29.78
C VAL C 486 14.90 -20.86 31.08
N SER C 487 14.22 -19.80 31.49
CA SER C 487 13.32 -19.87 32.63
C SER C 487 12.00 -20.51 32.19
N ASN C 488 11.88 -21.81 32.45
CA ASN C 488 10.75 -22.59 31.96
C ASN C 488 9.67 -22.79 33.03
N ASP C 489 8.64 -21.95 33.01
CA ASP C 489 7.50 -22.13 33.89
C ASP C 489 6.34 -22.79 33.14
N ASN C 490 6.67 -23.45 32.03
CA ASN C 490 5.70 -24.19 31.21
C ASN C 490 4.48 -23.38 30.83
N GLY C 491 4.71 -22.21 30.23
CA GLY C 491 3.62 -21.36 29.80
C GLY C 491 3.96 -19.89 29.81
N GLY C 492 2.95 -19.04 29.64
CA GLY C 492 3.14 -17.60 29.64
C GLY C 492 2.91 -17.00 31.01
N GLY C 493 4.00 -16.84 31.76
CA GLY C 493 3.90 -16.34 33.13
C GLY C 493 3.39 -14.92 33.26
N ILE C 494 3.62 -14.10 32.25
CA ILE C 494 3.27 -12.68 32.32
C ILE C 494 1.76 -12.46 32.42
N PHE C 495 0.98 -13.44 31.96
CA PHE C 495 -0.47 -13.30 31.94
C PHE C 495 -1.07 -13.45 33.34
N GLU C 496 -0.28 -13.98 34.28
CA GLU C 496 -0.70 -14.06 35.67
C GLU C 496 -0.76 -12.66 36.30
N LEU C 497 -0.01 -11.74 35.71
CA LEU C 497 0.14 -10.40 36.26
C LEU C 497 -0.83 -9.40 35.65
N LEU C 498 -1.70 -9.89 34.77
CA LEU C 498 -2.68 -9.04 34.10
C LEU C 498 -4.08 -9.36 34.60
N GLU C 499 -5.07 -8.61 34.12
CA GLU C 499 -6.45 -8.77 34.59
C GLU C 499 -7.03 -10.14 34.23
N GLN C 500 -6.47 -10.78 33.21
CA GLN C 500 -6.89 -12.13 32.88
C GLN C 500 -6.23 -13.13 33.84
N GLY C 501 -5.35 -12.62 34.69
CA GLY C 501 -4.73 -13.43 35.73
C GLY C 501 -5.49 -13.36 37.04
N ASP C 502 -6.58 -12.60 37.04
CA ASP C 502 -7.44 -12.50 38.22
C ASP C 502 -8.07 -13.86 38.50
N PRO C 503 -8.09 -14.27 39.78
CA PRO C 503 -8.60 -15.57 40.22
C PRO C 503 -10.01 -15.90 39.72
N ARG C 504 -10.81 -14.91 39.38
CA ARG C 504 -12.17 -15.17 38.89
C ARG C 504 -12.15 -15.81 37.50
N PHE C 505 -11.00 -15.75 36.83
CA PHE C 505 -10.82 -16.38 35.52
C PHE C 505 -10.07 -17.70 35.63
N SER C 506 -9.95 -18.22 36.84
CA SER C 506 -9.05 -19.35 37.13
C SER C 506 -9.23 -20.59 36.25
N ASP C 507 -10.47 -20.97 35.97
CA ASP C 507 -10.73 -22.19 35.22
C ASP C 507 -10.50 -22.00 33.72
N VAL C 508 -10.71 -20.79 33.23
CA VAL C 508 -10.60 -20.53 31.80
C VAL C 508 -9.23 -19.99 31.39
N SER C 509 -8.51 -19.39 32.33
CA SER C 509 -7.27 -18.69 32.02
C SER C 509 -6.14 -19.59 31.53
N SER C 510 -6.04 -20.79 32.09
CA SER C 510 -4.89 -21.65 31.83
C SER C 510 -4.76 -22.06 30.37
N ARG C 511 -5.87 -22.44 29.75
CA ARG C 511 -5.83 -22.94 28.38
C ARG C 511 -5.48 -21.87 27.34
N ILE C 512 -6.12 -20.71 27.44
CA ILE C 512 -6.01 -19.69 26.40
C ILE C 512 -4.97 -18.61 26.69
N PHE C 513 -4.47 -18.55 27.92
CA PHE C 513 -3.44 -17.57 28.26
C PHE C 513 -2.18 -18.24 28.79
N GLY C 514 -2.34 -19.23 29.65
CA GLY C 514 -1.21 -19.97 30.17
C GLY C 514 -0.54 -20.81 29.09
N THR C 515 -1.36 -21.54 28.35
CA THR C 515 -0.91 -22.42 27.26
C THR C 515 0.28 -23.31 27.64
N PRO C 516 0.07 -24.27 28.55
CA PRO C 516 1.14 -25.22 28.90
C PRO C 516 1.44 -26.16 27.73
N HIS C 517 2.68 -26.62 27.63
CA HIS C 517 3.10 -27.38 26.45
C HIS C 517 3.76 -28.73 26.77
N ASP C 518 4.33 -28.85 27.97
CA ASP C 518 4.98 -30.09 28.42
C ASP C 518 6.14 -30.53 27.53
N VAL C 519 6.89 -29.58 26.97
CA VAL C 519 7.99 -29.92 26.08
C VAL C 519 9.24 -30.33 26.83
N ASP C 520 9.83 -31.44 26.42
CA ASP C 520 11.10 -31.91 26.96
C ASP C 520 12.25 -31.11 26.34
N VAL C 521 12.66 -30.05 27.01
CA VAL C 521 13.70 -29.15 26.50
C VAL C 521 15.03 -29.88 26.27
N GLY C 522 15.45 -30.67 27.25
CA GLY C 522 16.70 -31.41 27.16
C GLY C 522 16.78 -32.31 25.95
N ALA C 523 15.66 -32.98 25.65
CA ALA C 523 15.58 -33.85 24.48
C ALA C 523 15.63 -33.03 23.19
N LEU C 524 15.09 -31.82 23.24
CA LEU C 524 15.05 -30.94 22.09
C LEU C 524 16.45 -30.44 21.73
N CYS C 525 17.20 -30.00 22.74
CA CYS C 525 18.55 -29.50 22.53
C CYS C 525 19.48 -30.58 21.98
N ARG C 526 19.36 -31.80 22.50
CA ARG C 526 20.23 -32.88 22.08
C ARG C 526 19.82 -33.42 20.71
N ALA C 527 18.54 -33.22 20.37
CA ALA C 527 18.06 -33.54 19.03
C ALA C 527 18.79 -32.69 18.01
N TYR C 528 19.20 -31.50 18.44
CA TYR C 528 19.95 -30.58 17.60
C TYR C 528 21.44 -30.62 17.94
N HIS C 529 21.82 -31.59 18.76
CA HIS C 529 23.21 -31.76 19.18
C HIS C 529 23.77 -30.53 19.88
N VAL C 530 23.00 -30.00 20.83
CA VAL C 530 23.45 -28.85 21.62
C VAL C 530 23.50 -29.22 23.10
N GLU C 531 24.62 -28.89 23.74
CA GLU C 531 24.82 -29.14 25.16
C GLU C 531 23.74 -28.49 26.02
N SER C 532 23.17 -29.26 26.95
CA SER C 532 22.09 -28.77 27.79
C SER C 532 22.06 -29.41 29.17
N ARG C 533 21.79 -28.58 30.19
CA ARG C 533 21.64 -29.07 31.55
CA ARG C 533 21.66 -29.05 31.56
C ARG C 533 20.42 -28.46 32.22
N GLN C 534 19.67 -29.28 32.94
CA GLN C 534 18.53 -28.78 33.71
C GLN C 534 18.97 -28.61 35.16
N ILE C 535 19.07 -27.36 35.61
CA ILE C 535 19.62 -27.07 36.93
C ILE C 535 18.71 -26.16 37.76
N GLU C 536 18.98 -26.12 39.06
CA GLU C 536 18.24 -25.25 39.97
C GLU C 536 18.95 -23.90 40.08
N VAL C 537 18.24 -22.92 40.64
CA VAL C 537 18.68 -21.53 40.59
C VAL C 537 19.97 -21.28 41.40
N ASP C 538 20.24 -22.12 42.39
CA ASP C 538 21.45 -21.98 43.19
C ASP C 538 22.69 -22.25 42.35
N GLU C 539 22.56 -23.17 41.40
CA GLU C 539 23.67 -23.60 40.58
C GLU C 539 23.91 -22.67 39.39
N LEU C 540 22.94 -21.79 39.14
CA LEU C 540 22.98 -20.91 37.97
C LEU C 540 24.21 -20.02 37.95
N GLY C 541 24.45 -19.33 39.08
CA GLY C 541 25.69 -18.59 39.27
C GLY C 541 26.90 -19.44 38.93
N PRO C 542 27.26 -20.41 39.79
CA PRO C 542 28.44 -21.27 39.62
C PRO C 542 28.57 -21.89 38.22
N THR C 543 27.45 -22.30 37.62
CA THR C 543 27.49 -22.90 36.29
C THR C 543 27.91 -21.89 35.22
N LEU C 544 27.35 -20.69 35.28
CA LEU C 544 27.67 -19.63 34.33
C LEU C 544 29.12 -19.17 34.44
N ASP C 545 29.66 -19.23 35.64
CA ASP C 545 31.05 -18.85 35.89
C ASP C 545 32.08 -19.73 35.18
N GLN C 546 31.75 -20.99 34.93
CA GLN C 546 32.70 -21.90 34.27
C GLN C 546 32.24 -22.27 32.87
N PRO C 547 33.11 -22.04 31.88
CA PRO C 547 32.82 -22.24 30.44
C PRO C 547 32.49 -23.67 30.06
N GLY C 548 32.10 -23.86 28.80
CA GLY C 548 31.78 -25.17 28.26
C GLY C 548 31.81 -25.14 26.75
N ALA C 549 30.89 -25.85 26.12
CA ALA C 549 30.78 -25.83 24.66
C ALA C 549 30.37 -24.44 24.19
N GLY C 550 30.75 -24.10 22.96
CA GLY C 550 30.47 -22.80 22.39
C GLY C 550 29.01 -22.41 22.47
N MET C 551 28.14 -23.38 22.23
CA MET C 551 26.70 -23.19 22.42
C MET C 551 26.18 -24.13 23.48
N ARG C 552 25.54 -23.58 24.50
CA ARG C 552 24.94 -24.39 25.54
C ARG C 552 23.66 -23.76 26.08
N VAL C 553 22.70 -24.61 26.46
CA VAL C 553 21.43 -24.15 26.99
C VAL C 553 21.24 -24.59 28.43
N LEU C 554 21.22 -23.62 29.35
CA LEU C 554 20.96 -23.92 30.75
C LEU C 554 19.48 -23.72 31.07
N GLU C 555 18.83 -24.81 31.47
CA GLU C 555 17.40 -24.78 31.73
C GLU C 555 17.10 -24.78 33.23
N VAL C 556 16.26 -23.85 33.67
CA VAL C 556 15.86 -23.78 35.07
C VAL C 556 14.35 -23.92 35.21
N LYS C 557 13.92 -24.97 35.91
CA LYS C 557 12.49 -25.18 36.17
C LYS C 557 11.93 -24.04 37.02
N ALA C 558 10.74 -23.57 36.66
CA ALA C 558 10.12 -22.45 37.38
C ALA C 558 8.62 -22.63 37.51
N ASP C 559 8.03 -21.86 38.41
CA ASP C 559 6.60 -21.93 38.67
C ASP C 559 5.92 -20.59 38.35
N ARG C 560 4.68 -20.64 37.89
CA ARG C 560 3.95 -19.42 37.58
C ARG C 560 2.64 -19.28 38.36
N SER C 561 2.26 -20.35 39.06
CA SER C 561 1.04 -20.33 39.86
C SER C 561 1.15 -19.35 41.01
N SER C 562 2.38 -19.12 41.46
CA SER C 562 2.64 -18.26 42.62
C SER C 562 3.03 -16.83 42.23
N LEU C 563 3.09 -16.57 40.93
CA LEU C 563 3.61 -15.29 40.44
C LEU C 563 2.77 -14.09 40.84
N ARG C 564 1.45 -14.19 40.69
CA ARG C 564 0.57 -13.06 41.02
C ARG C 564 0.65 -12.71 42.51
N GLN C 565 0.77 -13.74 43.35
CA GLN C 565 0.87 -13.53 44.80
C GLN C 565 2.22 -12.95 45.19
N LEU C 566 3.28 -13.44 44.55
CA LEU C 566 4.63 -12.93 44.83
C LEU C 566 4.70 -11.43 44.55
N HIS C 567 4.18 -11.00 43.40
CA HIS C 567 4.19 -9.59 43.03
C HIS C 567 3.31 -8.77 43.97
N ALA C 568 2.21 -9.35 44.41
CA ALA C 568 1.32 -8.69 45.37
C ALA C 568 2.03 -8.53 46.70
N ALA C 569 2.76 -9.56 47.11
CA ALA C 569 3.52 -9.53 48.36
C ALA C 569 4.64 -8.50 48.28
N ILE C 570 5.24 -8.36 47.12
CA ILE C 570 6.32 -7.40 46.92
C ILE C 570 5.82 -5.97 47.09
N LYS C 571 4.63 -5.68 46.56
CA LYS C 571 4.07 -4.34 46.70
C LYS C 571 3.52 -4.14 48.10
N ALA C 572 3.17 -5.23 48.77
CA ALA C 572 2.73 -5.16 50.17
C ALA C 572 3.90 -4.73 51.04
N ALA C 573 5.10 -5.20 50.69
CA ALA C 573 6.31 -4.80 51.38
C ALA C 573 6.64 -3.34 51.08
N LEU C 574 5.95 -2.77 50.10
CA LEU C 574 6.05 -1.34 49.83
C LEU C 574 4.97 -0.57 50.57
N ASN D 22 14.33 -5.28 -34.81
CA ASN D 22 14.24 -4.85 -33.42
C ASN D 22 13.14 -5.60 -32.69
N PRO D 23 13.53 -6.39 -31.67
CA PRO D 23 12.60 -7.20 -30.86
C PRO D 23 11.50 -6.37 -30.19
N SER D 24 11.83 -5.18 -29.72
CA SER D 24 10.86 -4.32 -29.03
C SER D 24 9.75 -3.86 -29.97
N THR D 25 10.13 -3.50 -31.19
CA THR D 25 9.17 -3.03 -32.19
C THR D 25 8.23 -4.16 -32.60
N THR D 26 8.77 -5.36 -32.73
CA THR D 26 7.98 -6.54 -33.06
C THR D 26 7.01 -6.87 -31.93
N GLN D 27 7.49 -6.76 -30.70
CA GLN D 27 6.67 -6.98 -29.51
C GLN D 27 5.50 -6.01 -29.47
N ALA D 28 5.78 -4.74 -29.75
CA ALA D 28 4.77 -3.70 -29.70
C ALA D 28 3.64 -3.94 -30.72
N ARG D 29 4.00 -4.46 -31.88
CA ARG D 29 3.03 -4.70 -32.94
C ARG D 29 2.13 -5.88 -32.60
N VAL D 30 2.72 -6.91 -32.01
CA VAL D 30 1.96 -8.08 -31.58
C VAL D 30 0.92 -7.69 -30.54
N VAL D 31 1.35 -6.88 -29.57
CA VAL D 31 0.48 -6.43 -28.48
C VAL D 31 -0.67 -5.56 -28.97
N VAL D 32 -0.34 -4.58 -29.79
CA VAL D 32 -1.35 -3.69 -30.36
C VAL D 32 -2.36 -4.48 -31.18
N ASP D 33 -1.87 -5.40 -32.01
CA ASP D 33 -2.73 -6.24 -32.81
C ASP D 33 -3.69 -7.04 -31.94
N GLU D 34 -3.17 -7.62 -30.85
CA GLU D 34 -4.00 -8.42 -29.95
C GLU D 34 -5.00 -7.54 -29.22
N LEU D 35 -4.56 -6.34 -28.82
CA LEU D 35 -5.45 -5.36 -28.20
C LEU D 35 -6.63 -5.03 -29.11
N ILE D 36 -6.36 -4.89 -30.40
CA ILE D 36 -7.41 -4.58 -31.37
C ILE D 36 -8.32 -5.78 -31.58
N ARG D 37 -7.74 -6.99 -31.55
CA ARG D 37 -8.54 -8.21 -31.61
C ARG D 37 -9.43 -8.32 -30.37
N GLY D 38 -9.00 -7.68 -29.28
CA GLY D 38 -9.72 -7.74 -28.02
C GLY D 38 -10.83 -6.72 -27.89
N GLY D 39 -10.98 -5.84 -28.88
CA GLY D 39 -12.08 -4.90 -28.90
C GLY D 39 -11.70 -3.46 -28.60
N VAL D 40 -10.41 -3.18 -28.49
CA VAL D 40 -9.96 -1.81 -28.27
C VAL D 40 -10.02 -1.00 -29.57
N ARG D 41 -10.77 0.09 -29.55
CA ARG D 41 -10.93 0.93 -30.72
C ARG D 41 -10.36 2.34 -30.49
N ASP D 42 -10.12 2.66 -29.22
CA ASP D 42 -9.64 3.99 -28.86
C ASP D 42 -8.50 3.94 -27.85
N VAL D 43 -7.46 4.74 -28.12
CA VAL D 43 -6.31 4.85 -27.23
C VAL D 43 -6.02 6.33 -26.97
N VAL D 44 -5.78 6.68 -25.70
CA VAL D 44 -5.53 8.06 -25.31
C VAL D 44 -4.06 8.27 -24.94
N LEU D 45 -3.47 9.34 -25.49
CA LEU D 45 -2.07 9.65 -25.23
C LEU D 45 -1.86 11.11 -24.84
N CYS D 46 -0.74 11.39 -24.21
CA CYS D 46 -0.34 12.74 -23.89
C CYS D 46 1.16 12.80 -24.13
N PRO D 47 1.62 13.94 -24.69
CA PRO D 47 3.05 14.11 -24.92
C PRO D 47 3.82 14.11 -23.61
N GLY D 48 4.90 13.33 -23.54
CA GLY D 48 5.68 13.24 -22.32
C GLY D 48 7.17 13.33 -22.56
N SER D 49 7.94 13.26 -21.47
CA SER D 49 9.39 13.32 -21.55
C SER D 49 9.94 12.19 -22.42
N ARG D 50 9.37 11.00 -22.24
CA ARG D 50 9.81 9.82 -22.97
C ARG D 50 8.72 9.35 -23.93
N ASN D 51 9.11 8.52 -24.89
CA ASN D 51 8.15 7.97 -25.85
C ASN D 51 7.09 7.10 -25.18
N ALA D 52 5.90 7.11 -25.75
CA ALA D 52 4.79 6.32 -25.24
C ALA D 52 5.05 4.83 -25.42
N PRO D 53 4.46 4.00 -24.54
CA PRO D 53 4.48 2.56 -24.77
C PRO D 53 3.78 2.21 -26.08
N LEU D 54 4.39 1.33 -26.88
CA LEU D 54 3.82 0.89 -28.15
C LEU D 54 3.57 2.06 -29.10
N ALA D 55 4.39 3.10 -28.98
CA ALA D 55 4.18 4.37 -29.67
C ALA D 55 4.00 4.24 -31.18
N PHE D 56 4.89 3.48 -31.82
CA PHE D 56 4.88 3.38 -33.27
C PHE D 56 3.82 2.40 -33.76
N ALA D 57 3.68 1.29 -33.06
CA ALA D 57 2.67 0.29 -33.39
C ALA D 57 1.27 0.90 -33.32
N LEU D 58 1.05 1.76 -32.32
CA LEU D 58 -0.21 2.49 -32.20
C LEU D 58 -0.36 3.48 -33.34
N GLN D 59 0.74 4.12 -33.72
CA GLN D 59 0.75 5.09 -34.80
C GLN D 59 0.43 4.42 -36.13
N ASP D 60 1.04 3.27 -36.37
CA ASP D 60 0.78 2.50 -37.58
C ASP D 60 -0.69 2.11 -37.67
N ALA D 61 -1.26 1.72 -36.52
CA ALA D 61 -2.65 1.28 -36.46
C ALA D 61 -3.61 2.45 -36.66
N ASP D 62 -3.24 3.62 -36.17
CA ASP D 62 -4.06 4.81 -36.34
C ASP D 62 -4.14 5.22 -37.81
N ARG D 63 -2.98 5.20 -38.47
CA ARG D 63 -2.89 5.58 -39.87
C ARG D 63 -3.68 4.62 -40.77
N SER D 64 -3.64 3.33 -40.44
CA SER D 64 -4.34 2.32 -41.22
C SER D 64 -5.83 2.24 -40.85
N GLY D 65 -6.19 2.87 -39.74
CA GLY D 65 -7.59 2.94 -39.33
C GLY D 65 -8.08 1.76 -38.52
N ARG D 66 -7.16 0.93 -38.03
CA ARG D 66 -7.54 -0.20 -37.19
C ARG D 66 -7.91 0.26 -35.79
N ILE D 67 -7.44 1.45 -35.42
CA ILE D 67 -7.65 1.99 -34.10
C ILE D 67 -7.68 3.51 -34.21
N ARG D 68 -8.20 4.19 -33.18
CA ARG D 68 -8.26 5.64 -33.20
C ARG D 68 -7.48 6.23 -32.02
N LEU D 69 -6.61 7.19 -32.33
CA LEU D 69 -5.81 7.84 -31.29
C LEU D 69 -6.41 9.18 -30.87
N HIS D 70 -6.35 9.44 -29.58
CA HIS D 70 -6.76 10.72 -29.03
C HIS D 70 -5.62 11.31 -28.22
N VAL D 71 -5.30 12.58 -28.48
CA VAL D 71 -4.18 13.21 -27.81
C VAL D 71 -4.64 14.44 -27.04
N ARG D 72 -4.16 14.56 -25.79
CA ARG D 72 -4.46 15.70 -24.96
C ARG D 72 -3.19 16.16 -24.26
N ILE D 73 -3.18 17.40 -23.79
CA ILE D 73 -2.05 17.90 -23.01
C ILE D 73 -2.32 17.68 -21.53
N ASP D 74 -3.57 17.91 -21.12
CA ASP D 74 -3.98 17.71 -19.74
C ASP D 74 -4.16 16.22 -19.45
N GLU D 75 -3.26 15.67 -18.66
CA GLU D 75 -3.25 14.24 -18.33
C GLU D 75 -4.47 13.81 -17.51
N ARG D 76 -4.98 14.71 -16.68
CA ARG D 76 -6.16 14.40 -15.88
C ARG D 76 -7.39 14.25 -16.77
N THR D 77 -7.63 15.24 -17.63
CA THR D 77 -8.80 15.21 -18.50
C THR D 77 -8.65 14.08 -19.52
N ALA D 78 -7.42 13.66 -19.78
CA ALA D 78 -7.15 12.54 -20.66
C ALA D 78 -7.69 11.25 -20.06
N GLY D 79 -7.47 11.08 -18.76
CA GLY D 79 -7.98 9.92 -18.05
C GLY D 79 -9.49 9.82 -18.14
N TYR D 80 -10.16 10.94 -17.93
CA TYR D 80 -11.62 10.98 -17.99
C TYR D 80 -12.12 10.90 -19.43
N LEU D 81 -11.31 11.35 -20.38
CA LEU D 81 -11.63 11.15 -21.79
C LEU D 81 -11.71 9.65 -22.08
N ALA D 82 -10.74 8.91 -21.56
CA ALA D 82 -10.67 7.47 -21.75
C ALA D 82 -11.87 6.75 -21.12
N ILE D 83 -12.27 7.21 -19.94
CA ILE D 83 -13.47 6.68 -19.28
C ILE D 83 -14.69 6.87 -20.16
N GLY D 84 -14.86 8.07 -20.69
CA GLY D 84 -15.95 8.37 -21.60
C GLY D 84 -15.94 7.46 -22.81
N LEU D 85 -14.77 7.25 -23.39
CA LEU D 85 -14.62 6.41 -24.56
C LEU D 85 -14.97 4.95 -24.28
N ALA D 86 -14.96 4.59 -23.00
CA ALA D 86 -15.25 3.22 -22.59
C ALA D 86 -16.72 3.00 -22.28
N ILE D 87 -17.32 3.93 -21.53
CA ILE D 87 -18.71 3.79 -21.13
C ILE D 87 -19.66 4.15 -22.29
N GLY D 88 -19.11 4.81 -23.31
CA GLY D 88 -19.89 5.19 -24.47
C GLY D 88 -20.48 4.01 -25.23
N ALA D 89 -19.72 2.93 -25.32
CA ALA D 89 -20.17 1.75 -26.06
C ALA D 89 -19.74 0.44 -25.40
N GLY D 90 -19.14 0.53 -24.22
CA GLY D 90 -18.79 -0.64 -23.44
C GLY D 90 -17.51 -1.35 -23.87
N ALA D 91 -16.64 -0.64 -24.58
CA ALA D 91 -15.39 -1.22 -25.05
C ALA D 91 -14.21 -0.88 -24.14
N PRO D 92 -13.23 -1.79 -24.04
CA PRO D 92 -12.00 -1.50 -23.30
C PRO D 92 -11.21 -0.38 -23.96
N VAL D 93 -10.62 0.50 -23.15
CA VAL D 93 -9.88 1.66 -23.66
C VAL D 93 -8.49 1.74 -23.04
N CYS D 94 -7.50 2.10 -23.84
CA CYS D 94 -6.14 2.24 -23.35
C CYS D 94 -5.74 3.71 -23.14
N VAL D 95 -4.91 3.95 -22.14
CA VAL D 95 -4.34 5.26 -21.89
C VAL D 95 -2.85 5.08 -21.58
N ALA D 96 -2.00 5.92 -22.16
CA ALA D 96 -0.55 5.72 -22.09
C ALA D 96 0.16 6.67 -21.13
N MET D 97 0.78 6.11 -20.09
CA MET D 97 1.55 6.90 -19.13
C MET D 97 2.96 7.20 -19.65
N THR D 98 3.26 8.48 -19.83
CA THR D 98 4.48 8.87 -20.51
C THR D 98 5.28 9.97 -19.80
N SER D 99 4.89 10.30 -18.57
CA SER D 99 5.52 11.42 -17.87
C SER D 99 5.61 11.21 -16.36
N GLY D 100 6.26 12.16 -15.69
CA GLY D 100 6.46 12.09 -14.25
C GLY D 100 5.27 12.57 -13.45
N THR D 101 4.28 13.11 -14.14
CA THR D 101 3.07 13.59 -13.47
C THR D 101 1.87 12.75 -13.88
N ALA D 102 2.13 11.74 -14.71
CA ALA D 102 1.09 10.91 -15.31
C ALA D 102 0.28 10.14 -14.27
N VAL D 103 0.98 9.43 -13.39
CA VAL D 103 0.33 8.62 -12.37
C VAL D 103 -0.54 9.47 -11.46
N ALA D 104 -0.02 10.62 -11.07
CA ALA D 104 -0.74 11.54 -10.18
C ALA D 104 -2.00 12.09 -10.84
N ASN D 105 -1.90 12.41 -12.12
CA ASN D 105 -3.03 12.99 -12.85
C ASN D 105 -4.08 11.96 -13.24
N LEU D 106 -3.66 10.72 -13.49
CA LEU D 106 -4.59 9.67 -13.88
C LEU D 106 -5.33 9.10 -12.69
N GLY D 107 -4.82 9.39 -11.49
CA GLY D 107 -5.41 8.93 -10.25
C GLY D 107 -6.93 8.97 -10.18
N PRO D 108 -7.51 10.18 -10.32
CA PRO D 108 -8.97 10.35 -10.27
C PRO D 108 -9.73 9.43 -11.21
N ALA D 109 -9.31 9.36 -12.48
CA ALA D 109 -9.98 8.53 -13.46
C ALA D 109 -9.83 7.03 -13.15
N VAL D 110 -8.67 6.64 -12.66
CA VAL D 110 -8.43 5.24 -12.29
C VAL D 110 -9.34 4.83 -11.13
N VAL D 111 -9.45 5.70 -10.13
CA VAL D 111 -10.33 5.44 -8.99
C VAL D 111 -11.78 5.32 -9.44
N GLU D 112 -12.22 6.21 -10.32
CA GLU D 112 -13.58 6.15 -10.85
C GLU D 112 -13.80 4.88 -11.66
N ALA D 113 -12.79 4.50 -12.43
CA ALA D 113 -12.84 3.27 -13.21
C ALA D 113 -13.00 2.06 -12.31
N ASN D 114 -12.30 2.07 -11.18
CA ASN D 114 -12.44 1.00 -10.20
C ASN D 114 -13.87 0.89 -9.69
N TYR D 115 -14.41 1.98 -9.15
CA TYR D 115 -15.69 1.95 -8.47
C TYR D 115 -16.90 1.91 -9.42
N ALA D 116 -16.73 2.39 -10.64
CA ALA D 116 -17.81 2.34 -11.63
C ALA D 116 -17.64 1.13 -12.56
N ARG D 117 -16.57 0.38 -12.31
CA ARG D 117 -16.26 -0.83 -13.08
C ARG D 117 -16.15 -0.55 -14.57
N VAL D 118 -15.12 0.23 -14.92
CA VAL D 118 -14.88 0.64 -16.30
C VAL D 118 -13.59 0.00 -16.83
N PRO D 119 -13.68 -0.67 -18.00
CA PRO D 119 -12.52 -1.34 -18.60
C PRO D 119 -11.44 -0.38 -19.08
N LEU D 120 -10.59 0.07 -18.17
CA LEU D 120 -9.56 1.05 -18.48
C LEU D 120 -8.16 0.42 -18.39
N ILE D 121 -7.47 0.36 -19.52
CA ILE D 121 -6.13 -0.25 -19.52
C ILE D 121 -5.04 0.82 -19.51
N VAL D 122 -4.31 0.89 -18.40
CA VAL D 122 -3.25 1.88 -18.24
C VAL D 122 -1.90 1.35 -18.68
N LEU D 123 -1.39 1.87 -19.80
CA LEU D 123 -0.12 1.41 -20.36
C LEU D 123 1.07 2.16 -19.79
N SER D 124 2.12 1.42 -19.46
CA SER D 124 3.37 2.02 -19.01
C SER D 124 4.57 1.30 -19.62
N ALA D 125 5.73 1.94 -19.58
CA ALA D 125 6.94 1.34 -20.10
C ALA D 125 8.11 1.57 -19.14
N ASN D 126 8.33 0.62 -18.24
CA ASN D 126 9.46 0.69 -17.33
C ASN D 126 10.78 0.52 -18.07
N ARG D 127 11.88 0.98 -17.46
CA ARG D 127 13.18 0.87 -18.08
C ARG D 127 14.16 0.12 -17.18
N PRO D 128 14.25 -1.20 -17.37
CA PRO D 128 15.00 -2.13 -16.52
C PRO D 128 16.51 -1.85 -16.46
N TYR D 129 17.06 -1.20 -17.49
CA TYR D 129 18.49 -0.92 -17.52
C TYR D 129 18.84 0.36 -16.78
N GLU D 130 17.84 0.97 -16.15
CA GLU D 130 18.05 2.22 -15.46
C GLU D 130 17.85 2.10 -13.96
N LEU D 131 18.56 2.96 -13.22
CA LEU D 131 18.47 2.98 -11.78
C LEU D 131 17.05 3.29 -11.32
N LEU D 132 16.72 2.89 -10.11
CA LEU D 132 15.37 3.04 -9.59
C LEU D 132 15.38 3.31 -8.09
N GLY D 133 14.67 4.36 -7.67
CA GLY D 133 14.52 4.65 -6.25
C GLY D 133 15.64 5.47 -5.63
N THR D 134 16.45 6.13 -6.45
CA THR D 134 17.53 6.96 -5.95
C THR D 134 17.24 8.45 -6.12
N GLY D 135 16.24 8.76 -6.93
CA GLY D 135 15.88 10.15 -7.18
C GLY D 135 14.60 10.27 -7.98
N ALA D 136 14.42 11.43 -8.62
CA ALA D 136 13.23 11.70 -9.40
C ALA D 136 13.09 10.74 -10.58
N ASN D 137 11.86 10.31 -10.84
CA ASN D 137 11.59 9.44 -11.97
C ASN D 137 10.69 10.14 -12.98
N GLN D 138 10.97 9.90 -14.27
CA GLN D 138 10.34 10.67 -15.34
C GLN D 138 9.42 9.77 -16.18
N THR D 139 9.57 8.46 -16.01
CA THR D 139 8.65 7.50 -16.61
C THR D 139 7.40 7.41 -15.74
N MET D 140 7.63 7.19 -14.45
CA MET D 140 6.56 6.99 -13.48
C MET D 140 6.99 7.41 -12.08
N GLU D 141 6.30 8.40 -11.52
CA GLU D 141 6.43 8.70 -10.11
C GLU D 141 5.25 8.06 -9.39
N GLN D 142 5.52 7.00 -8.64
CA GLN D 142 4.45 6.17 -8.09
C GLN D 142 3.82 6.72 -6.81
N LEU D 143 2.50 6.71 -6.80
CA LEU D 143 1.73 6.94 -5.58
C LEU D 143 1.36 5.58 -5.00
N GLY D 144 0.29 5.53 -4.22
CA GLY D 144 -0.07 4.28 -3.56
C GLY D 144 -1.40 3.66 -3.96
N TYR D 145 -2.01 4.14 -5.03
CA TYR D 145 -3.37 3.70 -5.34
C TYR D 145 -3.43 2.50 -6.28
N PHE D 146 -2.37 2.26 -7.04
CA PHE D 146 -2.34 1.11 -7.95
C PHE D 146 -2.53 -0.19 -7.18
N GLY D 147 -2.00 -0.25 -5.97
CA GLY D 147 -2.16 -1.43 -5.14
C GLY D 147 -3.61 -1.73 -4.79
N THR D 148 -4.44 -0.69 -4.76
CA THR D 148 -5.81 -0.84 -4.30
C THR D 148 -6.85 -0.79 -5.42
N GLN D 149 -6.54 -0.10 -6.50
CA GLN D 149 -7.57 0.24 -7.50
C GLN D 149 -7.66 -0.73 -8.69
N VAL D 150 -6.57 -1.39 -9.05
CA VAL D 150 -6.56 -2.13 -10.31
C VAL D 150 -6.92 -3.61 -10.14
N ARG D 151 -7.45 -4.20 -11.22
CA ARG D 151 -7.83 -5.61 -11.23
C ARG D 151 -6.62 -6.51 -11.42
N ALA D 152 -5.58 -5.99 -12.07
CA ALA D 152 -4.36 -6.75 -12.31
C ALA D 152 -3.19 -5.84 -12.70
N SER D 153 -1.99 -6.25 -12.30
CA SER D 153 -0.77 -5.58 -12.71
C SER D 153 0.12 -6.55 -13.48
N ILE D 154 0.18 -6.39 -14.80
CA ILE D 154 0.91 -7.33 -15.64
C ILE D 154 2.05 -6.67 -16.41
N SER D 155 3.24 -7.25 -16.28
CA SER D 155 4.41 -6.78 -17.02
C SER D 155 4.83 -7.81 -18.06
N LEU D 156 5.02 -7.35 -19.29
CA LEU D 156 5.32 -8.23 -20.42
C LEU D 156 6.72 -8.84 -20.40
N GLY D 157 7.65 -8.16 -19.74
CA GLY D 157 9.04 -8.59 -19.76
C GLY D 157 9.72 -8.18 -21.06
N LEU D 158 11.00 -7.84 -20.96
CA LEU D 158 11.75 -7.33 -22.10
C LEU D 158 11.79 -8.28 -23.29
N ALA D 159 11.69 -7.72 -24.49
CA ALA D 159 11.71 -8.51 -25.72
C ALA D 159 13.14 -8.94 -26.05
N GLU D 160 13.33 -10.23 -26.25
CA GLU D 160 14.66 -10.77 -26.53
C GLU D 160 14.88 -10.96 -28.01
N ASP D 161 16.13 -10.84 -28.45
CA ASP D 161 16.45 -11.13 -29.84
C ASP D 161 16.69 -12.63 -29.97
N ALA D 162 15.70 -13.33 -30.49
CA ALA D 162 15.77 -14.78 -30.62
C ALA D 162 14.83 -15.27 -31.72
N PRO D 163 15.31 -15.28 -32.98
CA PRO D 163 14.54 -15.76 -34.13
C PRO D 163 14.07 -17.21 -33.97
N GLU D 164 14.78 -17.98 -33.16
CA GLU D 164 14.43 -19.37 -32.91
C GLU D 164 13.27 -19.48 -31.91
N ARG D 165 12.95 -18.36 -31.27
CA ARG D 165 11.91 -18.33 -30.25
C ARG D 165 10.73 -17.45 -30.67
N THR D 166 10.57 -17.22 -31.96
CA THR D 166 9.58 -16.27 -32.46
C THR D 166 8.14 -16.67 -32.13
N SER D 167 7.76 -17.89 -32.46
CA SER D 167 6.39 -18.34 -32.26
C SER D 167 6.04 -18.51 -30.79
N ALA D 168 7.04 -18.87 -29.98
CA ALA D 168 6.84 -19.03 -28.55
C ALA D 168 6.60 -17.68 -27.88
N LEU D 169 7.42 -16.69 -28.23
CA LEU D 169 7.28 -15.35 -27.68
C LEU D 169 5.98 -14.69 -28.13
N ASN D 170 5.60 -14.94 -29.39
CA ASN D 170 4.33 -14.46 -29.92
C ASN D 170 3.16 -14.99 -29.08
N ALA D 171 3.24 -16.27 -28.76
CA ALA D 171 2.23 -16.93 -27.94
C ALA D 171 2.17 -16.30 -26.55
N THR D 172 3.35 -16.08 -25.97
CA THR D 172 3.45 -15.50 -24.64
C THR D 172 2.86 -14.09 -24.58
N TRP D 173 3.22 -13.26 -25.54
CA TRP D 173 2.77 -11.87 -25.56
C TRP D 173 1.27 -11.74 -25.76
N ARG D 174 0.73 -12.56 -26.66
CA ARG D 174 -0.70 -12.50 -26.95
C ARG D 174 -1.53 -13.11 -25.81
N SER D 175 -0.96 -14.10 -25.13
CA SER D 175 -1.61 -14.69 -23.97
C SER D 175 -1.74 -13.67 -22.86
N ALA D 176 -0.66 -12.94 -22.61
CA ALA D 176 -0.63 -11.94 -21.54
C ALA D 176 -1.55 -10.77 -21.87
N THR D 177 -1.53 -10.35 -23.12
CA THR D 177 -2.38 -9.26 -23.58
C THR D 177 -3.85 -9.63 -23.39
N CYS D 178 -4.16 -10.89 -23.66
CA CYS D 178 -5.53 -11.39 -23.46
C CYS D 178 -5.90 -11.44 -21.98
N ARG D 179 -4.93 -11.72 -21.12
CA ARG D 179 -5.15 -11.68 -19.67
C ARG D 179 -5.46 -10.25 -19.23
N VAL D 180 -4.72 -9.29 -19.78
CA VAL D 180 -4.92 -7.88 -19.51
C VAL D 180 -6.34 -7.45 -19.88
N LEU D 181 -6.77 -7.87 -21.07
CA LEU D 181 -8.10 -7.52 -21.56
C LEU D 181 -9.20 -8.20 -20.74
N ALA D 182 -8.98 -9.47 -20.39
CA ALA D 182 -9.96 -10.22 -19.62
C ALA D 182 -10.20 -9.59 -18.25
N ALA D 183 -9.12 -9.20 -17.58
CA ALA D 183 -9.21 -8.59 -16.26
C ALA D 183 -9.91 -7.25 -16.32
N ALA D 184 -9.62 -6.47 -17.36
CA ALA D 184 -10.23 -5.15 -17.53
C ALA D 184 -11.71 -5.23 -17.88
N THR D 185 -12.08 -6.18 -18.74
CA THR D 185 -13.46 -6.30 -19.18
C THR D 185 -14.29 -7.15 -18.22
N GLY D 186 -13.61 -7.88 -17.36
CA GLY D 186 -14.30 -8.79 -16.44
C GLY D 186 -14.85 -10.01 -17.16
N ALA D 187 -14.14 -10.44 -18.20
CA ALA D 187 -14.58 -11.56 -19.05
C ALA D 187 -14.88 -12.83 -18.26
N ARG D 188 -14.06 -13.10 -17.25
CA ARG D 188 -14.25 -14.29 -16.42
C ARG D 188 -14.70 -13.95 -15.00
N THR D 189 -14.56 -12.69 -14.59
CA THR D 189 -14.87 -12.29 -13.23
C THR D 189 -16.18 -11.53 -13.09
N ALA D 190 -16.70 -11.03 -14.20
CA ALA D 190 -17.84 -10.10 -14.22
C ALA D 190 -17.54 -8.89 -13.32
N ASN D 191 -16.27 -8.50 -13.30
CA ASN D 191 -15.82 -7.39 -12.47
C ASN D 191 -14.86 -6.49 -13.23
N ALA D 192 -15.41 -5.75 -14.20
CA ALA D 192 -14.61 -4.84 -15.01
C ALA D 192 -13.94 -3.77 -14.16
N GLY D 193 -12.82 -3.24 -14.65
CA GLY D 193 -12.07 -2.27 -13.90
C GLY D 193 -10.73 -1.96 -14.55
N PRO D 194 -9.98 -1.03 -13.94
CA PRO D 194 -8.68 -0.60 -14.48
C PRO D 194 -7.60 -1.66 -14.33
N VAL D 195 -6.69 -1.72 -15.30
CA VAL D 195 -5.60 -2.68 -15.31
C VAL D 195 -4.29 -1.99 -15.63
N HIS D 196 -3.22 -2.37 -14.94
CA HIS D 196 -1.90 -1.81 -15.21
C HIS D 196 -1.12 -2.76 -16.13
N PHE D 197 -0.89 -2.33 -17.37
CA PHE D 197 -0.19 -3.14 -18.36
C PHE D 197 1.15 -2.50 -18.70
N ASP D 198 2.23 -3.13 -18.25
CA ASP D 198 3.56 -2.59 -18.49
C ASP D 198 4.30 -3.32 -19.60
N ILE D 199 4.83 -2.55 -20.54
CA ILE D 199 5.69 -3.10 -21.59
C ILE D 199 7.08 -2.47 -21.47
N PRO D 200 7.99 -3.15 -20.78
CA PRO D 200 9.34 -2.62 -20.50
C PRO D 200 10.11 -2.27 -21.76
N LEU D 201 11.02 -1.32 -21.66
CA LEU D 201 11.75 -0.83 -22.83
C LEU D 201 13.23 -0.60 -22.53
N ARG D 202 14.07 -0.95 -23.49
CA ARG D 202 15.48 -0.57 -23.45
C ARG D 202 15.75 0.45 -24.56
N GLU D 203 16.22 1.63 -24.16
CA GLU D 203 16.35 2.76 -25.08
C GLU D 203 17.75 2.91 -25.70
N PRO D 204 17.84 3.58 -26.87
CA PRO D 204 16.71 3.98 -27.72
C PRO D 204 16.09 2.80 -28.46
N VAL D 215 8.04 -8.27 -40.58
CA VAL D 215 6.72 -7.85 -40.14
C VAL D 215 6.11 -8.83 -39.14
N THR D 216 4.93 -8.48 -38.62
CA THR D 216 4.37 -9.09 -37.43
C THR D 216 3.93 -10.55 -37.54
N PRO D 217 4.42 -11.40 -36.62
CA PRO D 217 3.92 -12.76 -36.42
C PRO D 217 2.41 -12.75 -36.14
N PRO D 218 1.66 -13.65 -36.79
CA PRO D 218 0.20 -13.59 -36.83
C PRO D 218 -0.50 -14.03 -35.54
N GLY D 219 -1.74 -13.60 -35.38
CA GLY D 219 -2.58 -14.10 -34.30
C GLY D 219 -3.38 -15.29 -34.78
N ARG D 220 -4.45 -15.63 -34.09
CA ARG D 220 -5.33 -16.70 -34.51
C ARG D 220 -5.97 -16.37 -35.86
N PRO D 221 -6.31 -17.40 -36.64
CA PRO D 221 -7.05 -17.17 -37.88
C PRO D 221 -8.40 -16.51 -37.63
N ALA D 222 -8.89 -15.75 -38.61
CA ALA D 222 -10.21 -15.12 -38.59
C ALA D 222 -10.36 -14.04 -37.51
N GLY D 223 -9.26 -13.36 -37.19
CA GLY D 223 -9.31 -12.21 -36.30
C GLY D 223 -9.68 -12.50 -34.85
N LYS D 224 -9.58 -13.76 -34.44
CA LYS D 224 -9.95 -14.15 -33.09
C LYS D 224 -8.86 -13.82 -32.08
N PRO D 225 -9.27 -13.53 -30.83
CA PRO D 225 -8.30 -13.34 -29.74
C PRO D 225 -7.53 -14.63 -29.48
N TRP D 226 -6.26 -14.51 -29.07
CA TRP D 226 -5.39 -15.66 -28.85
C TRP D 226 -6.02 -16.64 -27.87
N THR D 227 -6.49 -16.13 -26.74
CA THR D 227 -7.21 -16.93 -25.77
C THR D 227 -8.66 -16.46 -25.72
N TYR D 228 -9.56 -17.27 -26.25
CA TYR D 228 -10.98 -16.93 -26.29
C TYR D 228 -11.64 -17.18 -24.95
N THR D 229 -12.40 -16.21 -24.48
CA THR D 229 -13.19 -16.39 -23.26
C THR D 229 -14.68 -16.36 -23.60
N PRO D 230 -15.30 -17.55 -23.70
CA PRO D 230 -16.73 -17.68 -23.99
C PRO D 230 -17.57 -17.12 -22.84
N PRO D 231 -18.84 -16.76 -23.12
CA PRO D 231 -19.76 -16.16 -22.16
C PRO D 231 -19.76 -16.83 -20.78
N VAL D 232 -19.73 -16.01 -19.75
CA VAL D 232 -19.67 -16.47 -18.37
C VAL D 232 -20.93 -16.06 -17.60
N THR D 233 -21.45 -16.95 -16.77
CA THR D 233 -22.55 -16.61 -15.87
C THR D 233 -22.17 -16.83 -14.41
N PHE D 234 -22.50 -15.85 -13.58
CA PHE D 234 -22.47 -16.02 -12.13
C PHE D 234 -23.90 -16.10 -11.64
N ASP D 235 -24.31 -17.27 -11.15
CA ASP D 235 -25.69 -17.48 -10.78
C ASP D 235 -25.88 -17.61 -9.26
N GLN D 236 -26.61 -16.65 -8.69
CA GLN D 236 -26.99 -16.68 -7.29
C GLN D 236 -28.46 -16.33 -7.13
N PRO D 237 -29.34 -17.31 -7.34
CA PRO D 237 -30.78 -17.07 -7.22
C PRO D 237 -31.23 -16.88 -5.78
N LEU D 238 -32.19 -15.97 -5.57
CA LEU D 238 -32.78 -15.76 -4.26
C LEU D 238 -34.29 -15.95 -4.31
N ASP D 239 -34.84 -16.63 -3.31
CA ASP D 239 -36.29 -16.79 -3.21
C ASP D 239 -36.94 -15.51 -2.69
N ILE D 240 -37.85 -14.94 -3.47
CA ILE D 240 -38.56 -13.72 -3.08
C ILE D 240 -40.06 -13.83 -3.35
N ASP D 241 -40.86 -13.66 -2.30
CA ASP D 241 -42.32 -13.65 -2.44
C ASP D 241 -42.80 -12.23 -2.76
N LEU D 242 -43.33 -12.06 -3.96
CA LEU D 242 -43.73 -10.74 -4.44
C LEU D 242 -45.11 -10.30 -3.95
N SER D 243 -45.82 -11.19 -3.26
CA SER D 243 -47.13 -10.84 -2.70
C SER D 243 -46.94 -9.88 -1.54
N VAL D 244 -45.80 -9.98 -0.88
CA VAL D 244 -45.39 -9.01 0.12
C VAL D 244 -45.17 -7.68 -0.58
N ASP D 245 -45.67 -6.59 0.01
CA ASP D 245 -45.56 -5.26 -0.58
C ASP D 245 -44.10 -4.94 -0.89
N THR D 246 -43.77 -4.89 -2.17
CA THR D 246 -42.39 -4.78 -2.62
C THR D 246 -42.13 -3.54 -3.46
N VAL D 247 -41.02 -2.87 -3.18
CA VAL D 247 -40.53 -1.80 -4.03
C VAL D 247 -39.16 -2.19 -4.58
N VAL D 248 -38.93 -1.89 -5.86
CA VAL D 248 -37.61 -2.09 -6.44
C VAL D 248 -36.85 -0.77 -6.48
N ILE D 249 -35.63 -0.78 -5.96
CA ILE D 249 -34.76 0.38 -6.05
C ILE D 249 -33.50 -0.02 -6.82
N SER D 250 -33.26 0.65 -7.94
CA SER D 250 -32.16 0.29 -8.81
C SER D 250 -31.18 1.43 -9.03
N GLY D 251 -29.91 1.16 -8.80
CA GLY D 251 -28.87 2.17 -8.92
C GLY D 251 -27.87 1.88 -10.01
N HIS D 252 -26.64 2.37 -9.83
CA HIS D 252 -25.60 2.23 -10.83
C HIS D 252 -25.17 0.78 -11.01
N GLY D 253 -25.09 0.34 -12.26
CA GLY D 253 -24.66 -1.01 -12.58
C GLY D 253 -25.76 -2.04 -12.39
N ALA D 254 -27.00 -1.58 -12.28
CA ALA D 254 -28.13 -2.48 -12.07
C ALA D 254 -28.36 -3.35 -13.29
N GLY D 255 -28.80 -4.59 -13.06
CA GLY D 255 -29.11 -5.50 -14.14
C GLY D 255 -30.57 -5.42 -14.56
N VAL D 256 -30.90 -6.12 -15.64
CA VAL D 256 -32.27 -6.17 -16.14
C VAL D 256 -32.95 -7.45 -15.64
N HIS D 257 -34.13 -7.29 -15.06
CA HIS D 257 -34.87 -8.43 -14.49
C HIS D 257 -36.31 -8.48 -14.99
N PRO D 258 -36.57 -9.29 -16.03
CA PRO D 258 -37.91 -9.43 -16.61
C PRO D 258 -38.97 -9.83 -15.56
N ASN D 259 -38.60 -10.69 -14.62
CA ASN D 259 -39.57 -11.18 -13.63
C ASN D 259 -39.88 -10.15 -12.54
N LEU D 260 -39.33 -8.95 -12.67
CA LEU D 260 -39.55 -7.89 -11.70
C LEU D 260 -40.16 -6.65 -12.36
N ALA D 261 -40.61 -6.80 -13.61
CA ALA D 261 -41.01 -5.66 -14.42
C ALA D 261 -42.31 -4.99 -13.99
N ALA D 262 -43.15 -5.72 -13.25
CA ALA D 262 -44.44 -5.18 -12.85
C ALA D 262 -44.34 -4.32 -11.60
N LEU D 263 -43.27 -4.51 -10.84
CA LEU D 263 -43.12 -3.89 -9.52
C LEU D 263 -42.86 -2.39 -9.59
N PRO D 264 -43.38 -1.65 -8.60
CA PRO D 264 -43.04 -0.23 -8.44
C PRO D 264 -41.53 -0.07 -8.32
N THR D 265 -40.94 0.72 -9.20
CA THR D 265 -39.48 0.78 -9.31
C THR D 265 -38.95 2.21 -9.23
N VAL D 266 -38.09 2.44 -8.26
CA VAL D 266 -37.43 3.75 -8.11
C VAL D 266 -36.05 3.66 -8.73
N ALA D 267 -35.97 3.97 -10.03
CA ALA D 267 -34.75 3.76 -10.80
C ALA D 267 -33.94 5.04 -10.95
N GLU D 268 -32.66 4.97 -10.56
CA GLU D 268 -31.71 6.04 -10.84
C GLU D 268 -31.57 6.19 -12.34
N PRO D 269 -31.21 7.40 -12.81
CA PRO D 269 -31.10 7.66 -14.25
C PRO D 269 -30.16 6.69 -14.99
N THR D 270 -29.09 6.25 -14.36
CA THR D 270 -28.12 5.38 -15.03
C THR D 270 -28.49 3.90 -14.98
N ALA D 271 -29.59 3.58 -14.31
CA ALA D 271 -30.04 2.20 -14.23
C ALA D 271 -30.95 1.84 -15.40
N PRO D 272 -30.68 0.72 -16.06
CA PRO D 272 -31.58 0.24 -17.13
C PRO D 272 -32.89 -0.26 -16.55
N ARG D 273 -34.01 0.14 -17.14
CA ARG D 273 -35.32 -0.21 -16.61
C ARG D 273 -35.76 -1.59 -17.09
N SER D 274 -36.24 -2.41 -16.16
CA SER D 274 -36.71 -3.75 -16.47
C SER D 274 -38.16 -3.73 -16.95
N GLY D 275 -38.94 -2.77 -16.47
CA GLY D 275 -40.35 -2.72 -16.77
C GLY D 275 -40.90 -1.33 -17.00
N ASP D 276 -42.21 -1.19 -16.80
CA ASP D 276 -42.88 0.07 -17.10
C ASP D 276 -43.77 0.54 -15.95
N ASN D 277 -43.37 0.24 -14.72
CA ASN D 277 -44.10 0.75 -13.56
C ASN D 277 -43.21 1.61 -12.68
N PRO D 278 -42.95 2.84 -13.12
CA PRO D 278 -42.03 3.72 -12.39
C PRO D 278 -42.64 4.28 -11.11
N LEU D 279 -41.80 4.45 -10.09
CA LEU D 279 -42.22 5.07 -8.85
C LEU D 279 -41.31 6.25 -8.53
N HIS D 280 -41.90 7.45 -8.50
CA HIS D 280 -41.15 8.67 -8.25
C HIS D 280 -40.44 8.63 -6.90
N PRO D 281 -39.19 9.13 -6.85
CA PRO D 281 -38.39 9.16 -5.62
C PRO D 281 -39.11 9.85 -4.45
N LEU D 282 -39.83 10.93 -4.75
CA LEU D 282 -40.52 11.69 -3.71
C LEU D 282 -41.74 10.96 -3.18
N ALA D 283 -42.23 9.99 -3.94
CA ALA D 283 -43.40 9.22 -3.55
C ALA D 283 -43.04 8.14 -2.53
N LEU D 284 -41.76 7.79 -2.51
CA LEU D 284 -41.28 6.68 -1.69
C LEU D 284 -41.56 6.83 -0.19
N PRO D 285 -41.29 8.02 0.40
CA PRO D 285 -41.60 8.11 1.83
C PRO D 285 -43.09 8.25 2.16
N LEU D 286 -43.94 8.27 1.13
CA LEU D 286 -45.38 8.30 1.35
C LEU D 286 -45.94 6.88 1.37
N LEU D 287 -45.05 5.91 1.19
CA LEU D 287 -45.43 4.50 1.17
C LEU D 287 -44.76 3.73 2.29
N ARG D 288 -45.32 2.57 2.62
CA ARG D 288 -44.67 1.66 3.58
C ARG D 288 -44.42 0.30 2.93
N PRO D 289 -43.34 0.20 2.14
CA PRO D 289 -42.95 -1.09 1.57
C PRO D 289 -42.64 -2.08 2.69
N GLN D 290 -43.08 -3.33 2.54
CA GLN D 290 -42.75 -4.35 3.51
C GLN D 290 -41.46 -5.05 3.09
N GLN D 291 -40.98 -4.74 1.90
CA GLN D 291 -39.90 -5.48 1.28
C GLN D 291 -39.21 -4.66 0.20
N VAL D 292 -37.89 -4.77 0.12
CA VAL D 292 -37.12 -4.03 -0.87
C VAL D 292 -36.21 -4.93 -1.68
N ILE D 293 -36.32 -4.84 -3.01
CA ILE D 293 -35.34 -5.46 -3.88
C ILE D 293 -34.42 -4.38 -4.42
N MET D 294 -33.14 -4.46 -4.05
CA MET D 294 -32.17 -3.45 -4.45
C MET D 294 -31.29 -3.95 -5.59
N LEU D 295 -31.40 -3.30 -6.74
CA LEU D 295 -30.61 -3.65 -7.92
C LEU D 295 -29.41 -2.73 -8.09
N GLY D 296 -28.22 -3.31 -8.14
CA GLY D 296 -27.02 -2.51 -8.31
C GLY D 296 -26.70 -1.65 -7.10
N ARG D 297 -26.11 -0.48 -7.36
CA ARG D 297 -25.62 0.37 -6.29
C ARG D 297 -26.30 1.74 -6.25
N PRO D 298 -27.29 1.91 -5.37
CA PRO D 298 -27.92 3.20 -5.16
C PRO D 298 -27.01 4.20 -4.46
N THR D 299 -27.01 5.44 -4.92
CA THR D 299 -26.25 6.50 -4.26
C THR D 299 -27.08 7.77 -4.13
N LEU D 300 -28.34 7.72 -4.56
CA LEU D 300 -29.18 8.91 -4.59
C LEU D 300 -30.33 8.86 -3.59
N HIS D 301 -30.79 10.04 -3.20
CA HIS D 301 -32.01 10.22 -2.39
C HIS D 301 -31.89 9.72 -0.96
N ARG D 302 -32.09 10.64 -0.02
CA ARG D 302 -32.11 10.29 1.40
C ARG D 302 -33.25 9.35 1.82
N PRO D 303 -34.45 9.48 1.21
CA PRO D 303 -35.47 8.47 1.52
C PRO D 303 -35.06 7.04 1.14
N VAL D 304 -34.28 6.90 0.07
CA VAL D 304 -33.78 5.57 -0.32
C VAL D 304 -32.86 5.01 0.76
N SER D 305 -31.92 5.84 1.22
CA SER D 305 -30.96 5.43 2.25
C SER D 305 -31.65 5.07 3.56
N VAL D 306 -32.66 5.87 3.93
CA VAL D 306 -33.41 5.63 5.15
C VAL D 306 -34.17 4.31 5.08
N LEU D 307 -34.81 4.07 3.94
CA LEU D 307 -35.56 2.84 3.73
C LEU D 307 -34.66 1.61 3.75
N LEU D 308 -33.51 1.70 3.10
CA LEU D 308 -32.57 0.58 3.04
C LEU D 308 -31.97 0.26 4.41
N ALA D 309 -31.95 1.26 5.29
CA ALA D 309 -31.40 1.09 6.63
C ALA D 309 -32.44 0.60 7.63
N ASP D 310 -33.70 0.57 7.22
CA ASP D 310 -34.80 0.22 8.11
C ASP D 310 -34.76 -1.27 8.49
N ALA D 311 -34.44 -1.55 9.74
CA ALA D 311 -34.25 -2.92 10.22
C ALA D 311 -35.51 -3.76 10.09
N GLU D 312 -36.67 -3.11 9.99
CA GLU D 312 -37.93 -3.82 9.91
C GLU D 312 -38.27 -4.21 8.48
N VAL D 313 -37.44 -3.77 7.53
CA VAL D 313 -37.70 -4.02 6.12
C VAL D 313 -36.62 -4.90 5.49
N PRO D 314 -37.00 -6.13 5.10
CA PRO D 314 -36.08 -7.04 4.41
C PRO D 314 -35.56 -6.47 3.10
N VAL D 315 -34.24 -6.39 2.98
CA VAL D 315 -33.61 -5.92 1.75
C VAL D 315 -32.89 -7.06 1.03
N PHE D 316 -33.26 -7.27 -0.23
CA PHE D 316 -32.59 -8.25 -1.06
C PHE D 316 -31.72 -7.53 -2.09
N ALA D 317 -30.41 -7.77 -2.03
CA ALA D 317 -29.48 -7.13 -2.94
C ALA D 317 -29.18 -8.02 -4.15
N LEU D 318 -29.67 -7.60 -5.31
CA LEU D 318 -29.36 -8.30 -6.56
C LEU D 318 -28.39 -7.47 -7.38
N THR D 319 -27.18 -7.97 -7.55
CA THR D 319 -26.14 -7.24 -8.24
C THR D 319 -25.08 -8.19 -8.80
N THR D 320 -24.41 -7.77 -9.87
CA THR D 320 -23.29 -8.52 -10.42
C THR D 320 -22.00 -8.07 -9.74
N GLY D 321 -21.07 -9.00 -9.57
CA GLY D 321 -19.78 -8.65 -9.00
C GLY D 321 -19.53 -9.25 -7.64
N PRO D 322 -18.31 -9.06 -7.10
CA PRO D 322 -17.86 -9.62 -5.83
C PRO D 322 -18.50 -8.99 -4.60
N ARG D 323 -18.77 -7.69 -4.65
CA ARG D 323 -19.28 -6.99 -3.47
C ARG D 323 -20.73 -6.56 -3.63
N TRP D 324 -21.41 -6.39 -2.50
CA TRP D 324 -22.76 -5.87 -2.51
C TRP D 324 -22.80 -4.57 -1.71
N PRO D 325 -23.65 -3.62 -2.13
CA PRO D 325 -23.79 -2.38 -1.37
C PRO D 325 -24.68 -2.59 -0.16
N ASP D 326 -24.24 -2.10 0.99
CA ASP D 326 -25.01 -2.18 2.24
C ASP D 326 -24.35 -1.32 3.30
N VAL D 327 -24.69 -0.03 3.30
CA VAL D 327 -24.08 0.92 4.22
C VAL D 327 -24.46 0.64 5.67
N SER D 328 -25.74 0.36 5.90
CA SER D 328 -26.24 0.13 7.26
C SER D 328 -25.93 -1.28 7.76
N GLY D 329 -25.80 -2.22 6.83
CA GLY D 329 -25.56 -3.61 7.19
C GLY D 329 -26.84 -4.38 7.46
N ASN D 330 -27.97 -3.75 7.17
CA ASN D 330 -29.32 -4.27 7.43
CA ASN D 330 -29.25 -4.37 7.49
C ASN D 330 -29.75 -5.33 6.41
N SER D 331 -29.10 -5.34 5.25
CA SER D 331 -29.49 -6.23 4.16
C SER D 331 -29.55 -7.71 4.58
N GLN D 332 -30.60 -8.39 4.12
CA GLN D 332 -30.91 -9.75 4.56
C GLN D 332 -30.24 -10.83 3.71
N ALA D 333 -30.10 -10.56 2.41
CA ALA D 333 -29.52 -11.54 1.50
C ALA D 333 -29.01 -10.88 0.22
N THR D 334 -27.98 -11.47 -0.39
CA THR D 334 -27.44 -10.97 -1.65
C THR D 334 -27.32 -12.08 -2.69
N GLY D 335 -27.60 -11.73 -3.94
CA GLY D 335 -27.51 -12.68 -5.04
C GLY D 335 -27.41 -11.95 -6.37
N THR D 336 -27.73 -12.65 -7.45
CA THR D 336 -27.67 -12.07 -8.80
C THR D 336 -29.05 -11.96 -9.45
N ARG D 337 -29.98 -12.80 -9.01
CA ARG D 337 -31.32 -12.79 -9.58
C ARG D 337 -32.36 -13.32 -8.59
N ALA D 338 -33.63 -13.13 -8.92
CA ALA D 338 -34.71 -13.55 -8.05
C ALA D 338 -35.53 -14.68 -8.65
N VAL D 339 -35.79 -15.70 -7.84
CA VAL D 339 -36.77 -16.72 -8.17
C VAL D 339 -38.04 -16.36 -7.41
N THR D 340 -39.05 -15.90 -8.13
CA THR D 340 -40.21 -15.28 -7.49
C THR D 340 -41.43 -16.18 -7.41
N THR D 341 -42.13 -16.08 -6.27
CA THR D 341 -43.47 -16.63 -6.13
C THR D 341 -44.43 -15.47 -6.00
N GLY D 342 -45.72 -15.74 -6.20
CA GLY D 342 -46.75 -14.73 -6.00
C GLY D 342 -46.67 -13.54 -6.92
N ALA D 343 -47.38 -12.48 -6.55
CA ALA D 343 -47.48 -11.27 -7.36
C ALA D 343 -47.92 -10.09 -6.49
N PRO D 344 -47.54 -8.87 -6.87
CA PRO D 344 -47.93 -7.70 -6.08
C PRO D 344 -49.44 -7.53 -6.00
N ARG D 345 -49.95 -7.24 -4.81
CA ARG D 345 -51.37 -6.97 -4.63
C ARG D 345 -51.78 -5.75 -5.45
N PRO D 346 -52.89 -5.87 -6.20
CA PRO D 346 -53.45 -4.76 -6.98
C PRO D 346 -53.64 -3.50 -6.15
N ALA D 347 -54.02 -3.66 -4.88
CA ALA D 347 -54.18 -2.52 -3.99
C ALA D 347 -52.84 -1.84 -3.73
N TRP D 348 -51.79 -2.64 -3.62
CA TRP D 348 -50.44 -2.12 -3.42
C TRP D 348 -49.97 -1.35 -4.66
N LEU D 349 -50.31 -1.85 -5.84
CA LEU D 349 -49.97 -1.16 -7.08
C LEU D 349 -50.76 0.14 -7.21
N ASP D 350 -52.05 0.07 -6.87
CA ASP D 350 -52.90 1.27 -6.85
C ASP D 350 -52.36 2.33 -5.91
N ARG D 351 -51.93 1.89 -4.74
CA ARG D 351 -51.40 2.79 -3.72
C ARG D 351 -50.11 3.46 -4.21
N CYS D 352 -49.23 2.67 -4.83
CA CYS D 352 -47.98 3.21 -5.34
C CYS D 352 -48.23 4.14 -6.53
N ALA D 353 -49.18 3.77 -7.38
CA ALA D 353 -49.53 4.60 -8.53
C ALA D 353 -50.13 5.94 -8.10
N ALA D 354 -50.87 5.92 -7.00
CA ALA D 354 -51.52 7.13 -6.49
C ALA D 354 -50.51 8.13 -5.94
N MET D 355 -49.56 7.63 -5.15
CA MET D 355 -48.52 8.49 -4.60
C MET D 355 -47.58 8.96 -5.72
N ASN D 356 -47.45 8.13 -6.76
CA ASN D 356 -46.67 8.50 -7.93
C ASN D 356 -47.26 9.72 -8.64
N ARG D 357 -48.59 9.77 -8.74
N ARG D 357 -48.60 9.71 -8.77
CA ARG D 357 -49.24 10.90 -9.39
CA ARG D 357 -49.34 10.83 -9.31
C ARG D 357 -49.18 12.17 -8.54
C ARG D 357 -49.03 12.10 -8.54
N HIS D 358 -49.19 12.02 -7.22
CA HIS D 358 -49.05 13.16 -6.33
C HIS D 358 -47.66 13.80 -6.43
N ALA D 359 -46.65 12.96 -6.56
CA ALA D 359 -45.26 13.44 -6.66
C ALA D 359 -45.03 14.16 -7.98
N ILE D 360 -45.48 13.54 -9.06
CA ILE D 360 -45.38 14.13 -10.39
C ILE D 360 -46.10 15.49 -10.43
N ALA D 361 -47.30 15.52 -9.88
CA ALA D 361 -48.10 16.75 -9.87
C ALA D 361 -47.43 17.84 -9.05
N ALA D 362 -46.91 17.46 -7.88
CA ALA D 362 -46.25 18.41 -6.98
C ALA D 362 -45.07 19.09 -7.66
N VAL D 363 -44.23 18.29 -8.31
CA VAL D 363 -43.06 18.80 -9.01
C VAL D 363 -43.46 19.73 -10.16
N ARG D 364 -44.42 19.30 -10.97
CA ARG D 364 -44.89 20.10 -12.09
C ARG D 364 -45.53 21.40 -11.64
N GLU D 365 -46.38 21.32 -10.62
CA GLU D 365 -47.12 22.49 -10.14
C GLU D 365 -46.20 23.54 -9.50
N GLN D 366 -45.24 23.08 -8.71
CA GLN D 366 -44.37 24.01 -7.99
C GLN D 366 -43.29 24.60 -8.88
N LEU D 367 -42.94 23.90 -9.97
CA LEU D 367 -42.02 24.47 -10.96
C LEU D 367 -42.71 25.62 -11.69
N ALA D 368 -43.98 25.45 -11.98
CA ALA D 368 -44.76 26.49 -12.64
C ALA D 368 -44.98 27.69 -11.71
N ALA D 369 -45.17 27.42 -10.43
CA ALA D 369 -45.50 28.46 -9.46
C ALA D 369 -44.29 29.28 -9.01
N HIS D 370 -43.10 28.81 -9.34
CA HIS D 370 -41.87 29.53 -9.00
C HIS D 370 -41.30 30.21 -10.24
N PRO D 371 -41.16 31.55 -10.17
CA PRO D 371 -40.75 32.36 -11.33
C PRO D 371 -39.29 32.16 -11.74
N LEU D 372 -38.39 32.12 -10.77
CA LEU D 372 -36.95 32.03 -11.06
C LEU D 372 -36.53 30.65 -11.55
N THR D 373 -35.78 30.63 -12.66
CA THR D 373 -35.26 29.39 -13.21
C THR D 373 -34.20 28.78 -12.30
N THR D 374 -34.41 27.52 -11.93
CA THR D 374 -33.44 26.76 -11.16
C THR D 374 -32.91 25.61 -12.00
N GLY D 375 -31.97 24.84 -11.44
CA GLY D 375 -31.44 23.68 -12.13
C GLY D 375 -32.51 22.63 -12.36
N LEU D 376 -33.49 22.59 -11.46
CA LEU D 376 -34.59 21.64 -11.57
C LEU D 376 -35.45 21.98 -12.78
N HIS D 377 -35.65 23.27 -13.03
CA HIS D 377 -36.34 23.73 -14.24
C HIS D 377 -35.60 23.27 -15.48
N VAL D 378 -34.29 23.50 -15.49
CA VAL D 378 -33.44 23.15 -16.61
C VAL D 378 -33.46 21.65 -16.88
N ALA D 379 -33.43 20.88 -15.80
CA ALA D 379 -33.49 19.42 -15.90
C ALA D 379 -34.79 18.96 -16.55
N ALA D 380 -35.89 19.61 -16.19
CA ALA D 380 -37.19 19.28 -16.74
C ALA D 380 -37.24 19.57 -18.23
N ALA D 381 -36.60 20.65 -18.64
CA ALA D 381 -36.57 21.04 -20.06
C ALA D 381 -35.74 20.06 -20.88
N VAL D 382 -34.58 19.68 -20.36
CA VAL D 382 -33.73 18.69 -21.01
C VAL D 382 -34.44 17.35 -21.15
N SER D 383 -35.09 16.93 -20.07
CA SER D 383 -35.79 15.65 -20.04
CA SER D 383 -35.79 15.65 -20.04
C SER D 383 -36.87 15.56 -21.11
N HIS D 384 -37.61 16.66 -21.30
N HIS D 384 -37.62 16.66 -21.29
CA HIS D 384 -38.70 16.68 -22.26
CA HIS D 384 -38.69 16.71 -22.26
C HIS D 384 -38.21 16.91 -23.70
C HIS D 384 -38.16 16.73 -23.70
N ALA D 385 -36.90 17.12 -23.85
CA ALA D 385 -36.32 17.34 -25.17
C ALA D 385 -35.59 16.12 -25.75
N LEU D 386 -35.59 15.02 -25.00
CA LEU D 386 -34.86 13.83 -25.42
C LEU D 386 -35.67 12.94 -26.34
N ARG D 387 -34.98 12.24 -27.24
CA ARG D 387 -35.61 11.29 -28.15
C ARG D 387 -34.94 9.93 -28.01
N PRO D 388 -35.69 8.85 -28.27
CA PRO D 388 -35.10 7.50 -28.24
C PRO D 388 -33.87 7.42 -29.15
N GLY D 389 -32.78 6.89 -28.62
CA GLY D 389 -31.53 6.82 -29.37
C GLY D 389 -30.49 7.79 -28.83
N ASP D 390 -30.94 8.83 -28.15
CA ASP D 390 -30.03 9.81 -27.56
C ASP D 390 -29.14 9.21 -26.49
N GLN D 391 -27.96 9.80 -26.30
CA GLN D 391 -27.16 9.51 -25.12
C GLN D 391 -27.20 10.70 -24.19
N LEU D 392 -27.45 10.44 -22.91
CA LEU D 392 -27.52 11.50 -21.91
C LEU D 392 -26.43 11.32 -20.87
N VAL D 393 -25.59 12.34 -20.74
CA VAL D 393 -24.50 12.33 -19.76
C VAL D 393 -24.80 13.30 -18.63
N LEU D 394 -24.86 12.78 -17.40
CA LEU D 394 -25.26 13.60 -16.25
C LEU D 394 -24.11 13.87 -15.29
N GLY D 395 -23.85 15.14 -15.04
CA GLY D 395 -22.86 15.52 -14.05
C GLY D 395 -23.36 15.22 -12.66
N ALA D 396 -22.45 15.21 -11.68
CA ALA D 396 -22.81 14.95 -10.30
C ALA D 396 -23.57 16.14 -9.72
N SER D 397 -23.73 16.13 -8.39
CA SER D 397 -24.49 17.17 -7.68
C SER D 397 -25.97 17.15 -8.08
N ASN D 398 -26.58 18.34 -8.17
CA ASN D 398 -28.01 18.43 -8.46
C ASN D 398 -28.49 17.87 -9.82
N PRO D 399 -27.73 18.08 -10.91
CA PRO D 399 -28.21 17.58 -12.22
C PRO D 399 -28.66 16.12 -12.27
N VAL D 400 -27.86 15.19 -11.76
CA VAL D 400 -28.22 13.78 -11.82
C VAL D 400 -29.45 13.49 -10.95
N ARG D 401 -29.62 14.26 -9.88
CA ARG D 401 -30.77 14.12 -9.00
C ARG D 401 -32.00 14.83 -9.56
N ASP D 402 -31.79 16.02 -10.11
CA ASP D 402 -32.89 16.82 -10.65
C ASP D 402 -33.61 16.08 -11.78
N VAL D 403 -32.82 15.39 -12.60
CA VAL D 403 -33.38 14.61 -13.70
C VAL D 403 -34.32 13.52 -13.18
N ALA D 404 -33.92 12.88 -12.09
CA ALA D 404 -34.78 11.90 -11.43
C ALA D 404 -36.04 12.56 -10.87
N LEU D 405 -35.89 13.75 -10.29
CA LEU D 405 -37.02 14.49 -9.75
C LEU D 405 -37.95 14.96 -10.85
N ALA D 406 -37.42 15.15 -12.05
CA ALA D 406 -38.20 15.61 -13.19
C ALA D 406 -38.95 14.46 -13.84
N GLY D 407 -38.66 13.24 -13.42
CA GLY D 407 -39.36 12.05 -13.89
C GLY D 407 -38.99 11.62 -15.29
N LEU D 408 -37.69 11.66 -15.60
CA LEU D 408 -37.21 11.24 -16.92
C LEU D 408 -37.50 9.77 -17.19
N ASP D 409 -38.15 9.49 -18.30
CA ASP D 409 -38.32 8.12 -18.78
C ASP D 409 -37.09 7.74 -19.59
N THR D 410 -36.28 6.82 -19.05
CA THR D 410 -34.98 6.51 -19.63
C THR D 410 -35.01 5.37 -20.65
N ARG D 411 -36.20 4.87 -20.96
CA ARG D 411 -36.31 3.75 -21.90
C ARG D 411 -36.00 4.20 -23.32
N GLY D 412 -35.13 3.46 -23.98
CA GLY D 412 -34.66 3.82 -25.31
C GLY D 412 -33.53 4.83 -25.25
N ILE D 413 -33.15 5.19 -24.02
CA ILE D 413 -32.13 6.21 -23.78
C ILE D 413 -30.93 5.59 -23.08
N ARG D 414 -29.72 5.97 -23.51
CA ARG D 414 -28.52 5.56 -22.83
C ARG D 414 -27.99 6.67 -21.93
N VAL D 415 -27.98 6.41 -20.63
CA VAL D 415 -27.63 7.42 -19.64
C VAL D 415 -26.32 7.11 -18.94
N ARG D 416 -25.40 8.09 -18.95
CA ARG D 416 -24.10 7.93 -18.32
C ARG D 416 -23.91 8.93 -17.19
N SER D 417 -23.15 8.52 -16.17
CA SER D 417 -22.79 9.41 -15.06
C SER D 417 -21.73 8.74 -14.21
N ASN D 418 -20.73 9.50 -13.78
CA ASN D 418 -19.63 8.93 -13.02
C ASN D 418 -20.00 8.71 -11.55
N ARG D 419 -20.87 7.72 -11.32
CA ARG D 419 -21.38 7.45 -9.98
C ARG D 419 -20.43 6.62 -9.13
N GLY D 420 -19.32 6.19 -9.73
CA GLY D 420 -18.33 5.41 -9.03
C GLY D 420 -17.88 6.06 -7.73
N VAL D 421 -17.54 7.35 -7.80
CA VAL D 421 -17.12 8.08 -6.62
C VAL D 421 -17.73 9.49 -6.67
N ALA D 422 -18.55 9.73 -7.70
CA ALA D 422 -19.38 10.93 -7.81
C ALA D 422 -18.57 12.22 -7.79
N GLY D 423 -17.46 12.25 -8.51
CA GLY D 423 -16.65 13.45 -8.61
C GLY D 423 -17.23 14.42 -9.61
N ILE D 424 -16.99 15.72 -9.39
CA ILE D 424 -17.40 16.73 -10.35
C ILE D 424 -16.25 17.04 -11.29
N ASP D 425 -15.15 16.30 -11.13
CA ASP D 425 -14.00 16.46 -12.00
C ASP D 425 -14.14 15.63 -13.27
N GLY D 426 -13.65 16.16 -14.37
CA GLY D 426 -13.53 15.42 -15.61
C GLY D 426 -14.81 15.06 -16.35
N THR D 427 -15.92 15.70 -16.00
CA THR D 427 -17.20 15.35 -16.60
C THR D 427 -17.31 15.86 -18.04
N VAL D 428 -16.56 16.92 -18.36
CA VAL D 428 -16.58 17.46 -19.71
C VAL D 428 -15.91 16.48 -20.69
N SER D 429 -14.71 16.02 -20.35
CA SER D 429 -14.02 15.04 -21.19
C SER D 429 -14.77 13.71 -21.21
N THR D 430 -15.47 13.41 -20.13
CA THR D 430 -16.26 12.18 -20.06
C THR D 430 -17.37 12.22 -21.11
N ALA D 431 -18.07 13.35 -21.19
CA ALA D 431 -19.13 13.52 -22.18
C ALA D 431 -18.58 13.47 -23.61
N ILE D 432 -17.44 14.11 -23.81
CA ILE D 432 -16.80 14.14 -25.13
C ILE D 432 -16.39 12.73 -25.56
N GLY D 433 -15.72 12.00 -24.66
CA GLY D 433 -15.33 10.64 -24.93
C GLY D 433 -16.53 9.74 -25.14
N ALA D 434 -17.59 9.97 -24.37
CA ALA D 434 -18.81 9.18 -24.49
C ALA D 434 -19.46 9.40 -25.85
N ALA D 435 -19.51 10.66 -26.28
CA ALA D 435 -20.08 11.00 -27.58
C ALA D 435 -19.30 10.35 -28.72
N LEU D 436 -17.98 10.46 -28.65
CA LEU D 436 -17.11 9.93 -29.69
C LEU D 436 -17.27 8.42 -29.89
N ALA D 437 -17.32 7.69 -28.78
CA ALA D 437 -17.46 6.24 -28.83
C ALA D 437 -18.86 5.83 -29.31
N TYR D 438 -19.86 6.58 -28.86
CA TYR D 438 -21.25 6.32 -29.21
C TYR D 438 -21.49 6.60 -30.69
N GLU D 439 -20.83 7.63 -31.21
CA GLU D 439 -20.94 8.00 -32.62
C GLU D 439 -20.14 7.05 -33.50
N GLY D 440 -19.01 6.56 -32.98
CA GLY D 440 -18.19 5.62 -33.70
C GLY D 440 -18.88 4.29 -33.93
N ALA D 441 -19.67 3.88 -32.95
CA ALA D 441 -20.41 2.62 -33.03
C ALA D 441 -21.57 2.72 -34.00
N HIS D 442 -22.10 3.92 -34.18
CA HIS D 442 -23.22 4.15 -35.09
C HIS D 442 -22.74 4.23 -36.53
N GLU D 443 -21.55 4.78 -36.72
CA GLU D 443 -20.92 4.87 -38.03
C GLU D 443 -20.65 3.48 -38.59
N ARG D 444 -20.29 2.55 -37.71
CA ARG D 444 -19.92 1.21 -38.13
C ARG D 444 -21.13 0.34 -38.47
N THR D 445 -22.33 0.88 -38.28
CA THR D 445 -23.54 0.19 -38.74
C THR D 445 -23.81 0.55 -40.20
N GLY D 446 -23.26 1.68 -40.64
CA GLY D 446 -23.49 2.18 -41.99
C GLY D 446 -24.95 2.50 -42.19
N SER D 447 -25.44 3.49 -41.46
CA SER D 447 -26.87 3.74 -41.39
C SER D 447 -27.30 4.86 -42.34
N ASP D 449 -27.94 9.06 -42.64
CA ASP D 449 -28.39 9.11 -41.25
C ASP D 449 -27.36 9.78 -40.35
N SER D 450 -27.69 10.96 -39.84
CA SER D 450 -26.80 11.71 -38.96
C SER D 450 -26.66 11.02 -37.60
N PRO D 451 -25.47 11.15 -36.98
CA PRO D 451 -25.18 10.46 -35.72
C PRO D 451 -26.16 10.78 -34.59
N PRO D 452 -26.44 9.80 -33.72
CA PRO D 452 -27.33 10.01 -32.57
C PRO D 452 -26.75 11.04 -31.63
N ARG D 453 -27.61 11.87 -31.04
CA ARG D 453 -27.15 12.96 -30.20
C ARG D 453 -26.60 12.48 -28.86
N THR D 454 -25.56 13.16 -28.38
CA THR D 454 -25.15 13.06 -27.00
C THR D 454 -25.46 14.40 -26.33
N ILE D 455 -26.24 14.34 -25.26
CA ILE D 455 -26.57 15.56 -24.54
C ILE D 455 -26.12 15.44 -23.09
N ALA D 456 -25.28 16.38 -22.67
CA ALA D 456 -24.80 16.40 -21.30
C ALA D 456 -25.47 17.51 -20.51
N LEU D 457 -25.89 17.19 -19.28
CA LEU D 457 -26.40 18.19 -18.36
C LEU D 457 -25.52 18.23 -17.12
N ILE D 458 -24.79 19.32 -16.95
CA ILE D 458 -23.87 19.46 -15.83
C ILE D 458 -24.04 20.82 -15.17
N GLY D 459 -23.55 20.95 -13.94
CA GLY D 459 -23.58 22.21 -13.23
C GLY D 459 -22.41 23.09 -13.61
N ASP D 460 -22.42 24.33 -13.13
CA ASP D 460 -21.39 25.30 -13.47
C ASP D 460 -20.05 24.97 -12.82
N LEU D 461 -20.08 24.54 -11.56
CA LEU D 461 -18.85 24.14 -10.88
C LEU D 461 -18.21 22.96 -11.59
N THR D 462 -19.05 22.02 -12.01
CA THR D 462 -18.62 20.87 -12.78
C THR D 462 -17.96 21.31 -14.09
N PHE D 463 -18.56 22.29 -14.74
CA PHE D 463 -18.02 22.81 -16.00
C PHE D 463 -16.67 23.49 -15.82
N VAL D 464 -16.56 24.32 -14.78
CA VAL D 464 -15.33 25.04 -14.51
C VAL D 464 -14.19 24.08 -14.17
N HIS D 465 -14.52 23.01 -13.45
CA HIS D 465 -13.54 22.01 -13.04
C HIS D 465 -12.81 21.41 -14.23
N ASP D 466 -13.55 21.12 -15.31
CA ASP D 466 -12.99 20.40 -16.45
C ASP D 466 -13.15 21.18 -17.77
N SER D 467 -13.10 22.51 -17.70
CA SER D 467 -13.23 23.33 -18.90
C SER D 467 -12.12 23.03 -19.91
N SER D 468 -10.95 22.67 -19.41
CA SER D 468 -9.80 22.38 -20.25
C SER D 468 -10.06 21.20 -21.19
N GLY D 469 -11.08 20.41 -20.90
CA GLY D 469 -11.47 19.29 -21.74
C GLY D 469 -12.00 19.72 -23.09
N LEU D 470 -12.39 20.99 -23.20
CA LEU D 470 -12.90 21.55 -24.45
C LEU D 470 -11.78 21.76 -25.47
N LEU D 471 -10.56 21.93 -24.99
CA LEU D 471 -9.42 22.19 -25.85
C LEU D 471 -9.00 20.94 -26.62
N ILE D 472 -9.42 20.85 -27.88
CA ILE D 472 -9.10 19.72 -28.72
C ILE D 472 -8.45 20.16 -30.04
N GLY D 473 -7.23 19.72 -30.27
CA GLY D 473 -6.50 20.07 -31.48
C GLY D 473 -7.19 19.56 -32.73
N PRO D 474 -7.01 20.28 -33.85
CA PRO D 474 -7.61 19.89 -35.14
C PRO D 474 -7.08 18.55 -35.64
N THR D 475 -5.98 18.08 -35.07
CA THR D 475 -5.44 16.78 -35.39
C THR D 475 -6.24 15.66 -34.71
N GLU D 476 -7.04 16.03 -33.72
CA GLU D 476 -7.70 15.04 -32.87
C GLU D 476 -9.19 14.88 -33.18
N PRO D 477 -9.74 13.68 -32.89
CA PRO D 477 -11.16 13.40 -33.10
C PRO D 477 -12.08 14.32 -32.28
N ILE D 478 -13.10 14.86 -32.94
CA ILE D 478 -14.04 15.77 -32.32
C ILE D 478 -15.47 15.29 -32.60
N PRO D 479 -16.32 15.27 -31.57
CA PRO D 479 -17.73 14.85 -31.70
C PRO D 479 -18.46 15.60 -32.81
N ARG D 480 -19.45 14.96 -33.42
CA ARG D 480 -20.23 15.59 -34.47
C ARG D 480 -21.63 15.96 -33.96
N SER D 481 -22.00 15.44 -32.80
CA SER D 481 -23.35 15.66 -32.27
C SER D 481 -23.37 15.74 -30.75
N LEU D 482 -22.40 16.43 -30.16
CA LEU D 482 -22.38 16.62 -28.72
C LEU D 482 -22.90 18.00 -28.33
N THR D 483 -23.80 18.03 -27.36
CA THR D 483 -24.31 19.28 -26.81
C THR D 483 -24.21 19.28 -25.29
N ILE D 484 -23.43 20.21 -24.76
CA ILE D 484 -23.26 20.31 -23.31
C ILE D 484 -24.12 21.43 -22.74
N VAL D 485 -25.18 21.03 -22.03
CA VAL D 485 -26.02 22.00 -21.33
C VAL D 485 -25.46 22.29 -19.95
N VAL D 486 -25.09 23.55 -19.72
CA VAL D 486 -24.58 23.96 -18.42
C VAL D 486 -25.62 24.75 -17.64
N SER D 487 -26.18 24.13 -16.62
CA SER D 487 -27.07 24.82 -15.71
C SER D 487 -26.24 25.62 -14.71
N ASN D 488 -26.14 26.92 -14.96
CA ASN D 488 -25.24 27.78 -14.18
C ASN D 488 -25.97 28.63 -13.14
N ASP D 489 -25.88 28.22 -11.88
CA ASP D 489 -26.42 29.01 -10.79
C ASP D 489 -25.29 29.62 -9.98
N ASN D 490 -24.13 29.76 -10.62
CA ASN D 490 -22.97 30.43 -10.04
C ASN D 490 -22.59 29.91 -8.65
N GLY D 491 -22.41 28.59 -8.56
CA GLY D 491 -22.03 27.97 -7.31
C GLY D 491 -22.57 26.56 -7.15
N GLY D 492 -22.41 25.99 -5.96
CA GLY D 492 -22.90 24.66 -5.69
C GLY D 492 -24.30 24.70 -5.09
N GLY D 493 -25.31 24.53 -5.95
CA GLY D 493 -26.69 24.63 -5.53
C GLY D 493 -27.15 23.54 -4.60
N ILE D 494 -26.50 22.38 -4.67
CA ILE D 494 -26.91 21.22 -3.88
C ILE D 494 -26.76 21.49 -2.38
N PHE D 495 -25.84 22.37 -2.02
CA PHE D 495 -25.56 22.65 -0.61
C PHE D 495 -26.67 23.48 0.04
N GLU D 496 -27.54 24.05 -0.78
CA GLU D 496 -28.71 24.75 -0.28
C GLU D 496 -29.71 23.75 0.32
N LEU D 497 -29.63 22.51 -0.14
CA LEU D 497 -30.61 21.50 0.22
C LEU D 497 -30.16 20.65 1.40
N LEU D 498 -28.96 20.92 1.90
CA LEU D 498 -28.40 20.15 3.02
C LEU D 498 -28.49 20.94 4.32
N GLU D 499 -28.02 20.33 5.42
CA GLU D 499 -28.07 20.95 6.74
C GLU D 499 -27.35 22.30 6.79
N GLN D 500 -26.30 22.45 5.99
CA GLN D 500 -25.55 23.70 5.96
C GLN D 500 -26.26 24.75 5.10
N GLY D 501 -27.40 24.37 4.53
CA GLY D 501 -28.20 25.30 3.76
C GLY D 501 -29.28 25.94 4.61
N ASP D 502 -29.35 25.53 5.88
CA ASP D 502 -30.29 26.09 6.82
C ASP D 502 -29.99 27.57 7.03
N PRO D 503 -31.05 28.41 7.12
CA PRO D 503 -30.90 29.87 7.23
C PRO D 503 -29.99 30.35 8.37
N ARG D 504 -29.79 29.55 9.42
CA ARG D 504 -28.98 30.00 10.54
C ARG D 504 -27.49 30.05 10.17
N PHE D 505 -27.14 29.48 9.02
CA PHE D 505 -25.77 29.54 8.52
C PHE D 505 -25.65 30.51 7.34
N SER D 506 -26.66 31.35 7.15
CA SER D 506 -26.72 32.24 5.99
C SER D 506 -25.57 33.24 5.92
N ASP D 507 -24.96 33.53 7.06
CA ASP D 507 -23.88 34.52 7.11
C ASP D 507 -22.50 33.92 6.79
N VAL D 508 -22.38 32.60 6.85
CA VAL D 508 -21.07 31.97 6.74
C VAL D 508 -20.96 30.94 5.60
N SER D 509 -22.10 30.53 5.05
CA SER D 509 -22.12 29.41 4.12
C SER D 509 -21.95 29.82 2.65
N SER D 510 -21.94 31.13 2.39
CA SER D 510 -21.81 31.60 1.02
C SER D 510 -20.40 31.37 0.48
N ARG D 511 -19.40 31.60 1.32
CA ARG D 511 -18.00 31.42 0.92
C ARG D 511 -17.63 29.94 0.81
N ILE D 512 -17.99 29.18 1.84
CA ILE D 512 -17.45 27.84 2.02
C ILE D 512 -18.30 26.74 1.39
N PHE D 513 -19.54 27.06 1.04
CA PHE D 513 -20.40 26.06 0.39
C PHE D 513 -20.98 26.59 -0.92
N GLY D 514 -21.34 27.87 -0.94
CA GLY D 514 -21.86 28.48 -2.16
C GLY D 514 -20.78 28.56 -3.23
N THR D 515 -19.60 29.01 -2.82
CA THR D 515 -18.45 29.21 -3.71
C THR D 515 -18.79 29.85 -5.06
N PRO D 516 -19.31 31.08 -5.05
CA PRO D 516 -19.58 31.77 -6.32
C PRO D 516 -18.28 32.13 -7.02
N HIS D 517 -18.31 32.25 -8.35
CA HIS D 517 -17.08 32.42 -9.13
C HIS D 517 -17.16 33.51 -10.19
N ASP D 518 -18.38 33.79 -10.65
CA ASP D 518 -18.63 34.84 -11.65
C ASP D 518 -17.89 34.62 -12.96
N VAL D 519 -17.77 33.37 -13.39
CA VAL D 519 -17.09 33.06 -14.64
C VAL D 519 -17.95 33.40 -15.85
N ASP D 520 -17.33 34.05 -16.84
CA ASP D 520 -17.97 34.28 -18.12
C ASP D 520 -17.83 33.01 -18.97
N VAL D 521 -18.88 32.20 -18.98
CA VAL D 521 -18.85 30.92 -19.70
C VAL D 521 -18.70 31.11 -21.20
N GLY D 522 -19.42 32.10 -21.75
CA GLY D 522 -19.35 32.40 -23.16
C GLY D 522 -17.95 32.76 -23.62
N ALA D 523 -17.26 33.56 -22.80
CA ALA D 523 -15.89 33.96 -23.10
C ALA D 523 -14.95 32.76 -23.04
N LEU D 524 -15.21 31.86 -22.10
CA LEU D 524 -14.38 30.68 -21.93
C LEU D 524 -14.50 29.76 -23.14
N CYS D 525 -15.72 29.55 -23.62
CA CYS D 525 -15.94 28.73 -24.79
C CYS D 525 -15.37 29.39 -26.03
N ARG D 526 -15.42 30.71 -26.06
CA ARG D 526 -14.89 31.49 -27.17
C ARG D 526 -13.37 31.35 -27.23
N ALA D 527 -12.74 31.28 -26.06
CA ALA D 527 -11.30 31.13 -25.96
C ALA D 527 -10.85 29.80 -26.57
N TYR D 528 -11.65 28.77 -26.39
CA TYR D 528 -11.33 27.45 -26.93
C TYR D 528 -11.95 27.25 -28.30
N HIS D 529 -12.59 28.30 -28.80
CA HIS D 529 -13.26 28.28 -30.11
C HIS D 529 -14.30 27.17 -30.16
N VAL D 530 -15.14 27.12 -29.14
CA VAL D 530 -16.26 26.20 -29.12
C VAL D 530 -17.57 26.98 -29.21
N GLU D 531 -18.45 26.57 -30.10
CA GLU D 531 -19.76 27.20 -30.26
C GLU D 531 -20.50 27.26 -28.93
N SER D 532 -21.06 28.42 -28.63
CA SER D 532 -21.70 28.63 -27.34
C SER D 532 -22.84 29.65 -27.42
N ARG D 533 -23.91 29.39 -26.68
CA ARG D 533 -25.04 30.31 -26.62
C ARG D 533 -25.69 30.30 -25.25
N GLN D 534 -25.96 31.50 -24.73
CA GLN D 534 -26.71 31.64 -23.48
C GLN D 534 -28.18 31.83 -23.79
N ILE D 535 -29.01 30.90 -23.32
CA ILE D 535 -30.44 30.94 -23.61
C ILE D 535 -31.28 30.77 -22.34
N GLU D 536 -32.56 31.11 -22.45
CA GLU D 536 -33.49 30.93 -21.35
C GLU D 536 -34.09 29.52 -21.41
N VAL D 537 -34.70 29.08 -20.30
CA VAL D 537 -35.14 27.70 -20.18
C VAL D 537 -36.27 27.37 -21.15
N ASP D 538 -37.04 28.38 -21.55
CA ASP D 538 -38.11 28.18 -22.51
C ASP D 538 -37.55 27.88 -23.90
N GLU D 539 -36.37 28.42 -24.18
CA GLU D 539 -35.74 28.25 -25.49
C GLU D 539 -34.94 26.96 -25.59
N LEU D 540 -34.64 26.36 -24.43
CA LEU D 540 -33.74 25.21 -24.35
C LEU D 540 -34.20 24.06 -25.24
N GLY D 541 -35.46 23.68 -25.12
CA GLY D 541 -36.04 22.64 -25.95
C GLY D 541 -35.88 22.86 -27.45
N PRO D 542 -36.47 23.96 -27.97
CA PRO D 542 -36.35 24.29 -29.40
C PRO D 542 -34.90 24.39 -29.88
N THR D 543 -34.03 25.00 -29.07
CA THR D 543 -32.62 25.13 -29.42
C THR D 543 -31.95 23.76 -29.52
N LEU D 544 -32.33 22.85 -28.62
CA LEU D 544 -31.79 21.50 -28.62
C LEU D 544 -32.26 20.70 -29.83
N ASP D 545 -33.46 21.01 -30.31
CA ASP D 545 -34.04 20.31 -31.46
C ASP D 545 -33.28 20.64 -32.74
N GLN D 546 -32.64 21.80 -32.76
CA GLN D 546 -31.88 22.23 -33.93
C GLN D 546 -30.42 21.83 -33.80
N PRO D 547 -29.93 21.01 -34.75
CA PRO D 547 -28.51 20.65 -34.79
C PRO D 547 -27.61 21.87 -34.96
N GLY D 548 -26.37 21.77 -34.49
CA GLY D 548 -25.42 22.85 -34.63
C GLY D 548 -24.04 22.33 -34.99
N ALA D 549 -23.01 22.97 -34.45
CA ALA D 549 -21.64 22.49 -34.63
C ALA D 549 -21.49 21.14 -33.93
N GLY D 550 -20.45 20.40 -34.31
CA GLY D 550 -20.21 19.08 -33.75
C GLY D 550 -20.16 19.09 -32.25
N MET D 551 -19.65 20.19 -31.70
CA MET D 551 -19.58 20.39 -30.26
C MET D 551 -20.07 21.79 -29.93
N ARG D 552 -21.06 21.89 -29.06
CA ARG D 552 -21.55 23.20 -28.64
C ARG D 552 -21.95 23.21 -27.17
N VAL D 553 -21.87 24.38 -26.55
CA VAL D 553 -22.23 24.55 -25.16
C VAL D 553 -23.43 25.47 -25.01
N LEU D 554 -24.51 24.95 -24.44
CA LEU D 554 -25.70 25.76 -24.17
C LEU D 554 -25.78 26.13 -22.69
N GLU D 555 -25.61 27.41 -22.39
CA GLU D 555 -25.63 27.88 -21.01
C GLU D 555 -26.99 28.45 -20.59
N VAL D 556 -27.51 27.96 -19.47
CA VAL D 556 -28.76 28.48 -18.93
C VAL D 556 -28.53 29.05 -17.54
N LYS D 557 -28.77 30.35 -17.38
CA LYS D 557 -28.62 30.99 -16.08
C LYS D 557 -29.64 30.45 -15.10
N ALA D 558 -29.22 30.22 -13.86
CA ALA D 558 -30.10 29.67 -12.85
C ALA D 558 -29.90 30.35 -11.49
N ASP D 559 -30.87 30.16 -10.61
CA ASP D 559 -30.79 30.72 -9.27
C ASP D 559 -30.76 29.60 -8.23
N ARG D 560 -30.00 29.80 -7.16
CA ARG D 560 -29.95 28.80 -6.09
C ARG D 560 -30.37 29.40 -4.75
N SER D 561 -30.70 30.69 -4.74
CA SER D 561 -31.15 31.34 -3.51
C SER D 561 -32.57 30.89 -3.16
N SER D 562 -33.30 30.40 -4.16
CA SER D 562 -34.67 29.96 -3.97
C SER D 562 -34.80 28.43 -3.97
N LEU D 563 -33.67 27.73 -4.01
CA LEU D 563 -33.67 26.28 -4.14
C LEU D 563 -34.28 25.58 -2.93
N ARG D 564 -33.84 25.94 -1.73
CA ARG D 564 -34.32 25.30 -0.51
C ARG D 564 -35.83 25.46 -0.35
N GLN D 565 -36.33 26.65 -0.65
CA GLN D 565 -37.76 26.92 -0.53
CA GLN D 565 -37.77 26.93 -0.54
C GLN D 565 -38.54 26.19 -1.61
N LEU D 566 -37.94 26.05 -2.79
CA LEU D 566 -38.58 25.33 -3.89
C LEU D 566 -38.79 23.85 -3.55
N HIS D 567 -37.75 23.23 -3.02
CA HIS D 567 -37.84 21.82 -2.62
C HIS D 567 -38.77 21.67 -1.42
N ALA D 568 -38.76 22.65 -0.52
CA ALA D 568 -39.65 22.63 0.64
C ALA D 568 -41.11 22.74 0.19
N ALA D 569 -41.36 23.59 -0.79
CA ALA D 569 -42.71 23.78 -1.31
C ALA D 569 -43.21 22.55 -2.05
N ILE D 570 -42.29 21.84 -2.70
CA ILE D 570 -42.64 20.61 -3.41
C ILE D 570 -43.07 19.53 -2.41
N LYS D 571 -42.32 19.42 -1.33
CA LYS D 571 -42.62 18.48 -0.25
C LYS D 571 -43.98 18.76 0.39
N ALA D 572 -44.28 20.04 0.56
CA ALA D 572 -45.52 20.44 1.22
C ALA D 572 -46.73 20.28 0.30
N ALA D 573 -46.47 19.97 -0.97
CA ALA D 573 -47.53 19.84 -1.96
C ALA D 573 -47.78 18.38 -2.30
N LEU D 574 -46.99 17.48 -1.72
CA LEU D 574 -47.14 16.06 -1.97
C LEU D 574 -48.45 15.53 -1.42
MG MG E . 5.24 28.41 -25.86
C FMT F . 5.28 26.81 -22.54
O1 FMT F . 5.33 27.09 -23.73
O2 FMT F . 4.28 26.94 -21.84
C FMT G . -6.86 -22.93 -11.11
O1 FMT G . -7.89 -23.55 -11.36
O2 FMT G . -6.56 -22.53 -9.97
O2P TOI H . 1.57 -4.64 31.20
C1P TOI H . 0.90 -5.07 30.22
O1P TOI H . -0.32 -4.83 30.10
C2P TOI H . 1.58 -5.88 29.17
C3P TOI H . 2.88 -6.14 29.27
O3P TOI H . 0.79 -6.36 28.04
C5I TOI H . 1.43 -7.30 27.16
C6I TOI H . 0.57 -7.41 25.90
O3I TOI H . 0.48 -6.13 25.28
C1I TOI H . 1.12 -8.41 24.90
CI TOI H . 0.00 -8.73 23.95
O2I TOI H . -0.78 -7.80 23.64
O1I TOI H . -0.14 -9.89 23.51
C4I TOI H . 1.44 -8.68 27.76
C3I TOI H . 1.81 -9.71 27.01
C2I TOI H . 1.74 -9.70 25.49
C21 TOI H . 3.15 -9.95 24.90
C3 TOI H . 4.22 -9.22 25.70
C41 TOI H . 5.35 -8.73 24.79
C51 TOI H . 6.25 -7.76 25.53
O3 TOI H . 7.30 -8.20 26.04
O4 TOI H . 5.93 -6.56 25.59
O5 TOI H . 3.16 -9.41 23.57
C2 TOI H . 3.48 -11.43 24.86
S1 TOI H . 4.23 -12.11 26.25
N3 TOI H . 2.94 -12.43 24.09
C35 TOI H . 2.22 -12.20 22.84
C5' TOI H . 3.01 -12.57 21.60
C4' TOI H . 4.33 -11.98 21.28
N4' TOI H . 4.92 -11.06 22.10
N3' TOI H . 4.96 -12.35 20.14
C2' TOI H . 4.39 -13.27 19.32
C2A TOI H . 5.10 -13.69 18.06
N1' TOI H . 3.18 -13.81 19.60
C6' TOI H . 2.49 -13.49 20.70
C4 TOI H . 3.11 -13.73 24.60
C4A TOI H . 2.61 -14.99 23.95
C5 TOI H . 3.81 -13.73 25.77
C5A TOI H . 4.15 -14.95 26.59
C5B TOI H . 5.65 -15.25 26.62
O5G TOI H . 5.87 -16.41 27.44
P1 TOI H . 7.34 -16.95 27.82
O13 TOI H . 7.21 -18.34 28.38
O12 TOI H . 8.23 -16.76 26.60
O11 TOI H . 7.86 -15.93 28.95
P2 TOI H . 7.23 -15.80 30.44
O23 TOI H . 6.29 -14.62 30.36
O21 TOI H . 6.55 -17.12 30.71
O22 TOI H . 8.44 -15.54 31.32
MG MG I . 7.22 -19.03 30.45
C1 BME J . 15.64 -15.39 2.36
C2 BME J . 15.93 -15.90 3.76
O1 BME J . 15.81 -16.47 1.47
S2 BME J . 17.60 -16.40 3.99
MG MG K . -24.07 25.04 -9.77
O2P TOI L . -27.80 13.85 0.63
C1P TOI L . -26.67 14.29 0.92
O1P TOI L . -26.27 14.37 2.09
C2P TOI L . -25.74 14.74 -0.17
C3P TOI L . -26.12 14.68 -1.43
O3P TOI L . -24.42 15.25 0.20
C5I TOI L . -23.51 15.41 -0.88
C6I TOI L . -22.13 15.06 -0.34
O3I TOI L . -22.08 13.65 -0.08
C1I TOI L . -20.96 15.44 -1.25
CI TOI L . -19.79 15.68 -0.33
O2I TOI L . -19.68 14.95 0.69
O1I TOI L . -18.97 16.59 -0.57
C4I TOI L . -23.46 16.85 -1.29
C3I TOI L . -22.54 17.26 -2.15
C2I TOI L . -21.16 16.64 -2.21
C21 TOI L . -20.83 16.24 -3.66
C3 TOI L . -22.05 15.59 -4.33
C41 TOI L . -21.64 14.49 -5.31
C51 TOI L . -22.81 13.59 -5.68
O3 TOI L . -23.31 13.67 -6.82
O4 TOI L . -23.22 12.77 -4.83
O5 TOI L . -19.80 15.26 -3.61
C2 TOI L . -20.38 17.44 -4.48
S1 TOI L . -21.58 18.37 -5.28
N3 TOI L . -19.25 18.22 -4.33
C35 TOI L . -18.02 17.74 -3.68
C5' TOI L . -16.91 17.42 -4.66
C4' TOI L . -17.03 16.34 -5.67
N4' TOI L . -18.15 15.58 -5.79
N3' TOI L . -15.99 16.11 -6.50
C2' TOI L . -14.86 16.85 -6.40
C2A TOI L . -13.72 16.56 -7.35
N1' TOI L . -14.74 17.82 -5.48
C6' TOI L . -15.72 18.12 -4.62
C4 TOI L . -19.34 19.54 -4.83
C4A TOI L . -18.24 20.57 -4.77
C5 TOI L . -20.55 19.76 -5.39
C5A TOI L . -20.98 21.08 -6.02
C5B TOI L . -21.35 20.92 -7.49
O5G TOI L . -21.77 22.19 -8.01
P1 TOI L . -22.36 22.34 -9.51
O13 TOI L . -22.49 23.81 -9.81
O12 TOI L . -21.49 21.50 -10.42
O11 TOI L . -23.82 21.66 -9.45
P2 TOI L . -25.11 22.27 -8.71
O23 TOI L . -25.26 21.46 -7.45
O21 TOI L . -24.83 23.73 -8.46
O22 TOI L . -26.21 22.01 -9.72
C1 BME M . -1.55 9.84 -19.27
C2 BME M . -1.16 10.58 -20.53
O1 BME M . -0.34 9.46 -18.66
S2 BME M . -2.54 11.03 -21.51
#